data_1XXZ
# 
_entry.id   1XXZ 
# 
_audit_conform.dict_name       mmcif_pdbx.dic 
_audit_conform.dict_version    5.355 
_audit_conform.dict_location   http://mmcif.pdb.org/dictionaries/ascii/mmcif_pdbx.dic 
# 
loop_
_database_2.database_id 
_database_2.database_code 
_database_2.pdbx_database_accession 
_database_2.pdbx_DOI 
PDB   1XXZ         pdb_00001xxz 10.2210/pdb1xxz/pdb 
RCSB  RCSB030896   ?            ?                   
WWPDB D_1000030896 ?            ?                   
# 
loop_
_pdbx_database_related.db_name 
_pdbx_database_related.db_id 
_pdbx_database_related.details 
_pdbx_database_related.content_type 
PDB 1XY4 . unspecified 
PDB 1XY5 . unspecified 
PDB 1XY6 . unspecified 
PDB 1XY8 . unspecified 
PDB 1XY9 . unspecified 
# 
_pdbx_database_status.entry_id                        1XXZ 
_pdbx_database_status.status_code                     REL 
_pdbx_database_status.recvd_initial_deposition_date   2004-11-09 
_pdbx_database_status.deposit_site                    RCSB 
_pdbx_database_status.process_site                    RCSB 
_pdbx_database_status.status_code_mr                  REL 
_pdbx_database_status.SG_entry                        N 
_pdbx_database_status.status_code_sf                  ? 
_pdbx_database_status.pdb_format_compatible           Y 
_pdbx_database_status.status_code_cs                  ? 
_pdbx_database_status.status_code_nmr_data            ? 
_pdbx_database_status.methods_development_category    ? 
# 
loop_
_audit_author.name 
_audit_author.pdbx_ordinal 
'Grace, C.R.R.' 1 
'Durrer, L.'    2 
'Koerber, S.C.' 3 
'Erchegyi, J.'  4 
'Reubi, J.C.'   5 
'Rivier, J.E.'  6 
'Riek, R.'      7 
# 
_citation.id                        primary 
_citation.title                     'Somatostatin receptor 1 selective analogues: 4. Three-dimensional consensus structure by NMR' 
_citation.journal_abbrev            J.Med.Chem. 
_citation.journal_volume            48 
_citation.page_first                523 
_citation.page_last                 533 
_citation.year                      2005 
_citation.journal_id_ASTM           JMCMAR 
_citation.country                   US 
_citation.journal_id_ISSN           0022-2623 
_citation.journal_id_CSD            0151 
_citation.book_publisher            ? 
_citation.pdbx_database_id_PubMed   15658866 
_citation.pdbx_database_id_DOI      10.1021/jm049518u 
# 
loop_
_citation_author.citation_id 
_citation_author.name 
_citation_author.ordinal 
_citation_author.identifier_ORCID 
primary 'Grace, C.R.R.' 1 ? 
primary 'Durrer, L.'    2 ? 
primary 'Koerber, S.C.' 3 ? 
primary 'Erchegyi, J.'  4 ? 
primary 'Reubi, J.C.'   5 ? 
primary 'Rivier, J.E.'  6 ? 
primary 'Riek, R.'      7 ? 
# 
_cell.entry_id           1XXZ 
_cell.length_a           1.000 
_cell.length_b           1.000 
_cell.length_c           1.000 
_cell.angle_alpha        90.00 
_cell.angle_beta         90.00 
_cell.angle_gamma        90.00 
_cell.Z_PDB              1 
_cell.pdbx_unique_axis   ? 
# 
_symmetry.entry_id                         1XXZ 
_symmetry.space_group_name_H-M             'P 1' 
_symmetry.pdbx_full_space_group_name_H-M   ? 
_symmetry.cell_setting                     ? 
_symmetry.Int_Tables_number                1 
# 
_entity.id                         1 
_entity.type                       polymer 
_entity.src_method                 syn 
_entity.pdbx_description           'SST1-selective somatosatin (analog 5)' 
_entity.formula_weight             1630.688 
_entity.pdbx_number_of_molecules   1 
_entity.pdbx_ec                    ? 
_entity.pdbx_mutation              ? 
_entity.pdbx_fragment              ? 
_entity.details                    ? 
# 
_entity_name_com.entity_id   1 
_entity_name_com.name        SRIF 
# 
_entity_poly.entity_id                      1 
_entity_poly.type                           'polypeptide(L)' 
_entity_poly.nstd_linkage                   no 
_entity_poly.nstd_monomer                   yes 
_entity_poly.pdbx_seq_one_letter_code       'CKFF(DTR)(IAM)T(IYR)TSC' 
_entity_poly.pdbx_seq_one_letter_code_can   CKFFWATYTSC 
_entity_poly.pdbx_strand_id                 A 
_entity_poly.pdbx_target_identifier         ? 
# 
loop_
_entity_poly_seq.entity_id 
_entity_poly_seq.num 
_entity_poly_seq.mon_id 
_entity_poly_seq.hetero 
1 1  CYS n 
1 2  LYS n 
1 3  PHE n 
1 4  PHE n 
1 5  DTR n 
1 6  IAM n 
1 7  THR n 
1 8  IYR n 
1 9  THR n 
1 10 SER n 
1 11 CYS n 
# 
_pdbx_entity_src_syn.entity_id              1 
_pdbx_entity_src_syn.pdbx_src_id            1 
_pdbx_entity_src_syn.pdbx_alt_source_flag   sample 
_pdbx_entity_src_syn.pdbx_beg_seq_num       ? 
_pdbx_entity_src_syn.pdbx_end_seq_num       ? 
_pdbx_entity_src_syn.organism_scientific    ? 
_pdbx_entity_src_syn.organism_common_name   ? 
_pdbx_entity_src_syn.ncbi_taxonomy_id       ? 
_pdbx_entity_src_syn.details                
'Peptide synthesised using solid phase approach either manually or on a CS-Biopeptide synthesizer Model CS536' 
# 
_struct_ref.id                         1 
_struct_ref.entity_id                  1 
_struct_ref.db_name                    PDB 
_struct_ref.db_code                    1XXZ 
_struct_ref.pdbx_db_accession          1XXZ 
_struct_ref.pdbx_db_isoform            ? 
_struct_ref.pdbx_seq_one_letter_code   ? 
_struct_ref.pdbx_align_begin           ? 
# 
_struct_ref_seq.align_id                      1 
_struct_ref_seq.ref_id                        1 
_struct_ref_seq.pdbx_PDB_id_code              1XXZ 
_struct_ref_seq.pdbx_strand_id                A 
_struct_ref_seq.seq_align_beg                 1 
_struct_ref_seq.pdbx_seq_align_beg_ins_code   ? 
_struct_ref_seq.seq_align_end                 11 
_struct_ref_seq.pdbx_seq_align_end_ins_code   ? 
_struct_ref_seq.pdbx_db_accession             1XXZ 
_struct_ref_seq.db_align_beg                  1 
_struct_ref_seq.pdbx_db_align_beg_ins_code    ? 
_struct_ref_seq.db_align_end                  11 
_struct_ref_seq.pdbx_db_align_end_ins_code    ? 
_struct_ref_seq.pdbx_auth_seq_align_beg       1 
_struct_ref_seq.pdbx_auth_seq_align_end       11 
# 
loop_
_chem_comp.id 
_chem_comp.type 
_chem_comp.mon_nstd_flag 
_chem_comp.name 
_chem_comp.pdbx_synonyms 
_chem_comp.formula 
_chem_comp.formula_weight 
CYS 'L-peptide linking' y CYSTEINE                                  ? 'C3 H7 N O2 S'   121.158 
DTR 'D-peptide linking' . D-TRYPTOPHAN                              ? 'C11 H12 N2 O2'  204.225 
IAM 'L-peptide linking' n '4-[(ISOPROPYLAMINO)METHYL]PHENYLALANINE' ? 'C13 H20 N2 O2'  236.310 
IYR 'L-peptide linking' n 3-IODO-TYROSINE                           ? 'C9 H10 I N O3'  307.085 
LYS 'L-peptide linking' y LYSINE                                    ? 'C6 H15 N2 O2 1' 147.195 
PHE 'L-peptide linking' y PHENYLALANINE                             ? 'C9 H11 N O2'    165.189 
SER 'L-peptide linking' y SERINE                                    ? 'C3 H7 N O3'     105.093 
THR 'L-peptide linking' y THREONINE                                 ? 'C4 H9 N O3'     119.119 
# 
loop_
_pdbx_nmr_exptl.experiment_id 
_pdbx_nmr_exptl.solution_id 
_pdbx_nmr_exptl.conditions_id 
_pdbx_nmr_exptl.type 
1 1 1 DQF-COSY   
2 1 1 '2D NOESY' 
# 
_pdbx_nmr_exptl_sample_conditions.conditions_id       1 
_pdbx_nmr_exptl_sample_conditions.temperature         298 
_pdbx_nmr_exptl_sample_conditions.pressure            Ambient 
_pdbx_nmr_exptl_sample_conditions.pH                  7.0 
_pdbx_nmr_exptl_sample_conditions.ionic_strength      ? 
_pdbx_nmr_exptl_sample_conditions.pressure_units      ? 
_pdbx_nmr_exptl_sample_conditions.temperature_units   K 
# 
_pdbx_nmr_sample_details.solution_id      1 
_pdbx_nmr_sample_details.contents         '2.5 mM of the peptide' 
_pdbx_nmr_sample_details.solvent_system   DMSO-d6 
# 
_pdbx_nmr_spectrometer.spectrometer_id   1 
_pdbx_nmr_spectrometer.type              ? 
_pdbx_nmr_spectrometer.manufacturer      Bruker 
_pdbx_nmr_spectrometer.model             AVANCE 
_pdbx_nmr_spectrometer.field_strength    750 
# 
_pdbx_nmr_refine.entry_id           1XXZ 
_pdbx_nmr_refine.method             'torsion angle dynamics' 
_pdbx_nmr_refine.details            'The structures are based on 151 distance restraints, 36 angle restraints' 
_pdbx_nmr_refine.software_ordinal   1 
# 
_pdbx_nmr_details.entry_id   1XXZ 
_pdbx_nmr_details.text       'The structure was determined using standard 2D homonuclear techniques' 
# 
_pdbx_nmr_ensemble.entry_id                                      1XXZ 
_pdbx_nmr_ensemble.conformers_calculated_total_number            20 
_pdbx_nmr_ensemble.conformers_submitted_total_number             10 
_pdbx_nmr_ensemble.conformer_selection_criteria                  'target function' 
_pdbx_nmr_ensemble.average_constraints_per_residue               ? 
_pdbx_nmr_ensemble.average_constraint_violations_per_residue     ? 
_pdbx_nmr_ensemble.maximum_distance_constraint_violation         ? 
_pdbx_nmr_ensemble.average_distance_constraint_violation         ? 
_pdbx_nmr_ensemble.maximum_upper_distance_constraint_violation   ? 
_pdbx_nmr_ensemble.maximum_lower_distance_constraint_violation   ? 
_pdbx_nmr_ensemble.distance_constraint_violation_method          ? 
_pdbx_nmr_ensemble.maximum_torsion_angle_constraint_violation    ? 
_pdbx_nmr_ensemble.average_torsion_angle_constraint_violation    ? 
_pdbx_nmr_ensemble.torsion_angle_constraint_violation_method     ? 
# 
_pdbx_nmr_representative.entry_id             1XXZ 
_pdbx_nmr_representative.conformer_id         1 
_pdbx_nmr_representative.selection_criteria   'lowest energy' 
# 
loop_
_pdbx_nmr_software.name 
_pdbx_nmr_software.version 
_pdbx_nmr_software.classification 
_pdbx_nmr_software.authors 
_pdbx_nmr_software.ordinal 
DYANA 1.0.6 'structure solution' 'Peter Guntert' 1 
DYANA 1.0.6 refinement           'Peter Guntert' 2 
# 
_exptl.entry_id          1XXZ 
_exptl.method            'SOLUTION NMR' 
_exptl.crystals_number   ? 
# 
_struct.entry_id                  1XXZ 
_struct.title                     'Solution structure of sst1-selective somatostatin (SRIF) analog' 
_struct.pdbx_model_details        ? 
_struct.pdbx_CASP_flag            ? 
_struct.pdbx_model_type_details   ? 
# 
_struct_keywords.entry_id        1XXZ 
_struct_keywords.pdbx_keywords   'HORMONE/GROWTH FACTOR' 
_struct_keywords.text            'Gamma turn, HORMONE-GROWTH FACTOR COMPLEX' 
# 
_struct_asym.id                            A 
_struct_asym.pdbx_blank_PDB_chainid_flag   N 
_struct_asym.pdbx_modified                 N 
_struct_asym.entity_id                     1 
_struct_asym.details                       ? 
# 
_struct_biol.id   1 
# 
loop_
_struct_conn.id 
_struct_conn.conn_type_id 
_struct_conn.pdbx_leaving_atom_flag 
_struct_conn.pdbx_PDB_id 
_struct_conn.ptnr1_label_asym_id 
_struct_conn.ptnr1_label_comp_id 
_struct_conn.ptnr1_label_seq_id 
_struct_conn.ptnr1_label_atom_id 
_struct_conn.pdbx_ptnr1_label_alt_id 
_struct_conn.pdbx_ptnr1_PDB_ins_code 
_struct_conn.pdbx_ptnr1_standard_comp_id 
_struct_conn.ptnr1_symmetry 
_struct_conn.ptnr2_label_asym_id 
_struct_conn.ptnr2_label_comp_id 
_struct_conn.ptnr2_label_seq_id 
_struct_conn.ptnr2_label_atom_id 
_struct_conn.pdbx_ptnr2_label_alt_id 
_struct_conn.pdbx_ptnr2_PDB_ins_code 
_struct_conn.ptnr1_auth_asym_id 
_struct_conn.ptnr1_auth_comp_id 
_struct_conn.ptnr1_auth_seq_id 
_struct_conn.ptnr2_auth_asym_id 
_struct_conn.ptnr2_auth_comp_id 
_struct_conn.ptnr2_auth_seq_id 
_struct_conn.ptnr2_symmetry 
_struct_conn.pdbx_ptnr3_label_atom_id 
_struct_conn.pdbx_ptnr3_label_seq_id 
_struct_conn.pdbx_ptnr3_label_comp_id 
_struct_conn.pdbx_ptnr3_label_asym_id 
_struct_conn.pdbx_ptnr3_label_alt_id 
_struct_conn.pdbx_ptnr3_PDB_ins_code 
_struct_conn.details 
_struct_conn.pdbx_dist_value 
_struct_conn.pdbx_value_order 
_struct_conn.pdbx_role 
disulf1 disulf ?    ? A CYS 1 SG ? ? ? 1_555 A CYS 11 SG ? ? A CYS 1 A CYS 11 1_555 ? ? ? ? ? ? ? 1.990 ? ? 
covale1 covale both ? A PHE 4 C  ? ? ? 1_555 A DTR 5  N  ? ? A PHE 4 A DTR 5  1_555 ? ? ? ? ? ? ? 1.325 ? ? 
covale2 covale one  ? A DTR 5 C  ? ? ? 1_555 A IAM 6  N  ? ? A DTR 5 A IAM 6  1_555 ? ? ? ? ? ? ? 1.325 ? ? 
covale3 covale both ? A IAM 6 C  ? ? ? 1_555 A THR 7  N  ? ? A IAM 6 A THR 7  1_555 ? ? ? ? ? ? ? 1.325 ? ? 
covale4 covale both ? A THR 7 C  ? ? ? 1_555 A IYR 8  N  ? ? A THR 7 A IYR 8  1_555 ? ? ? ? ? ? ? 1.325 ? ? 
covale5 covale both ? A IYR 8 C  ? ? ? 1_555 A THR 9  N  ? ? A IYR 8 A THR 9  1_555 ? ? ? ? ? ? ? 1.325 ? ? 
# 
loop_
_struct_conn_type.id 
_struct_conn_type.criteria 
_struct_conn_type.reference 
disulf ? ? 
covale ? ? 
# 
_atom_sites.entry_id                    1XXZ 
_atom_sites.fract_transf_matrix[1][1]   1.000000 
_atom_sites.fract_transf_matrix[1][2]   0.000000 
_atom_sites.fract_transf_matrix[1][3]   0.000000 
_atom_sites.fract_transf_matrix[2][1]   0.000000 
_atom_sites.fract_transf_matrix[2][2]   1.000000 
_atom_sites.fract_transf_matrix[2][3]   0.000000 
_atom_sites.fract_transf_matrix[3][1]   0.000000 
_atom_sites.fract_transf_matrix[3][2]   0.000000 
_atom_sites.fract_transf_matrix[3][3]   1.000000 
_atom_sites.fract_transf_vector[1]      0.00000 
_atom_sites.fract_transf_vector[2]      0.00000 
_atom_sites.fract_transf_vector[3]      0.00000 
# 
loop_
_atom_type.symbol 
C 
H 
I 
N 
O 
S 
# 
loop_
_atom_site.group_PDB 
_atom_site.id 
_atom_site.type_symbol 
_atom_site.label_atom_id 
_atom_site.label_alt_id 
_atom_site.label_comp_id 
_atom_site.label_asym_id 
_atom_site.label_entity_id 
_atom_site.label_seq_id 
_atom_site.pdbx_PDB_ins_code 
_atom_site.Cartn_x 
_atom_site.Cartn_y 
_atom_site.Cartn_z 
_atom_site.occupancy 
_atom_site.B_iso_or_equiv 
_atom_site.pdbx_formal_charge 
_atom_site.auth_seq_id 
_atom_site.auth_comp_id 
_atom_site.auth_asym_id 
_atom_site.auth_atom_id 
_atom_site.pdbx_PDB_model_num 
ATOM   1    N N    . CYS A 1 1  ? -7.047 0.550   4.941   1.00 0.00 ? 1  CYS A N    1  
ATOM   2    C CA   . CYS A 1 1  ? -5.732 1.137   4.751   1.00 0.00 ? 1  CYS A CA   1  
ATOM   3    C C    . CYS A 1 1  ? -5.176 0.650   3.412   1.00 0.00 ? 1  CYS A C    1  
ATOM   4    O O    . CYS A 1 1  ? -5.934 0.242   2.533   1.00 0.00 ? 1  CYS A O    1  
ATOM   5    C CB   . CYS A 1 1  ? -4.792 0.807   5.914   1.00 0.00 ? 1  CYS A CB   1  
ATOM   6    S SG   . CYS A 1 1  ? -3.995 2.260   6.692   1.00 0.00 ? 1  CYS A SG   1  
ATOM   7    H H1   . CYS A 1 1  ? -6.947 -0.444  5.194   1.00 0.00 ? 1  CYS A H1   1  
ATOM   8    H H2   . CYS A 1 1  ? -7.542 1.048   5.696   1.00 0.00 ? 1  CYS A H2   1  
ATOM   9    H HA   . CYS A 1 1  ? -5.871 2.218   4.743   1.00 0.00 ? 1  CYS A HA   1  
ATOM   10   H HB2  . CYS A 1 1  ? -5.356 0.267   6.675   1.00 0.00 ? 1  CYS A HB2  1  
ATOM   11   H HB3  . CYS A 1 1  ? -4.016 0.134   5.554   1.00 0.00 ? 1  CYS A HB3  1  
ATOM   12   N N    . LYS A 1 2  ? -3.858 0.709   3.298   1.00 0.00 ? 2  LYS A N    1  
ATOM   13   C CA   . LYS A 1 2  ? -3.192 0.279   2.082   1.00 0.00 ? 2  LYS A CA   1  
ATOM   14   C C    . LYS A 1 2  ? -1.921 -0.491  2.446   1.00 0.00 ? 2  LYS A C    1  
ATOM   15   O O    . LYS A 1 2  ? -0.812 -0.006  2.227   1.00 0.00 ? 2  LYS A O    1  
ATOM   16   C CB   . LYS A 1 2  ? -2.944 1.471   1.156   1.00 0.00 ? 2  LYS A CB   1  
ATOM   17   C CG   . LYS A 1 2  ? -4.210 1.834   0.378   1.00 0.00 ? 2  LYS A CG   1  
ATOM   18   C CD   . LYS A 1 2  ? -4.344 0.980   -0.884  1.00 0.00 ? 2  LYS A CD   1  
ATOM   19   C CE   . LYS A 1 2  ? -5.000 1.774   -2.016  1.00 0.00 ? 2  LYS A CE   1  
ATOM   20   N NZ   . LYS A 1 2  ? -6.219 1.081   -2.492  1.00 0.00 ? 2  LYS A NZ   1  
ATOM   21   H H    . LYS A 1 2  ? -3.249 1.042   4.019   1.00 0.00 ? 2  LYS A H    1  
ATOM   22   H HA   . LYS A 1 2  ? -3.869 -0.397  1.561   1.00 0.00 ? 2  LYS A HA   1  
ATOM   23   H HB2  . LYS A 1 2  ? -2.614 2.329   1.742   1.00 0.00 ? 2  LYS A HB2  1  
ATOM   24   H HB3  . LYS A 1 2  ? -2.141 1.235   0.458   1.00 0.00 ? 2  LYS A HB3  1  
ATOM   25   H HG2  . LYS A 1 2  ? -5.084 1.694   1.012   1.00 0.00 ? 2  LYS A HG2  1  
ATOM   26   H HG3  . LYS A 1 2  ? -4.182 2.890   0.105   1.00 0.00 ? 2  LYS A HG3  1  
ATOM   27   H HD2  . LYS A 1 2  ? -3.359 0.636   -1.200  1.00 0.00 ? 2  LYS A HD2  1  
ATOM   28   H HD3  . LYS A 1 2  ? -4.937 0.093   -0.665  1.00 0.00 ? 2  LYS A HD3  1  
ATOM   29   H HE2  . LYS A 1 2  ? -5.256 2.774   -1.666  1.00 0.00 ? 2  LYS A HE2  1  
ATOM   30   H HE3  . LYS A 1 2  ? -4.297 1.893   -2.840  1.00 0.00 ? 2  LYS A HE3  1  
ATOM   31   H HZ1  . LYS A 1 2  ? -6.469 1.360   -3.435  1.00 0.00 ? 2  LYS A HZ1  1  
ATOM   32   H HZ2  . LYS A 1 2  ? -6.104 0.074   -2.505  1.00 0.00 ? 2  LYS A HZ2  1  
ATOM   33   N N    . PHE A 1 3  ? -2.125 -1.681  2.994   1.00 0.00 ? 3  PHE A N    1  
ATOM   34   C CA   . PHE A 1 3  ? -1.008 -2.522  3.391   1.00 0.00 ? 3  PHE A CA   1  
ATOM   35   C C    . PHE A 1 3  ? 0.072  -2.546  2.310   1.00 0.00 ? 3  PHE A C    1  
ATOM   36   O O    . PHE A 1 3  ? 1.255  -2.387  2.605   1.00 0.00 ? 3  PHE A O    1  
ATOM   37   C CB   . PHE A 1 3  ? -1.560 -3.938  3.575   1.00 0.00 ? 3  PHE A CB   1  
ATOM   38   C CG   . PHE A 1 3  ? -1.975 -4.619  2.269   1.00 0.00 ? 3  PHE A CG   1  
ATOM   39   C CD1  . PHE A 1 3  ? -1.069 -5.350  1.568   1.00 0.00 ? 3  PHE A CD1  1  
ATOM   40   C CD2  . PHE A 1 3  ? -3.250 -4.491  1.810   1.00 0.00 ? 3  PHE A CD2  1  
ATOM   41   C CE1  . PHE A 1 3  ? -1.454 -5.984  0.355   1.00 0.00 ? 3  PHE A CE1  1  
ATOM   42   C CE2  . PHE A 1 3  ? -3.634 -5.124  0.600   1.00 0.00 ? 3  PHE A CE2  1  
ATOM   43   C CZ   . PHE A 1 3  ? -2.728 -5.857  -0.103  1.00 0.00 ? 3  PHE A CZ   1  
ATOM   44   H H    . PHE A 1 3  ? -3.030 -2.067  3.170   1.00 0.00 ? 3  PHE A H    1  
ATOM   45   H HA   . PHE A 1 3  ? -0.593 -2.100  4.307   1.00 0.00 ? 3  PHE A HA   1  
ATOM   46   H HB2  . PHE A 1 3  ? -0.805 -4.550  4.069   1.00 0.00 ? 3  PHE A HB2  1  
ATOM   47   H HB3  . PHE A 1 3  ? -2.423 -3.897  4.241   1.00 0.00 ? 3  PHE A HB3  1  
ATOM   48   H HD1  . PHE A 1 3  ? -0.048 -5.452  1.935   1.00 0.00 ? 3  PHE A HD1  1  
ATOM   49   H HD2  . PHE A 1 3  ? -3.974 -3.903  2.373   1.00 0.00 ? 3  PHE A HD2  1  
ATOM   50   H HE1  . PHE A 1 3  ? -0.728 -6.570  -0.207  1.00 0.00 ? 3  PHE A HE1  1  
ATOM   51   H HE2  . PHE A 1 3  ? -4.656 -5.023  0.232   1.00 0.00 ? 3  PHE A HE2  1  
ATOM   52   H HZ   . PHE A 1 3  ? -3.023 -6.342  -1.034  1.00 0.00 ? 3  PHE A HZ   1  
ATOM   53   N N    . PHE A 1 4  ? -0.373 -2.745  1.077   1.00 0.00 ? 4  PHE A N    1  
ATOM   54   C CA   . PHE A 1 4  ? 0.544  -2.790  -0.051  1.00 0.00 ? 4  PHE A CA   1  
ATOM   55   C C    . PHE A 1 4  ? -0.175 -3.250  -1.321  1.00 0.00 ? 4  PHE A C    1  
ATOM   56   O O    . PHE A 1 4  ? -1.402 -3.195  -1.399  1.00 0.00 ? 4  PHE A O    1  
ATOM   57   C CB   . PHE A 1 4  ? 1.635  -3.803  0.300   1.00 0.00 ? 4  PHE A CB   1  
ATOM   58   C CG   . PHE A 1 4  ? 3.045  -3.211  0.339   1.00 0.00 ? 4  PHE A CG   1  
ATOM   59   C CD1  . PHE A 1 4  ? 3.479  -2.423  -0.681  1.00 0.00 ? 4  PHE A CD1  1  
ATOM   60   C CD2  . PHE A 1 4  ? 3.864  -3.473  1.393   1.00 0.00 ? 4  PHE A CD2  1  
ATOM   61   C CE1  . PHE A 1 4  ? 4.788  -1.873  -0.646  1.00 0.00 ? 4  PHE A CE1  1  
ATOM   62   C CE2  . PHE A 1 4  ? 5.172  -2.923  1.429   1.00 0.00 ? 4  PHE A CE2  1  
ATOM   63   C CZ   . PHE A 1 4  ? 5.607  -2.135  0.408   1.00 0.00 ? 4  PHE A CZ   1  
ATOM   64   H H    . PHE A 1 4  ? -1.336 -2.872  0.845   1.00 0.00 ? 4  PHE A H    1  
ATOM   65   H HA   . PHE A 1 4  ? 0.927  -1.780  -0.198  1.00 0.00 ? 4  PHE A HA   1  
ATOM   66   H HB2  . PHE A 1 4  ? 1.409  -4.242  1.272   1.00 0.00 ? 4  PHE A HB2  1  
ATOM   67   H HB3  . PHE A 1 4  ? 1.611  -4.614  -0.429  1.00 0.00 ? 4  PHE A HB3  1  
ATOM   68   H HD1  . PHE A 1 4  ? 2.822  -2.213  -1.526  1.00 0.00 ? 4  PHE A HD1  1  
ATOM   69   H HD2  . PHE A 1 4  ? 3.516  -4.105  2.210   1.00 0.00 ? 4  PHE A HD2  1  
ATOM   70   H HE1  . PHE A 1 4  ? 5.137  -1.242  -1.462  1.00 0.00 ? 4  PHE A HE1  1  
ATOM   71   H HE2  . PHE A 1 4  ? 5.829  -3.133  2.274   1.00 0.00 ? 4  PHE A HE2  1  
ATOM   72   H HZ   . PHE A 1 4  ? 6.612  -1.713  0.435   1.00 0.00 ? 4  PHE A HZ   1  
HETATM 73   N N    . DTR A 1 5  ? 0.620  -3.693  -2.285  1.00 0.00 ? 5  DTR A N    1  
HETATM 74   C CA   . DTR A 1 5  ? 0.076  -4.162  -3.547  1.00 0.00 ? 5  DTR A CA   1  
HETATM 75   C CB   . DTR A 1 5  ? 1.079  -5.177  -4.099  1.00 0.00 ? 5  DTR A CB   1  
HETATM 76   C CG   . DTR A 1 5  ? 1.020  -6.545  -3.417  1.00 0.00 ? 5  DTR A CG   1  
HETATM 77   C CD1  . DTR A 1 5  ? 1.421  -6.869  -2.180  1.00 0.00 ? 5  DTR A CD1  1  
HETATM 78   N NE1  . DTR A 1 5  ? 1.211  -8.206  -1.913  1.00 0.00 ? 5  DTR A NE1  1  
HETATM 79   C CE2  . DTR A 1 5  ? 0.640  -8.771  -3.050  1.00 0.00 ? 5  DTR A CE2  1  
HETATM 80   C CZ2  . DTR A 1 5  ? 0.240  -10.094 -3.280  1.00 0.00 ? 5  DTR A CZ2  1  
HETATM 81   C CH2  . DTR A 1 5  ? -0.310 -10.369 -4.535  1.00 0.00 ? 5  DTR A CH2  1  
HETATM 82   C CZ3  . DTR A 1 5  ? -0.431 -9.348  -5.472  1.00 0.00 ? 5  DTR A CZ3  1  
HETATM 83   C CE3  . DTR A 1 5  ? -0.038 -8.021  -5.260  1.00 0.00 ? 5  DTR A CE3  1  
HETATM 84   C CD2  . DTR A 1 5  ? 0.512  -7.769  -3.989  1.00 0.00 ? 5  DTR A CD2  1  
HETATM 85   C C    . DTR A 1 5  ? -0.114 -2.949  -4.460  1.00 0.00 ? 5  DTR A C    1  
HETATM 86   O O    . DTR A 1 5  ? 0.134  -1.816  -4.052  1.00 0.00 ? 5  DTR A O    1  
HETATM 87   H H    . DTR A 1 5  ? 1.617  -3.734  -2.213  1.00 0.00 ? 5  DTR A H    1  
HETATM 88   H HA   . DTR A 1 5  ? -0.888 -4.615  -3.317  1.00 0.00 ? 5  DTR A HA   1  
HETATM 89   H HB2  . DTR A 1 5  ? 0.900  -5.306  -5.167  1.00 0.00 ? 5  DTR A HB2  1  
HETATM 90   H HB3  . DTR A 1 5  ? 2.086  -4.772  -3.992  1.00 0.00 ? 5  DTR A HB3  1  
HETATM 91   H HD1  . DTR A 1 5  ? 1.860  -6.165  -1.474  1.00 0.00 ? 5  DTR A HD1  1  
HETATM 92   H HE1  . DTR A 1 5  ? 1.448  -8.724  -0.986  1.00 0.00 ? 5  DTR A HE1  1  
HETATM 93   H HZ2  . DTR A 1 5  ? 0.353  -10.867 -2.519  1.00 0.00 ? 5  DTR A HZ2  1  
HETATM 94   H HH2  . DTR A 1 5  ? -0.641 -11.378 -4.780  1.00 0.00 ? 5  DTR A HH2  1  
HETATM 95   H HZ3  . DTR A 1 5  ? -0.864 -9.598  -6.441  1.00 0.00 ? 5  DTR A HZ3  1  
HETATM 96   H HE3  . DTR A 1 5  ? -0.149 -7.244  -6.016  1.00 0.00 ? 5  DTR A HE3  1  
HETATM 97   N N    . IAM A 1 6  ? -0.552 -3.229  -5.679  1.00 0.00 ? 6  IAM A N    1  
HETATM 98   C CA   . IAM A 1 6  ? -0.778 -2.174  -6.653  1.00 0.00 ? 6  IAM A CA   1  
HETATM 99   C CB   . IAM A 1 6  ? -1.842 -1.245  -6.067  1.00 0.00 ? 6  IAM A CB   1  
HETATM 100  C CG   . IAM A 1 6  ? -1.919 0.122   -6.751  1.00 0.00 ? 6  IAM A CG   1  
HETATM 101  C CD1  . IAM A 1 6  ? -1.466 0.271   -8.025  1.00 0.00 ? 6  IAM A CD1  1  
HETATM 102  C CE1  . IAM A 1 6  ? -1.539 1.539   -8.661  1.00 0.00 ? 6  IAM A CE1  1  
HETATM 103  C CZ   . IAM A 1 6  ? -2.060 2.604   -7.996  1.00 0.00 ? 6  IAM A CZ   1  
HETATM 104  C CE2  . IAM A 1 6  ? -2.514 2.456   -6.722  1.00 0.00 ? 6  IAM A CE2  1  
HETATM 105  C CD2  . IAM A 1 6  ? -2.441 1.186   -6.087  1.00 0.00 ? 6  IAM A CD2  1  
HETATM 106  C CT   . IAM A 1 6  ? -2.140 3.977   -8.686  1.00 0.00 ? 6  IAM A CT   1  
HETATM 107  N NH   . IAM A 1 6  ? -3.380 4.052   -9.489  1.00 0.00 ? 6  IAM A NH   1  
HETATM 108  C CI   . IAM A 1 6  ? -4.686 4.231   -8.819  1.00 0.00 ? 6  IAM A CI   1  
HETATM 109  C CK1  . IAM A 1 6  ? -5.765 3.431   -9.572  1.00 0.00 ? 6  IAM A CK1  1  
HETATM 110  C CK2  . IAM A 1 6  ? -5.060 5.723   -8.815  1.00 0.00 ? 6  IAM A CK2  1  
HETATM 111  C C    . IAM A 1 6  ? 0.501  -1.372  -6.900  1.00 0.00 ? 6  IAM A C    1  
HETATM 112  O O    . IAM A 1 6  ? 1.205  -1.608  -7.881  1.00 0.00 ? 6  IAM A O    1  
HETATM 113  H H    . IAM A 1 6  ? -0.753 -4.153  -6.004  1.00 0.00 ? 6  IAM A H    1  
HETATM 114  H HA   . IAM A 1 6  ? -1.089 -2.653  -7.580  1.00 0.00 ? 6  IAM A HA   1  
HETATM 115  H HB   . IAM A 1 6  ? -1.639 -1.096  -5.007  1.00 0.00 ? 6  IAM A HB   1  
HETATM 116  H HB1  . IAM A 1 6  ? -2.814 -1.730  -6.139  1.00 0.00 ? 6  IAM A HB1  1  
HETATM 117  H HD1  . IAM A 1 6  ? -1.047 -0.582  -8.557  1.00 0.00 ? 6  IAM A HD1  1  
HETATM 118  H HE1  . IAM A 1 6  ? -1.176 1.658   -9.683  1.00 0.00 ? 6  IAM A HE1  1  
HETATM 119  H HE2  . IAM A 1 6  ? -2.934 3.309   -6.190  1.00 0.00 ? 6  IAM A HE2  1  
HETATM 120  H HD2  . IAM A 1 6  ? -2.805 1.067   -5.066  1.00 0.00 ? 6  IAM A HD2  1  
HETATM 121  H HT1  . IAM A 1 6  ? -1.291 4.105   -9.324  1.00 0.00 ? 6  IAM A HT1  1  
HETATM 122  H HT2  . IAM A 1 6  ? -2.150 4.751   -7.944  1.00 0.00 ? 6  IAM A HT2  1  
HETATM 123  H HH   . IAM A 1 6  ? -3.333 3.979   -10.515 1.00 0.00 ? 6  IAM A HH   1  
HETATM 124  H HI   . IAM A 1 6  ? -4.620 3.877   -7.811  1.00 0.00 ? 6  IAM A HI   1  
HETATM 125  H HK11 . IAM A 1 6  ? -5.831 3.786   -10.581 1.00 0.00 ? 6  IAM A HK11 1  
HETATM 126  H HK12 . IAM A 1 6  ? -5.504 2.394   -9.576  1.00 0.00 ? 6  IAM A HK12 1  
HETATM 127  H HK13 . IAM A 1 6  ? -6.710 3.561   -9.088  1.00 0.00 ? 6  IAM A HK13 1  
HETATM 128  H HK21 . IAM A 1 6  ? -4.310 6.278   -8.291  1.00 0.00 ? 6  IAM A HK21 1  
HETATM 129  H HK22 . IAM A 1 6  ? -5.125 6.079   -9.823  1.00 0.00 ? 6  IAM A HK22 1  
HETATM 130  H HK23 . IAM A 1 6  ? -6.005 5.855   -8.330  1.00 0.00 ? 6  IAM A HK23 1  
ATOM   131  N N    . THR A 1 7  ? 0.764  -0.443  -5.993  1.00 0.00 ? 7  THR A N    1  
ATOM   132  C CA   . THR A 1 7  ? 1.947  0.394   -6.100  1.00 0.00 ? 7  THR A CA   1  
ATOM   133  C C    . THR A 1 7  ? 2.379  0.886   -4.717  1.00 0.00 ? 7  THR A C    1  
ATOM   134  O O    . THR A 1 7  ? 2.146  0.214   -3.714  1.00 0.00 ? 7  THR A O    1  
ATOM   135  C CB   . THR A 1 7  ? 1.637  1.528   -7.079  1.00 0.00 ? 7  THR A CB   1  
ATOM   136  O OG1  . THR A 1 7  ? 2.863  2.244   -7.182  1.00 0.00 ? 7  THR A OG1  1  
ATOM   137  C CG2  . THR A 1 7  ? 0.657  2.550   -6.497  1.00 0.00 ? 7  THR A CG2  1  
ATOM   138  H H    . THR A 1 7  ? 0.188  -0.259  -5.197  1.00 0.00 ? 7  THR A H    1  
ATOM   139  H HA   . THR A 1 7  ? 2.764  -0.212  -6.493  1.00 0.00 ? 7  THR A HA   1  
ATOM   140  H HB   . THR A 1 7  ? 1.271  1.135   -8.027  1.00 0.00 ? 7  THR A HB   1  
ATOM   141  H HG1  . THR A 1 7  ? 3.167  2.536   -6.276  1.00 0.00 ? 7  THR A HG1  1  
ATOM   142  H HG21 . THR A 1 7  ? 0.845  3.527   -6.945  1.00 0.00 ? 7  THR A HG21 1  
ATOM   143  H HG22 . THR A 1 7  ? -0.364 2.241   -6.718  1.00 0.00 ? 7  THR A HG22 1  
ATOM   144  H HG23 . THR A 1 7  ? 0.795  2.613   -5.418  1.00 0.00 ? 7  THR A HG23 1  
HETATM 145  N N    . IYR A 1 8  ? 3.001  2.055   -4.708  1.00 0.00 ? 8  IYR A N    1  
HETATM 146  C CA   . IYR A 1 8  ? 3.469  2.645   -3.465  1.00 0.00 ? 8  IYR A CA   1  
HETATM 147  C CB   . IYR A 1 8  ? 3.755  4.145   -3.767  1.00 0.00 ? 8  IYR A CB   1  
HETATM 148  C CC   . IYR A 1 8  ? 5.211  4.523   -4.061  1.00 0.00 ? 8  IYR A CC   1  
HETATM 149  C CD   . IYR A 1 8  ? 5.576  4.935   -5.346  1.00 0.00 ? 8  IYR A CD   1  
HETATM 150  C CE   . IYR A 1 8  ? 6.895  5.281   -5.623  1.00 0.00 ? 8  IYR A CE   1  
HETATM 151  I IE   . IYR A 1 8  ? 7.427  5.893   -7.593  1.00 0.00 ? 8  IYR A IE   1  
HETATM 152  C CF   . IYR A 1 8  ? 7.856  5.219   -4.617  1.00 0.00 ? 8  IYR A CF   1  
HETATM 153  O OF   . IYR A 1 8  ? 9.152  5.556   -4.888  1.00 0.00 ? 8  IYR A OF   1  
HETATM 154  C CG   . IYR A 1 8  ? 7.499  4.813   -3.335  1.00 0.00 ? 8  IYR A CG   1  
HETATM 155  C CH   . IYR A 1 8  ? 6.180  4.466   -3.055  1.00 0.00 ? 8  IYR A CH   1  
HETATM 156  C C    . IYR A 1 8  ? 2.386  2.578   -2.385  1.00 0.00 ? 8  IYR A C    1  
HETATM 157  O O    . IYR A 1 8  ? 1.210  2.800   -2.668  1.00 0.00 ? 8  IYR A O    1  
HETATM 158  H H    . IYR A 1 8  ? 3.188  2.596   -5.528  1.00 0.00 ? 8  IYR A H    1  
HETATM 159  H HA   . IYR A 1 8  ? 4.378  2.158   -3.065  1.00 0.00 ? 8  IYR A HA   1  
HETATM 160  H HB2  . IYR A 1 8  ? 3.109  4.480   -4.605  1.00 0.00 ? 8  IYR A HB2  1  
HETATM 161  H HB3  . IYR A 1 8  ? 3.416  4.767   -2.916  1.00 0.00 ? 8  IYR A HB3  1  
HETATM 162  H HD   . IYR A 1 8  ? 4.824  4.985   -6.135  1.00 0.00 ? 8  IYR A HD   1  
HETATM 163  H HF   . IYR A 1 8  ? 9.213  5.806   -5.812  1.00 0.00 ? 8  IYR A HF   1  
HETATM 164  H HG   . IYR A 1 8  ? 8.253  4.765   -2.548  1.00 0.00 ? 8  IYR A HG   1  
HETATM 165  H HH   . IYR A 1 8  ? 5.901  4.151   -2.049  1.00 0.00 ? 8  IYR A HH   1  
ATOM   166  N N    . THR A 1 9  ? 2.824  2.271   -1.173  1.00 0.00 ? 9  THR A N    1  
ATOM   167  C CA   . THR A 1 9  ? 1.906  2.172   -0.050  1.00 0.00 ? 9  THR A CA   1  
ATOM   168  C C    . THR A 1 9  ? 2.635  2.474   1.260   1.00 0.00 ? 9  THR A C    1  
ATOM   169  O O    . THR A 1 9  ? 3.830  2.211   1.386   1.00 0.00 ? 9  THR A O    1  
ATOM   170  C CB   . THR A 1 9  ? 1.266  0.783   -0.084  1.00 0.00 ? 9  THR A CB   1  
ATOM   171  O OG1  . THR A 1 9  ? 2.317  -0.074  -0.519  1.00 0.00 ? 9  THR A OG1  1  
ATOM   172  C CG2  . THR A 1 9  ? 0.203  0.654   -1.177  1.00 0.00 ? 9  THR A CG2  1  
ATOM   173  H H    . THR A 1 9  ? 3.782  2.092   -0.952  1.00 0.00 ? 9  THR A H    1  
ATOM   174  H HA   . THR A 1 9  ? 1.133  2.932   -0.168  1.00 0.00 ? 9  THR A HA   1  
ATOM   175  H HB   . THR A 1 9  ? 0.855  0.520   0.891   1.00 0.00 ? 9  THR A HB   1  
ATOM   176  H HG1  . THR A 1 9  ? 2.681  0.248   -1.393  1.00 0.00 ? 9  THR A HG1  1  
ATOM   177  H HG21 . THR A 1 9  ? 0.148  -0.383  -1.509  1.00 0.00 ? 9  THR A HG21 1  
ATOM   178  H HG22 . THR A 1 9  ? -0.765 0.960   -0.780  1.00 0.00 ? 9  THR A HG22 1  
ATOM   179  H HG23 . THR A 1 9  ? 0.468  1.293   -2.019  1.00 0.00 ? 9  THR A HG23 1  
ATOM   180  N N    . SER A 1 10 ? 1.884  3.021   2.206   1.00 0.00 ? 10 SER A N    1  
ATOM   181  C CA   . SER A 1 10 ? 2.443  3.361   3.503   1.00 0.00 ? 10 SER A CA   1  
ATOM   182  C C    . SER A 1 10 ? 2.019  2.324   4.544   1.00 0.00 ? 10 SER A C    1  
ATOM   183  O O    . SER A 1 10 ? 2.735  1.355   4.789   1.00 0.00 ? 10 SER A O    1  
ATOM   184  C CB   . SER A 1 10 ? 2.015  4.791   3.916   1.00 0.00 ? 10 SER A CB   1  
ATOM   185  O OG   . SER A 1 10 ? 0.788  5.204   3.304   1.00 0.00 ? 10 SER A OG   1  
ATOM   186  H H    . SER A 1 10 ? 0.912  3.232   2.095   1.00 0.00 ? 10 SER A H    1  
ATOM   187  H HA   . SER A 1 10 ? 3.546  3.329   3.448   1.00 0.00 ? 10 SER A HA   1  
ATOM   188  H HB2  . SER A 1 10 ? 1.891  4.841   5.015   1.00 0.00 ? 10 SER A HB2  1  
ATOM   189  H HB3  . SER A 1 10 ? 2.810  5.529   3.686   1.00 0.00 ? 10 SER A HB3  1  
ATOM   190  H HG   . SER A 1 10 ? 0.934  5.229   2.356   1.00 0.00 ? 10 SER A HG   1  
ATOM   191  N N    . CYS A 1 11 ? 0.854  2.562   5.130   1.00 0.00 ? 11 CYS A N    1  
ATOM   192  C CA   . CYS A 1 11 ? 0.325  1.660   6.139   1.00 0.00 ? 11 CYS A CA   1  
ATOM   193  C C    . CYS A 1 11 ? 0.005  0.322   5.467   1.00 0.00 ? 11 CYS A C    1  
ATOM   194  O O    . CYS A 1 11 ? 0.322  0.133   4.201   1.00 0.00 ? 11 CYS A O    1  
ATOM   195  C CB   . CYS A 1 11 ? -0.897 2.253   6.843   1.00 0.00 ? 11 CYS A CB   1  
ATOM   196  S SG   . CYS A 1 11 ? -2.297 2.662   5.738   1.00 0.00 ? 11 CYS A SG   1  
ATOM   197  H H    . CYS A 1 11 ? 0.276  3.352   4.925   1.00 0.00 ? 11 CYS A H    1  
ATOM   198  H HA   . CYS A 1 11 ? 1.105  1.539   6.889   1.00 0.00 ? 11 CYS A HA   1  
ATOM   199  H HB2  . CYS A 1 11 ? -1.242 1.547   7.598   1.00 0.00 ? 11 CYS A HB2  1  
ATOM   200  H HB3  . CYS A 1 11 ? -0.592 3.158   7.370   1.00 0.00 ? 11 CYS A HB3  1  
ATOM   201  N N    . CYS A 1 1  ? -4.834 3.249   3.223   1.00 0.00 ? 1  CYS A N    2  
ATOM   202  C CA   . CYS A 1 1  ? -4.307 1.999   3.746   1.00 0.00 ? 1  CYS A CA   2  
ATOM   203  C C    . CYS A 1 1  ? -3.630 1.247   2.599   1.00 0.00 ? 1  CYS A C    2  
ATOM   204  O O    . CYS A 1 1  ? -3.192 1.857   1.625   1.00 0.00 ? 1  CYS A O    2  
ATOM   205  C CB   . CYS A 1 1  ? -5.398 1.161   4.414   1.00 0.00 ? 1  CYS A CB   2  
ATOM   206  S SG   . CYS A 1 1  ? -4.833 0.159   5.838   1.00 0.00 ? 1  CYS A SG   2  
ATOM   207  H H1   . CYS A 1 1  ? -4.455 3.414   2.281   1.00 0.00 ? 1  CYS A H1   2  
ATOM   208  H H2   . CYS A 1 1  ? -5.862 3.196   3.176   1.00 0.00 ? 1  CYS A H2   2  
ATOM   209  H HA   . CYS A 1 1  ? -3.583 2.264   4.516   1.00 0.00 ? 1  CYS A HA   2  
ATOM   210  H HB2  . CYS A 1 1  ? -6.194 1.827   4.749   1.00 0.00 ? 1  CYS A HB2  2  
ATOM   211  H HB3  . CYS A 1 1  ? -5.833 0.494   3.669   1.00 0.00 ? 1  CYS A HB3  2  
ATOM   212  N N    . LYS A 1 2  ? -3.567 -0.068  2.752   1.00 0.00 ? 2  LYS A N    2  
ATOM   213  C CA   . LYS A 1 2  ? -2.952 -0.910  1.741   1.00 0.00 ? 2  LYS A CA   2  
ATOM   214  C C    . LYS A 1 2  ? -1.430 -0.793  1.842   1.00 0.00 ? 2  LYS A C    2  
ATOM   215  O O    . LYS A 1 2  ? -0.819 0.015   1.142   1.00 0.00 ? 2  LYS A O    2  
ATOM   216  C CB   . LYS A 1 2  ? -3.504 -0.574  0.354   1.00 0.00 ? 2  LYS A CB   2  
ATOM   217  C CG   . LYS A 1 2  ? -4.260 -1.764  -0.240  1.00 0.00 ? 2  LYS A CG   2  
ATOM   218  C CD   . LYS A 1 2  ? -5.704 -1.805  0.267   1.00 0.00 ? 2  LYS A CD   2  
ATOM   219  C CE   . LYS A 1 2  ? -6.689 -1.481  -0.859  1.00 0.00 ? 2  LYS A CE   2  
ATOM   220  N NZ   . LYS A 1 2  ? -7.886 -2.344  -0.763  1.00 0.00 ? 2  LYS A NZ   2  
ATOM   221  H H    . LYS A 1 2  ? -3.926 -0.555  3.547   1.00 0.00 ? 2  LYS A H    2  
ATOM   222  H HA   . LYS A 1 2  ? -3.234 -1.940  1.958   1.00 0.00 ? 2  LYS A HA   2  
ATOM   223  H HB2  . LYS A 1 2  ? -4.170 0.287   0.423   1.00 0.00 ? 2  LYS A HB2  2  
ATOM   224  H HB3  . LYS A 1 2  ? -2.686 -0.291  -0.308  1.00 0.00 ? 2  LYS A HB3  2  
ATOM   225  H HG2  . LYS A 1 2  ? -4.254 -1.698  -1.328  1.00 0.00 ? 2  LYS A HG2  2  
ATOM   226  H HG3  . LYS A 1 2  ? -3.753 -2.691  0.026   1.00 0.00 ? 2  LYS A HG3  2  
ATOM   227  H HD2  . LYS A 1 2  ? -5.922 -2.792  0.674   1.00 0.00 ? 2  LYS A HD2  2  
ATOM   228  H HD3  . LYS A 1 2  ? -5.828 -1.091  1.079   1.00 0.00 ? 2  LYS A HD3  2  
ATOM   229  H HE2  . LYS A 1 2  ? -6.982 -0.434  -0.802  1.00 0.00 ? 2  LYS A HE2  2  
ATOM   230  H HE3  . LYS A 1 2  ? -6.205 -1.626  -1.825  1.00 0.00 ? 2  LYS A HE3  2  
ATOM   231  H HZ1  . LYS A 1 2  ? -8.372 -2.422  -1.650  1.00 0.00 ? 2  LYS A HZ1  2  
ATOM   232  H HZ2  . LYS A 1 2  ? -7.653 -3.288  -0.474  1.00 0.00 ? 2  LYS A HZ2  2  
ATOM   233  N N    . PHE A 1 3  ? -0.861 -1.609  2.717   1.00 0.00 ? 3  PHE A N    2  
ATOM   234  C CA   . PHE A 1 3  ? 0.577  -1.605  2.918   1.00 0.00 ? 3  PHE A CA   2  
ATOM   235  C C    . PHE A 1 3  ? 1.287  -2.400  1.820   1.00 0.00 ? 3  PHE A C    2  
ATOM   236  O O    . PHE A 1 3  ? 2.500  -2.593  1.873   1.00 0.00 ? 3  PHE A O    2  
ATOM   237  C CB   . PHE A 1 3  ? 0.842  -2.275  4.267   1.00 0.00 ? 3  PHE A CB   2  
ATOM   238  C CG   . PHE A 1 3  ? 1.858  -1.537  5.142   1.00 0.00 ? 3  PHE A CG   2  
ATOM   239  C CD1  . PHE A 1 3  ? 1.845  -0.179  5.200   1.00 0.00 ? 3  PHE A CD1  2  
ATOM   240  C CD2  . PHE A 1 3  ? 2.776  -2.241  5.859   1.00 0.00 ? 3  PHE A CD2  2  
ATOM   241  C CE1  . PHE A 1 3  ? 2.788  0.506   6.012   1.00 0.00 ? 3  PHE A CE1  2  
ATOM   242  C CE2  . PHE A 1 3  ? 3.718  -1.557  6.670   1.00 0.00 ? 3  PHE A CE2  2  
ATOM   243  C CZ   . PHE A 1 3  ? 3.706  -0.197  6.729   1.00 0.00 ? 3  PHE A CZ   2  
ATOM   244  H H    . PHE A 1 3  ? -1.366 -2.262  3.281   1.00 0.00 ? 3  PHE A H    2  
ATOM   245  H HA   . PHE A 1 3  ? 0.908  -0.566  2.883   1.00 0.00 ? 3  PHE A HA   2  
ATOM   246  H HB2  . PHE A 1 3  ? -0.101 -2.354  4.812   1.00 0.00 ? 3  PHE A HB2  2  
ATOM   247  H HB3  . PHE A 1 3  ? 1.196  -3.292  4.095   1.00 0.00 ? 3  PHE A HB3  2  
ATOM   248  H HD1  . PHE A 1 3  ? 1.109  0.384   4.625   1.00 0.00 ? 3  PHE A HD1  2  
ATOM   249  H HD2  . PHE A 1 3  ? 2.786  -3.329  5.811   1.00 0.00 ? 3  PHE A HD2  2  
ATOM   250  H HE1  . PHE A 1 3  ? 2.777  1.594   6.059   1.00 0.00 ? 3  PHE A HE1  2  
ATOM   251  H HE2  . PHE A 1 3  ? 4.453  -2.119  7.245   1.00 0.00 ? 3  PHE A HE2  2  
ATOM   252  H HZ   . PHE A 1 3  ? 4.429  0.329   7.350   1.00 0.00 ? 3  PHE A HZ   2  
ATOM   253  N N    . PHE A 1 4  ? 0.498  -2.841  0.851   1.00 0.00 ? 4  PHE A N    2  
ATOM   254  C CA   . PHE A 1 4  ? 1.035  -3.612  -0.258  1.00 0.00 ? 4  PHE A CA   2  
ATOM   255  C C    . PHE A 1 4  ? 0.046  -3.659  -1.424  1.00 0.00 ? 4  PHE A C    2  
ATOM   256  O O    . PHE A 1 4  ? -1.122 -3.304  -1.265  1.00 0.00 ? 4  PHE A O    2  
ATOM   257  C CB   . PHE A 1 4  ? 1.268  -5.033  0.256   1.00 0.00 ? 4  PHE A CB   2  
ATOM   258  C CG   . PHE A 1 4  ? 0.193  -5.529  1.226   1.00 0.00 ? 4  PHE A CG   2  
ATOM   259  C CD1  . PHE A 1 4  ? -1.008 -5.955  0.751   1.00 0.00 ? 4  PHE A CD1  2  
ATOM   260  C CD2  . PHE A 1 4  ? 0.440  -5.543  2.563   1.00 0.00 ? 4  PHE A CD2  2  
ATOM   261  C CE1  . PHE A 1 4  ? -2.006 -6.413  1.651   1.00 0.00 ? 4  PHE A CE1  2  
ATOM   262  C CE2  . PHE A 1 4  ? -0.558 -6.002  3.465   1.00 0.00 ? 4  PHE A CE2  2  
ATOM   263  C CZ   . PHE A 1 4  ? -1.759 -6.428  2.989   1.00 0.00 ? 4  PHE A CZ   2  
ATOM   264  H H    . PHE A 1 4  ? -0.487 -2.682  0.816   1.00 0.00 ? 4  PHE A H    2  
ATOM   265  H HA   . PHE A 1 4  ? 1.951  -3.117  -0.582  1.00 0.00 ? 4  PHE A HA   2  
ATOM   266  H HB2  . PHE A 1 4  ? 1.316  -5.714  -0.597  1.00 0.00 ? 4  PHE A HB2  2  
ATOM   267  H HB3  . PHE A 1 4  ? 2.239  -5.076  0.751   1.00 0.00 ? 4  PHE A HB3  2  
ATOM   268  H HD1  . PHE A 1 4  ? -1.205 -5.943  -0.321  1.00 0.00 ? 4  PHE A HD1  2  
ATOM   269  H HD2  . PHE A 1 4  ? 1.404  -5.202  2.944   1.00 0.00 ? 4  PHE A HD2  2  
ATOM   270  H HE1  . PHE A 1 4  ? -2.969 -6.753  1.271   1.00 0.00 ? 4  PHE A HE1  2  
ATOM   271  H HE2  . PHE A 1 4  ? -0.361 -6.015  4.537   1.00 0.00 ? 4  PHE A HE2  2  
ATOM   272  H HZ   . PHE A 1 4  ? -2.524 -6.780  3.679   1.00 0.00 ? 4  PHE A HZ   2  
HETATM 273  N N    . DTR A 1 5  ? 0.548  -4.100  -2.568  1.00 0.00 ? 5  DTR A N    2  
HETATM 274  C CA   . DTR A 1 5  ? -0.278 -4.198  -3.759  1.00 0.00 ? 5  DTR A CA   2  
HETATM 275  C CB   . DTR A 1 5  ? 0.537  -4.986  -4.786  1.00 0.00 ? 5  DTR A CB   2  
HETATM 276  C CG   . DTR A 1 5  ? 0.664  -6.476  -4.467  1.00 0.00 ? 5  DTR A CG   2  
HETATM 277  C CD1  . DTR A 1 5  ? 1.088  -7.045  -3.329  1.00 0.00 ? 5  DTR A CD1  2  
HETATM 278  N NE1  . DTR A 1 5  ? 1.067  -8.423  -3.412  1.00 0.00 ? 5  DTR A NE1  2  
HETATM 279  C CE2  . DTR A 1 5  ? 0.599  -8.754  -4.679  1.00 0.00 ? 5  DTR A CE2  2  
HETATM 280  C CZ2  . DTR A 1 5  ? 0.396  -10.019 -5.247  1.00 0.00 ? 5  DTR A CZ2  2  
HETATM 281  C CH2  . DTR A 1 5  ? -0.091 -10.039 -6.559  1.00 0.00 ? 5  DTR A CH2  2  
HETATM 282  C CZ3  . DTR A 1 5  ? -0.342 -8.842  -7.219  1.00 0.00 ? 5  DTR A CZ3  2  
HETATM 283  C CE3  . DTR A 1 5  ? -0.144 -7.571  -6.666  1.00 0.00 ? 5  DTR A CE3  2  
HETATM 284  C CD2  . DTR A 1 5  ? 0.345  -7.576  -5.348  1.00 0.00 ? 5  DTR A CD2  2  
HETATM 285  C C    . DTR A 1 5  ? -0.612 -2.778  -4.221  1.00 0.00 ? 5  DTR A C    2  
HETATM 286  O O    . DTR A 1 5  ? -0.186 -1.803  -3.604  1.00 0.00 ? 5  DTR A O    2  
HETATM 287  H H    . DTR A 1 5  ? 1.498  -4.386  -2.688  1.00 0.00 ? 5  DTR A H    2  
HETATM 288  H HA   . DTR A 1 5  ? -1.186 -4.721  -3.460  1.00 0.00 ? 5  DTR A HA   2  
HETATM 289  H HB2  . DTR A 1 5  ? 0.075  -4.873  -5.766  1.00 0.00 ? 5  DTR A HB2  2  
HETATM 290  H HB3  . DTR A 1 5  ? 1.535  -4.554  -4.852  1.00 0.00 ? 5  DTR A HB3  2  
HETATM 291  H HD1  . DTR A 1 5  ? 1.412  -6.489  -2.450  1.00 0.00 ? 5  DTR A HD1  2  
HETATM 292  H HE1  . DTR A 1 5  ? 1.361  -9.121  -2.629  1.00 0.00 ? 5  DTR A HE1  2  
HETATM 293  H HZ2  . DTR A 1 5  ? 0.605  -10.936 -4.697  1.00 0.00 ? 5  DTR A HZ2  2  
HETATM 294  H HH2  . DTR A 1 5  ? -0.271 -10.990 -7.061  1.00 0.00 ? 5  DTR A HH2  2  
HETATM 295  H HZ3  . DTR A 1 5  ? -0.719 -8.897  -8.241  1.00 0.00 ? 5  DTR A HZ3  2  
HETATM 296  H HE3  . DTR A 1 5  ? -0.352 -6.652  -7.213  1.00 0.00 ? 5  DTR A HE3  2  
HETATM 297  N N    . IAM A 1 6  ? -1.371 -2.706  -5.305  1.00 0.00 ? 6  IAM A N    2  
HETATM 298  C CA   . IAM A 1 6  ? -1.766 -1.422  -5.857  1.00 0.00 ? 6  IAM A CA   2  
HETATM 299  C CB   . IAM A 1 6  ? -2.574 -0.700  -4.777  1.00 0.00 ? 6  IAM A CB   2  
HETATM 300  C CG   . IAM A 1 6  ? -2.811 0.784   -5.065  1.00 0.00 ? 6  IAM A CG   2  
HETATM 301  C CD1  . IAM A 1 6  ? -2.756 1.246   -6.343  1.00 0.00 ? 6  IAM A CD1  2  
HETATM 302  C CE1  . IAM A 1 6  ? -2.975 2.623   -6.612  1.00 0.00 ? 6  IAM A CE1  2  
HETATM 303  C CZ   . IAM A 1 6  ? -3.241 3.480   -5.589  1.00 0.00 ? 6  IAM A CZ   2  
HETATM 304  C CE2  . IAM A 1 6  ? -3.298 3.018   -4.311  1.00 0.00 ? 6  IAM A CE2  2  
HETATM 305  C CD2  . IAM A 1 6  ? -3.078 1.640   -4.044  1.00 0.00 ? 6  IAM A CD2  2  
HETATM 306  C CT   . IAM A 1 6  ? -3.481 4.972   -5.878  1.00 0.00 ? 6  IAM A CT   2  
HETATM 307  N NH   . IAM A 1 6  ? -4.912 5.286   -5.684  1.00 0.00 ? 6  IAM A NH   2  
HETATM 308  C CI   . IAM A 1 6  ? -5.773 5.571   -6.853  1.00 0.00 ? 6  IAM A CI   2  
HETATM 309  C CK1  . IAM A 1 6  ? -5.761 4.362   -7.807  1.00 0.00 ? 6  IAM A CK1  2  
HETATM 310  C CK2  . IAM A 1 6  ? -5.243 6.814   -7.589  1.00 0.00 ? 6  IAM A CK2  2  
HETATM 311  C C    . IAM A 1 6  ? -0.541 -0.576  -6.211  1.00 0.00 ? 6  IAM A C    2  
HETATM 312  O O    . IAM A 1 6  ? -0.142 -0.509  -7.374  1.00 0.00 ? 6  IAM A O    2  
HETATM 313  H H    . IAM A 1 6  ? -1.714 -3.504  -5.802  1.00 0.00 ? 6  IAM A H    2  
HETATM 314  H HA   . IAM A 1 6  ? -2.340 -1.623  -6.761  1.00 0.00 ? 6  IAM A HA   2  
HETATM 315  H HB   . IAM A 1 6  ? -2.055 -0.796  -3.824  1.00 0.00 ? 6  IAM A HB   2  
HETATM 316  H HB1  . IAM A 1 6  ? -3.537 -1.196  -4.666  1.00 0.00 ? 6  IAM A HB1  2  
HETATM 317  H HD1  . IAM A 1 6  ? -2.541 0.558   -7.162  1.00 0.00 ? 6  IAM A HD1  2  
HETATM 318  H HE1  . IAM A 1 6  ? -2.932 2.994   -7.636  1.00 0.00 ? 6  IAM A HE1  2  
HETATM 319  H HE2  . IAM A 1 6  ? -3.513 3.706   -3.492  1.00 0.00 ? 6  IAM A HE2  2  
HETATM 320  H HD2  . IAM A 1 6  ? -3.122 1.271   -3.020  1.00 0.00 ? 6  IAM A HD2  2  
HETATM 321  H HT1  . IAM A 1 6  ? -3.200 5.189   -6.889  1.00 0.00 ? 6  IAM A HT1  2  
HETATM 322  H HT2  . IAM A 1 6  ? -2.892 5.568   -5.209  1.00 0.00 ? 6  IAM A HT2  2  
HETATM 323  H HH   . IAM A 1 6  ? -5.311 5.304   -4.734  1.00 0.00 ? 6  IAM A HH   2  
HETATM 324  H HI   . IAM A 1 6  ? -6.775 5.754   -6.521  1.00 0.00 ? 6  IAM A HI   2  
HETATM 325  H HK11 . IAM A 1 6  ? -4.760 4.180   -8.139  1.00 0.00 ? 6  IAM A HK11 2  
HETATM 326  H HK12 . IAM A 1 6  ? -6.130 3.499   -7.296  1.00 0.00 ? 6  IAM A HK12 2  
HETATM 327  H HK13 . IAM A 1 6  ? -6.384 4.569   -8.653  1.00 0.00 ? 6  IAM A HK13 2  
HETATM 328  H HK21 . IAM A 1 6  ? -5.252 7.653   -6.925  1.00 0.00 ? 6  IAM A HK21 2  
HETATM 329  H HK22 . IAM A 1 6  ? -4.242 6.633   -7.921  1.00 0.00 ? 6  IAM A HK22 2  
HETATM 330  H HK23 . IAM A 1 6  ? -5.865 7.022   -8.434  1.00 0.00 ? 6  IAM A HK23 2  
ATOM   331  N N    . THR A 1 7  ? 0.022  0.049   -5.188  1.00 0.00 ? 7  THR A N    2  
ATOM   332  C CA   . THR A 1 7  ? 1.194  0.888   -5.376  1.00 0.00 ? 7  THR A CA   2  
ATOM   333  C C    . THR A 1 7  ? 2.062  0.883   -4.117  1.00 0.00 ? 7  THR A C    2  
ATOM   334  O O    . THR A 1 7  ? 2.053  -0.086  -3.357  1.00 0.00 ? 7  THR A O    2  
ATOM   335  C CB   . THR A 1 7  ? 0.717  2.285   -5.778  1.00 0.00 ? 7  THR A CB   2  
ATOM   336  O OG1  . THR A 1 7  ? 1.920  3.004   -6.032  1.00 0.00 ? 7  THR A OG1  2  
ATOM   337  C CG2  . THR A 1 7  ? 0.067  3.039   -4.616  1.00 0.00 ? 7  THR A CG2  2  
ATOM   338  H H    . THR A 1 7  ? -0.307 -0.009  -4.246  1.00 0.00 ? 7  THR A H    2  
ATOM   339  H HA   . THR A 1 7  ? 1.795  0.464   -6.182  1.00 0.00 ? 7  THR A HA   2  
ATOM   340  H HB   . THR A 1 7  ? 0.043  2.235   -6.634  1.00 0.00 ? 7  THR A HB   2  
ATOM   341  H HG1  . THR A 1 7  ? 2.512  2.972   -5.227  1.00 0.00 ? 7  THR A HG1  2  
ATOM   342  H HG21 . THR A 1 7  ? 0.208  4.111   -4.756  1.00 0.00 ? 7  THR A HG21 2  
ATOM   343  H HG22 . THR A 1 7  ? -0.998 2.815   -4.586  1.00 0.00 ? 7  THR A HG22 2  
ATOM   344  H HG23 . THR A 1 7  ? 0.532  2.731   -3.679  1.00 0.00 ? 7  THR A HG23 2  
HETATM 345  N N    . IYR A 1 8  ? 2.791  1.973   -3.935  1.00 0.00 ? 8  IYR A N    2  
HETATM 346  C CA   . IYR A 1 8  ? 3.664  2.105   -2.779  1.00 0.00 ? 8  IYR A CA   2  
HETATM 347  C CB   . IYR A 1 8  ? 4.110  3.596   -2.731  1.00 0.00 ? 8  IYR A CB   2  
HETATM 348  C CC   . IYR A 1 8  ? 5.448  3.936   -3.396  1.00 0.00 ? 8  IYR A CC   2  
HETATM 349  C CD   . IYR A 1 8  ? 5.470  4.714   -4.557  1.00 0.00 ? 8  IYR A CD   2  
HETATM 350  C CE   . IYR A 1 8  ? 6.680  5.029   -5.166  1.00 0.00 ? 8  IYR A CE   2  
HETATM 351  I IE   . IYR A 1 8  ? 6.684  6.206   -6.942  1.00 0.00 ? 8  IYR A IE   2  
HETATM 352  C CF   . IYR A 1 8  ? 7.875  4.571   -4.619  1.00 0.00 ? 8  IYR A CF   2  
HETATM 353  O OF   . IYR A 1 8  ? 9.064  4.876   -5.219  1.00 0.00 ? 8  IYR A OF   2  
HETATM 354  C CG   . IYR A 1 8  ? 7.862  3.796   -3.461  1.00 0.00 ? 8  IYR A CG   2  
HETATM 355  C CH   . IYR A 1 8  ? 6.652  3.480   -2.848  1.00 0.00 ? 8  IYR A CH   2  
HETATM 356  C C    . IYR A 1 8  ? 2.910  1.796   -1.485  1.00 0.00 ? 8  IYR A C    2  
HETATM 357  O O    . IYR A 1 8  ? 1.682  1.732   -1.477  1.00 0.00 ? 8  IYR A O    2  
HETATM 358  H H    . IYR A 1 8  ? 2.792  2.756   -4.556  1.00 0.00 ? 8  IYR A H    2  
HETATM 359  H HA   . IYR A 1 8  ? 4.549  1.445   -2.823  1.00 0.00 ? 8  IYR A HA   2  
HETATM 360  H HB2  . IYR A 1 8  ? 3.310  4.233   -3.163  1.00 0.00 ? 8  IYR A HB2  2  
HETATM 361  H HB3  . IYR A 1 8  ? 4.166  3.934   -1.678  1.00 0.00 ? 8  IYR A HB3  2  
HETATM 362  H HD   . IYR A 1 8  ? 4.535  5.077   -4.984  1.00 0.00 ? 8  IYR A HD   2  
HETATM 363  H HF   . IYR A 1 8  ? 8.883  5.409   -5.995  1.00 0.00 ? 8  IYR A HF   2  
HETATM 364  H HG   . IYR A 1 8  ? 8.799  3.438   -3.037  1.00 0.00 ? 8  IYR A HG   2  
HETATM 365  H HH   . IYR A 1 8  ? 6.643  2.876   -1.942  1.00 0.00 ? 8  IYR A HH   2  
ATOM   366  N N    . THR A 1 9  ? 3.677  1.610   -0.420  1.00 0.00 ? 9  THR A N    2  
ATOM   367  C CA   . THR A 1 9  ? 3.098  1.308   0.877   1.00 0.00 ? 9  THR A CA   2  
ATOM   368  C C    . THR A 1 9  ? 2.468  2.563   1.484   1.00 0.00 ? 9  THR A C    2  
ATOM   369  O O    . THR A 1 9  ? 2.984  3.668   1.313   1.00 0.00 ? 9  THR A O    2  
ATOM   370  C CB   . THR A 1 9  ? 4.192  0.694   1.752   1.00 0.00 ? 9  THR A CB   2  
ATOM   371  O OG1  . THR A 1 9  ? 4.994  1.805   2.139   1.00 0.00 ? 9  THR A OG1  2  
ATOM   372  C CG2  . THR A 1 9  ? 5.147  -0.198  0.957   1.00 0.00 ? 9  THR A CG2  2  
ATOM   373  H H    . THR A 1 9  ? 4.676  1.664   -0.435  1.00 0.00 ? 9  THR A H    2  
ATOM   374  H HA   . THR A 1 9  ? 2.294  0.584   0.735   1.00 0.00 ? 9  THR A HA   2  
ATOM   375  H HB   . THR A 1 9  ? 3.758  0.147   2.590   1.00 0.00 ? 9  THR A HB   2  
ATOM   376  H HG1  . THR A 1 9  ? 5.321  2.289   1.327   1.00 0.00 ? 9  THR A HG1  2  
ATOM   377  H HG21 . THR A 1 9  ? 6.129  -0.195  1.431   1.00 0.00 ? 9  THR A HG21 2  
ATOM   378  H HG22 . THR A 1 9  ? 4.759  -1.216  0.933   1.00 0.00 ? 9  THR A HG22 2  
ATOM   379  H HG23 . THR A 1 9  ? 5.235  0.182   -0.062  1.00 0.00 ? 9  THR A HG23 2  
ATOM   380  N N    . SER A 1 10 ? 1.363  2.355   2.184   1.00 0.00 ? 10 SER A N    2  
ATOM   381  C CA   . SER A 1 10 ? 0.658  3.455   2.819   1.00 0.00 ? 10 SER A CA   2  
ATOM   382  C C    . SER A 1 10 ? 0.439  3.151   4.302   1.00 0.00 ? 10 SER A C    2  
ATOM   383  O O    . SER A 1 10 ? 1.188  3.622   5.154   1.00 0.00 ? 10 SER A O    2  
ATOM   384  C CB   . SER A 1 10 ? -0.681 3.731   2.089   1.00 0.00 ? 10 SER A CB   2  
ATOM   385  O OG   . SER A 1 10 ? -1.460 4.752   2.722   1.00 0.00 ? 10 SER A OG   2  
ATOM   386  H H    . SER A 1 10 ? 0.949  1.452   2.319   1.00 0.00 ? 10 SER A H    2  
ATOM   387  H HA   . SER A 1 10 ? 1.278  4.368   2.768   1.00 0.00 ? 10 SER A HA   2  
ATOM   388  H HB2  . SER A 1 10 ? -0.480 4.043   1.045   1.00 0.00 ? 10 SER A HB2  2  
ATOM   389  H HB3  . SER A 1 10 ? -1.285 2.807   1.999   1.00 0.00 ? 10 SER A HB3  2  
ATOM   390  H HG   . SER A 1 10 ? -1.689 4.436   3.600   1.00 0.00 ? 10 SER A HG   2  
ATOM   391  N N    . CYS A 1 11 ? -0.596 2.362   4.564   1.00 0.00 ? 11 CYS A N    2  
ATOM   392  C CA   . CYS A 1 11 ? -0.923 1.990   5.930   1.00 0.00 ? 11 CYS A CA   2  
ATOM   393  C C    . CYS A 1 11 ? 0.378  1.656   6.663   1.00 0.00 ? 11 CYS A C    2  
ATOM   394  O O    . CYS A 1 11 ? 1.475  2.339   6.394   1.00 0.00 ? 11 CYS A O    2  
ATOM   395  C CB   . CYS A 1 11 ? -1.918 0.829   5.976   1.00 0.00 ? 11 CYS A CB   2  
ATOM   396  S SG   . CYS A 1 11 ? -3.473 1.183   6.873   1.00 0.00 ? 11 CYS A SG   2  
ATOM   397  H H    . CYS A 1 11 ? -1.201 1.983   3.865   1.00 0.00 ? 11 CYS A H    2  
ATOM   398  H HA   . CYS A 1 11 ? -1.410 2.853   6.381   1.00 0.00 ? 11 CYS A HA   2  
ATOM   399  H HB2  . CYS A 1 11 ? -2.164 0.539   4.953   1.00 0.00 ? 11 CYS A HB2  2  
ATOM   400  H HB3  . CYS A 1 11 ? -1.433 -0.029  6.443   1.00 0.00 ? 11 CYS A HB3  2  
ATOM   401  N N    . CYS A 1 1  ? -4.371 -1.612  6.943   1.00 0.00 ? 1  CYS A N    3  
ATOM   402  C CA   . CYS A 1 1  ? -4.854 -0.779  5.855   1.00 0.00 ? 1  CYS A CA   3  
ATOM   403  C C    . CYS A 1 1  ? -4.554 -1.491  4.535   1.00 0.00 ? 1  CYS A C    3  
ATOM   404  O O    . CYS A 1 1  ? -4.417 -2.714  4.503   1.00 0.00 ? 1  CYS A O    3  
ATOM   405  C CB   . CYS A 1 1  ? -4.240 0.622   5.899   1.00 0.00 ? 1  CYS A CB   3  
ATOM   406  S SG   . CYS A 1 1  ? -3.422 1.054   7.479   1.00 0.00 ? 1  CYS A SG   3  
ATOM   407  H H1   . CYS A 1 1  ? -5.077 -1.641  7.692   1.00 0.00 ? 1  CYS A H1   3  
ATOM   408  H H2   . CYS A 1 1  ? -4.199 -2.565  6.595   1.00 0.00 ? 1  CYS A H2   3  
ATOM   409  H HA   . CYS A 1 1  ? -5.928 -0.667  5.998   1.00 0.00 ? 1  CYS A HA   3  
ATOM   410  H HB2  . CYS A 1 1  ? -3.510 0.710   5.093   1.00 0.00 ? 1  CYS A HB2  3  
ATOM   411  H HB3  . CYS A 1 1  ? -5.023 1.354   5.700   1.00 0.00 ? 1  CYS A HB3  3  
ATOM   412  N N    . LYS A 1 2  ? -4.460 -0.698  3.478   1.00 0.00 ? 2  LYS A N    3  
ATOM   413  C CA   . LYS A 1 2  ? -4.179 -1.239  2.158   1.00 0.00 ? 2  LYS A CA   3  
ATOM   414  C C    . LYS A 1 2  ? -2.847 -0.680  1.657   1.00 0.00 ? 2  LYS A C    3  
ATOM   415  O O    . LYS A 1 2  ? -2.791 -0.056  0.597   1.00 0.00 ? 2  LYS A O    3  
ATOM   416  C CB   . LYS A 1 2  ? -5.352 -0.976  1.210   1.00 0.00 ? 2  LYS A CB   3  
ATOM   417  C CG   . LYS A 1 2  ? -6.505 -1.943  1.483   1.00 0.00 ? 2  LYS A CG   3  
ATOM   418  C CD   . LYS A 1 2  ? -6.625 -2.982  0.366   1.00 0.00 ? 2  LYS A CD   3  
ATOM   419  C CE   . LYS A 1 2  ? -8.092 -3.316  0.085   1.00 0.00 ? 2  LYS A CE   3  
ATOM   420  N NZ   . LYS A 1 2  ? -8.222 -4.711  -0.392  1.00 0.00 ? 2  LYS A NZ   3  
ATOM   421  H H    . LYS A 1 2  ? -4.573 0.294   3.513   1.00 0.00 ? 2  LYS A H    3  
ATOM   422  H HA   . LYS A 1 2  ? -4.086 -2.319  2.262   1.00 0.00 ? 2  LYS A HA   3  
ATOM   423  H HB2  . LYS A 1 2  ? -5.698 0.051   1.330   1.00 0.00 ? 2  LYS A HB2  3  
ATOM   424  H HB3  . LYS A 1 2  ? -5.021 -1.082  0.178   1.00 0.00 ? 2  LYS A HB3  3  
ATOM   425  H HG2  . LYS A 1 2  ? -6.346 -2.446  2.436   1.00 0.00 ? 2  LYS A HG2  3  
ATOM   426  H HG3  . LYS A 1 2  ? -7.439 -1.386  1.568   1.00 0.00 ? 2  LYS A HG3  3  
ATOM   427  H HD2  . LYS A 1 2  ? -6.156 -2.601  -0.540  1.00 0.00 ? 2  LYS A HD2  3  
ATOM   428  H HD3  . LYS A 1 2  ? -6.089 -3.887  0.647   1.00 0.00 ? 2  LYS A HD3  3  
ATOM   429  H HE2  . LYS A 1 2  ? -8.682 -3.178  0.990   1.00 0.00 ? 2  LYS A HE2  3  
ATOM   430  H HE3  . LYS A 1 2  ? -8.490 -2.632  -0.664  1.00 0.00 ? 2  LYS A HE3  3  
ATOM   431  H HZ1  . LYS A 1 2  ? -9.079 -4.856  -0.914  1.00 0.00 ? 2  LYS A HZ1  3  
ATOM   432  H HZ2  . LYS A 1 2  ? -7.457 -4.978  -1.002  1.00 0.00 ? 2  LYS A HZ2  3  
ATOM   433  N N    . PHE A 1 3  ? -1.807 -0.923  2.442   1.00 0.00 ? 3  PHE A N    3  
ATOM   434  C CA   . PHE A 1 3  ? -0.478 -0.452  2.089   1.00 0.00 ? 3  PHE A CA   3  
ATOM   435  C C    . PHE A 1 3  ? 0.059  -1.193  0.864   1.00 0.00 ? 3  PHE A C    3  
ATOM   436  O O    . PHE A 1 3  ? 0.656  -0.583  -0.023  1.00 0.00 ? 3  PHE A O    3  
ATOM   437  C CB   . PHE A 1 3  ? 0.431  -0.743  3.286   1.00 0.00 ? 3  PHE A CB   3  
ATOM   438  C CG   . PHE A 1 3  ? 0.790  -2.221  3.450   1.00 0.00 ? 3  PHE A CG   3  
ATOM   439  C CD1  . PHE A 1 3  ? 1.745  -2.780  2.660   1.00 0.00 ? 3  PHE A CD1  3  
ATOM   440  C CD2  . PHE A 1 3  ? 0.154  -2.976  4.385   1.00 0.00 ? 3  PHE A CD2  3  
ATOM   441  C CE1  . PHE A 1 3  ? 2.079  -4.152  2.812   1.00 0.00 ? 3  PHE A CE1  3  
ATOM   442  C CE2  . PHE A 1 3  ? 0.487  -4.347  4.539   1.00 0.00 ? 3  PHE A CE2  3  
ATOM   443  C CZ   . PHE A 1 3  ? 1.443  -4.906  3.748   1.00 0.00 ? 3  PHE A CZ   3  
ATOM   444  H H    . PHE A 1 3  ? -1.862 -1.430  3.301   1.00 0.00 ? 3  PHE A H    3  
ATOM   445  H HA   . PHE A 1 3  ? -0.562 0.611   1.862   1.00 0.00 ? 3  PHE A HA   3  
ATOM   446  H HB2  . PHE A 1 3  ? 1.349  -0.165  3.180   1.00 0.00 ? 3  PHE A HB2  3  
ATOM   447  H HB3  . PHE A 1 3  ? -0.060 -0.396  4.195   1.00 0.00 ? 3  PHE A HB3  3  
ATOM   448  H HD1  . PHE A 1 3  ? 2.255  -2.175  1.909   1.00 0.00 ? 3  PHE A HD1  3  
ATOM   449  H HD2  . PHE A 1 3  ? -0.612 -2.527  5.018   1.00 0.00 ? 3  PHE A HD2  3  
ATOM   450  H HE1  . PHE A 1 3  ? 2.844  -4.600  2.177   1.00 0.00 ? 3  PHE A HE1  3  
ATOM   451  H HE2  . PHE A 1 3  ? -0.023 -4.952  5.288   1.00 0.00 ? 3  PHE A HE2  3  
ATOM   452  H HZ   . PHE A 1 3  ? 1.699  -5.959  3.865   1.00 0.00 ? 3  PHE A HZ   3  
ATOM   453  N N    . PHE A 1 4  ? -0.170 -2.497  0.853   1.00 0.00 ? 4  PHE A N    3  
ATOM   454  C CA   . PHE A 1 4  ? 0.284  -3.328  -0.250  1.00 0.00 ? 4  PHE A CA   3  
ATOM   455  C C    . PHE A 1 4  ? -0.527 -3.050  -1.517  1.00 0.00 ? 4  PHE A C    3  
ATOM   456  O O    . PHE A 1 4  ? -1.294 -2.088  -1.569  1.00 0.00 ? 4  PHE A O    3  
ATOM   457  C CB   . PHE A 1 4  ? 0.069  -4.783  0.169   1.00 0.00 ? 4  PHE A CB   3  
ATOM   458  C CG   . PHE A 1 4  ? -1.346 -5.086  0.668   1.00 0.00 ? 4  PHE A CG   3  
ATOM   459  C CD1  . PHE A 1 4  ? -2.369 -5.204  -0.220  1.00 0.00 ? 4  PHE A CD1  3  
ATOM   460  C CD2  . PHE A 1 4  ? -1.579 -5.235  1.999   1.00 0.00 ? 4  PHE A CD2  3  
ATOM   461  C CE1  . PHE A 1 4  ? -3.682 -5.484  0.243   1.00 0.00 ? 4  PHE A CE1  3  
ATOM   462  C CE2  . PHE A 1 4  ? -2.892 -5.516  2.463   1.00 0.00 ? 4  PHE A CE2  3  
ATOM   463  C CZ   . PHE A 1 4  ? -3.916 -5.635  1.574   1.00 0.00 ? 4  PHE A CZ   3  
ATOM   464  H H    . PHE A 1 4  ? -0.657 -2.986  1.577   1.00 0.00 ? 4  PHE A H    3  
ATOM   465  H HA   . PHE A 1 4  ? 1.331  -3.084  -0.430  1.00 0.00 ? 4  PHE A HA   3  
ATOM   466  H HB2  . PHE A 1 4  ? 0.291  -5.432  -0.680  1.00 0.00 ? 4  PHE A HB2  3  
ATOM   467  H HB3  . PHE A 1 4  ? 0.782  -5.034  0.956   1.00 0.00 ? 4  PHE A HB3  3  
ATOM   468  H HD1  . PHE A 1 4  ? -2.182 -5.085  -1.287  1.00 0.00 ? 4  PHE A HD1  3  
ATOM   469  H HD2  . PHE A 1 4  ? -0.759 -5.141  2.711   1.00 0.00 ? 4  PHE A HD2  3  
ATOM   470  H HE1  . PHE A 1 4  ? -4.503 -5.578  -0.468  1.00 0.00 ? 4  PHE A HE1  3  
ATOM   471  H HE2  . PHE A 1 4  ? -3.080 -5.637  3.530   1.00 0.00 ? 4  PHE A HE2  3  
ATOM   472  H HZ   . PHE A 1 4  ? -4.923 -5.851  1.930   1.00 0.00 ? 4  PHE A HZ   3  
HETATM 473  N N    . DTR A 1 5  ? -0.331 -3.908  -2.507  1.00 0.00 ? 5  DTR A N    3  
HETATM 474  C CA   . DTR A 1 5  ? -1.036 -3.767  -3.769  1.00 0.00 ? 5  DTR A CA   3  
HETATM 475  C CB   . DTR A 1 5  ? -0.484 -4.853  -4.696  1.00 0.00 ? 5  DTR A CB   3  
HETATM 476  C CG   . DTR A 1 5  ? -0.827 -6.277  -4.255  1.00 0.00 ? 5  DTR A CG   3  
HETATM 477  C CD1  . DTR A 1 5  ? -0.316 -6.971  -3.229  1.00 0.00 ? 5  DTR A CD1  3  
HETATM 478  N NE1  . DTR A 1 5  ? -0.873 -8.231  -3.140  1.00 0.00 ? 5  DTR A NE1  3  
HETATM 479  C CE2  . DTR A 1 5  ? -1.797 -8.349  -4.173  1.00 0.00 ? 5  DTR A CE2  3  
HETATM 480  C CZ2  . DTR A 1 5  ? -2.620 -9.431  -4.507  1.00 0.00 ? 5  DTR A CZ2  3  
HETATM 481  C CH2  . DTR A 1 5  ? -3.458 -9.255  -5.614  1.00 0.00 ? 5  DTR A CH2  3  
HETATM 482  C CZ3  . DTR A 1 5  ? -3.438 -8.051  -6.310  1.00 0.00 ? 5  DTR A CZ3  3  
HETATM 483  C CE3  . DTR A 1 5  ? -2.621 -6.962  -5.988  1.00 0.00 ? 5  DTR A CE3  3  
HETATM 484  C CD2  . DTR A 1 5  ? -1.788 -7.161  -4.873  1.00 0.00 ? 5  DTR A CD2  3  
HETATM 485  C C    . DTR A 1 5  ? -0.785 -2.350  -4.293  1.00 0.00 ? 5  DTR A C    3  
HETATM 486  O O    . DTR A 1 5  ? -0.053 -1.577  -3.678  1.00 0.00 ? 5  DTR A O    3  
HETATM 487  H H    . DTR A 1 5  ? 0.292  -4.688  -2.456  1.00 0.00 ? 5  DTR A H    3  
HETATM 488  H HA   . DTR A 1 5  ? -2.094 -3.906  -3.549  1.00 0.00 ? 5  DTR A HA   3  
HETATM 489  H HB2  . DTR A 1 5  ? -0.873 -4.691  -5.700  1.00 0.00 ? 5  DTR A HB2  3  
HETATM 490  H HB3  . DTR A 1 5  ? 0.600  -4.753  -4.751  1.00 0.00 ? 5  DTR A HB3  3  
HETATM 491  H HD1  . DTR A 1 5  ? 0.444  -6.588  -2.549  1.00 0.00 ? 5  DTR A HD1  3  
HETATM 492  H HE1  . DTR A 1 5  ? -0.634 -8.991  -2.397  1.00 0.00 ? 5  DTR A HE1  3  
HETATM 493  H HZ2  . DTR A 1 5  ? -2.608 -10.360 -3.938  1.00 0.00 ? 5  DTR A HZ2  3  
HETATM 494  H HH2  . DTR A 1 5  ? -4.125 -10.058 -5.930  1.00 0.00 ? 5  DTR A HH2  3  
HETATM 495  H HZ3  . DTR A 1 5  ? -4.103 -7.951  -7.167  1.00 0.00 ? 5  DTR A HZ3  3  
HETATM 496  H HE3  . DTR A 1 5  ? -2.630 -6.030  -6.556  1.00 0.00 ? 5  DTR A HE3  3  
HETATM 497  N N    . IAM A 1 6  ? -1.410 -2.054  -5.424  1.00 0.00 ? 6  IAM A N    3  
HETATM 498  C CA   . IAM A 1 6  ? -1.265 -0.745  -6.037  1.00 0.00 ? 6  IAM A CA   3  
HETATM 499  C CB   . IAM A 1 6  ? -1.813 0.279   -5.042  1.00 0.00 ? 6  IAM A CB   3  
HETATM 500  C CG   . IAM A 1 6  ? -1.474 1.730   -5.390  1.00 0.00 ? 6  IAM A CG   3  
HETATM 501  C CD1  . IAM A 1 6  ? -1.515 2.688   -4.426  1.00 0.00 ? 6  IAM A CD1  3  
HETATM 502  C CE1  . IAM A 1 6  ? -1.199 4.035   -4.749  1.00 0.00 ? 6  IAM A CE1  3  
HETATM 503  C CZ   . IAM A 1 6  ? -0.857 4.365   -6.022  1.00 0.00 ? 6  IAM A CZ   3  
HETATM 504  C CE2  . IAM A 1 6  ? -0.814 3.408   -6.986  1.00 0.00 ? 6  IAM A CE2  3  
HETATM 505  C CD2  . IAM A 1 6  ? -1.131 2.061   -6.663  1.00 0.00 ? 6  IAM A CD2  3  
HETATM 506  C CT   . IAM A 1 6  ? -0.513 5.823   -6.372  1.00 0.00 ? 6  IAM A CT   3  
HETATM 507  N NH   . IAM A 1 6  ? 0.571  6.299   -5.485  1.00 0.00 ? 6  IAM A NH   3  
HETATM 508  C CI   . IAM A 1 6  ? 0.662  7.732   -5.129  1.00 0.00 ? 6  IAM A CI   3  
HETATM 509  C CK1  . IAM A 1 6  ? 0.921  8.562   -6.400  1.00 0.00 ? 6  IAM A CK1  3  
HETATM 510  C CK2  . IAM A 1 6  ? 1.817  7.940   -4.135  1.00 0.00 ? 6  IAM A CK2  3  
HETATM 511  C C    . IAM A 1 6  ? 0.208  -0.429  -6.316  1.00 0.00 ? 6  IAM A C    3  
HETATM 512  O O    . IAM A 1 6  ? 0.685  -0.618  -7.434  1.00 0.00 ? 6  IAM A O    3  
HETATM 513  H H    . IAM A 1 6  ? -2.004 -2.687  -5.918  1.00 0.00 ? 6  IAM A H    3  
HETATM 514  H HA   . IAM A 1 6  ? -1.813 -0.766  -6.979  1.00 0.00 ? 6  IAM A HA   3  
HETATM 515  H HB   . IAM A 1 6  ? -1.422 0.054   -4.051  1.00 0.00 ? 6  IAM A HB   3  
HETATM 516  H HB1  . IAM A 1 6  ? -2.896 0.175   -4.988  1.00 0.00 ? 6  IAM A HB1  3  
HETATM 517  H HD1  . IAM A 1 6  ? -1.791 2.423   -3.406  1.00 0.00 ? 6  IAM A HD1  3  
HETATM 518  H HE1  . IAM A 1 6  ? -1.232 4.802   -3.975  1.00 0.00 ? 6  IAM A HE1  3  
HETATM 519  H HE2  . IAM A 1 6  ? -0.537 3.673   -8.007  1.00 0.00 ? 6  IAM A HE2  3  
HETATM 520  H HD2  . IAM A 1 6  ? -1.097 1.293   -7.436  1.00 0.00 ? 6  IAM A HD2  3  
HETATM 521  H HT1  . IAM A 1 6  ? -1.380 6.438   -6.237  1.00 0.00 ? 6  IAM A HT1  3  
HETATM 522  H HT2  . IAM A 1 6  ? -0.189 5.882   -7.392  1.00 0.00 ? 6  IAM A HT2  3  
HETATM 523  H HH   . IAM A 1 6  ? 1.263  5.631   -5.114  1.00 0.00 ? 6  IAM A HH   3  
HETATM 524  H HI   . IAM A 1 6  ? -0.257 8.046   -4.680  1.00 0.00 ? 6  IAM A HI   3  
HETATM 525  H HK11 . IAM A 1 6  ? 1.840  8.247   -6.850  1.00 0.00 ? 6  IAM A HK11 3  
HETATM 526  H HK12 . IAM A 1 6  ? 0.118  8.415   -7.092  1.00 0.00 ? 6  IAM A HK12 3  
HETATM 527  H HK13 . IAM A 1 6  ? 0.987  9.598   -6.143  1.00 0.00 ? 6  IAM A HK13 3  
HETATM 528  H HK21 . IAM A 1 6  ? 1.637  7.363   -3.251  1.00 0.00 ? 6  IAM A HK21 3  
HETATM 529  H HK22 . IAM A 1 6  ? 2.737  7.627   -4.582  1.00 0.00 ? 6  IAM A HK22 3  
HETATM 530  H HK23 . IAM A 1 6  ? 1.884  8.977   -3.875  1.00 0.00 ? 6  IAM A HK23 3  
ATOM   531  N N    . THR A 1 7  ? 0.884  0.045   -5.280  1.00 0.00 ? 7  THR A N    3  
ATOM   532  C CA   . THR A 1 7  ? 2.290  0.387   -5.400  1.00 0.00 ? 7  THR A CA   3  
ATOM   533  C C    . THR A 1 7  ? 2.971  0.329   -4.030  1.00 0.00 ? 7  THR A C    3  
ATOM   534  O O    . THR A 1 7  ? 2.557  -0.434  -3.158  1.00 0.00 ? 7  THR A O    3  
ATOM   535  C CB   . THR A 1 7  ? 2.388  1.761   -6.068  1.00 0.00 ? 7  THR A CB   3  
ATOM   536  O OG1  . THR A 1 7  ? 3.781  1.929   -6.315  1.00 0.00 ? 7  THR A OG1  3  
ATOM   537  C CG2  . THR A 1 7  ? 2.039  2.903   -5.112  1.00 0.00 ? 7  THR A CG2  3  
ATOM   538  H H    . THR A 1 7  ? 0.487  0.195   -4.374  1.00 0.00 ? 7  THR A H    3  
ATOM   539  H HA   . THR A 1 7  ? 2.774  -0.359  -6.030  1.00 0.00 ? 7  THR A HA   3  
ATOM   540  H HB   . THR A 1 7  ? 1.770  1.802   -6.965  1.00 0.00 ? 7  THR A HB   3  
ATOM   541  H HG1  . THR A 1 7  ? 4.294  1.833   -5.462  1.00 0.00 ? 7  THR A HG1  3  
ATOM   542  H HG21 . THR A 1 7  ? 2.578  3.803   -5.409  1.00 0.00 ? 7  THR A HG21 3  
ATOM   543  H HG22 . THR A 1 7  ? 0.966  3.094   -5.150  1.00 0.00 ? 7  THR A HG22 3  
ATOM   544  H HG23 . THR A 1 7  ? 2.324  2.628   -4.097  1.00 0.00 ? 7  THR A HG23 3  
HETATM 545  N N    . IYR A 1 8  ? 4.006  1.142   -3.883  1.00 0.00 ? 8  IYR A N    3  
HETATM 546  C CA   . IYR A 1 8  ? 4.749  1.192   -2.636  1.00 0.00 ? 8  IYR A CA   3  
HETATM 547  C CB   . IYR A 1 8  ? 5.585  2.505   -2.671  1.00 0.00 ? 8  IYR A CB   3  
HETATM 548  C CC   . IYR A 1 8  ? 6.446  2.739   -3.917  1.00 0.00 ? 8  IYR A CC   3  
HETATM 549  C CD   . IYR A 1 8  ? 6.070  3.712   -4.849  1.00 0.00 ? 8  IYR A CD   3  
HETATM 550  C CE   . IYR A 1 8  ? 6.845  3.933   -5.983  1.00 0.00 ? 8  IYR A CE   3  
HETATM 551  I IE   . IYR A 1 8  ? 6.241  5.410   -7.393  1.00 0.00 ? 8  IYR A IE   3  
HETATM 552  C CF   . IYR A 1 8  ? 8.002  3.186   -6.190  1.00 0.00 ? 8  IYR A CF   3  
HETATM 553  O OF   . IYR A 1 8  ? 8.762  3.399   -7.306  1.00 0.00 ? 8  IYR A OF   3  
HETATM 554  C CG   . IYR A 1 8  ? 8.384  2.218   -5.267  1.00 0.00 ? 8  IYR A CG   3  
HETATM 555  C CH   . IYR A 1 8  ? 7.610  1.994   -4.130  1.00 0.00 ? 8  IYR A CH   3  
HETATM 556  C C    . IYR A 1 8  ? 3.802  1.266   -1.437  1.00 0.00 ? 8  IYR A C    3  
HETATM 557  O O    . IYR A 1 8  ? 2.590  1.392   -1.606  1.00 0.00 ? 8  IYR A O    3  
HETATM 558  H H    . IYR A 1 8  ? 4.338  1.758   -4.598  1.00 0.00 ? 8  IYR A H    3  
HETATM 559  H HA   . IYR A 1 8  ? 5.415  0.321   -2.488  1.00 0.00 ? 8  IYR A HA   3  
HETATM 560  H HB2  . IYR A 1 8  ? 4.912  3.373   -2.516  1.00 0.00 ? 8  IYR A HB2  3  
HETATM 561  H HB3  . IYR A 1 8  ? 6.257  2.542   -1.791  1.00 0.00 ? 8  IYR A HB3  3  
HETATM 562  H HD   . IYR A 1 8  ? 5.166  4.298   -4.686  1.00 0.00 ? 8  IYR A HD   3  
HETATM 563  H HF   . IYR A 1 8  ? 8.350  4.093   -7.825  1.00 0.00 ? 8  IYR A HF   3  
HETATM 564  H HG   . IYR A 1 8  ? 9.289  1.634   -5.432  1.00 0.00 ? 8  IYR A HG   3  
HETATM 565  H HH   . IYR A 1 8  ? 7.913  1.238   -3.406  1.00 0.00 ? 8  IYR A HH   3  
ATOM   566  N N    . THR A 1 9  ? 4.390  1.188   -0.253  1.00 0.00 ? 9  THR A N    3  
ATOM   567  C CA   . THR A 1 9  ? 3.614  1.245   0.975   1.00 0.00 ? 9  THR A CA   3  
ATOM   568  C C    . THR A 1 9  ? 3.137  2.674   1.239   1.00 0.00 ? 9  THR A C    3  
ATOM   569  O O    . THR A 1 9  ? 3.919  3.621   1.143   1.00 0.00 ? 9  THR A O    3  
ATOM   570  C CB   . THR A 1 9  ? 4.471  0.672   2.106   1.00 0.00 ? 9  THR A CB   3  
ATOM   571  O OG1  . THR A 1 9  ? 5.376  1.726   2.422   1.00 0.00 ? 9  THR A OG1  3  
ATOM   572  C CG2  . THR A 1 9  ? 5.376  -0.468  1.634   1.00 0.00 ? 9  THR A CG2  3  
ATOM   573  H H    . THR A 1 9  ? 5.376  1.087   -0.124  1.00 0.00 ? 9  THR A H    3  
ATOM   574  H HA   . THR A 1 9  ? 2.723  0.629   0.848   1.00 0.00 ? 9  THR A HA   3  
ATOM   575  H HB   . THR A 1 9  ? 3.851  0.355   2.943   1.00 0.00 ? 9  THR A HB   3  
ATOM   576  H HG1  . THR A 1 9  ? 5.880  2.001   1.605   1.00 0.00 ? 9  THR A HG1  3  
ATOM   577  H HG21 . THR A 1 9  ? 6.274  -0.499  2.254   1.00 0.00 ? 9  THR A HG21 3  
ATOM   578  H HG22 . THR A 1 9  ? 4.844  -1.414  1.720   1.00 0.00 ? 9  THR A HG22 3  
ATOM   579  H HG23 . THR A 1 9  ? 5.659  -0.302  0.593   1.00 0.00 ? 9  THR A HG23 3  
ATOM   580  N N    . SER A 1 10 ? 1.858  2.786   1.564   1.00 0.00 ? 10 SER A N    3  
ATOM   581  C CA   . SER A 1 10 ? 1.269  4.086   1.843   1.00 0.00 ? 10 SER A CA   3  
ATOM   582  C C    . SER A 1 10 ? 0.954  4.209   3.333   1.00 0.00 ? 10 SER A C    3  
ATOM   583  O O    . SER A 1 10 ? 1.556  5.020   4.035   1.00 0.00 ? 10 SER A O    3  
ATOM   584  C CB   . SER A 1 10 ? 0.005  4.303   0.973   1.00 0.00 ? 10 SER A CB   3  
ATOM   585  O OG   . SER A 1 10 ? -0.383 5.679   0.888   1.00 0.00 ? 10 SER A OG   3  
ATOM   586  H H    . SER A 1 10 ? 1.230  2.013   1.638   1.00 0.00 ? 10 SER A H    3  
ATOM   587  H HA   . SER A 1 10 ? 1.998  4.881   1.602   1.00 0.00 ? 10 SER A HA   3  
ATOM   588  H HB2  . SER A 1 10 ? 0.189  3.929   -0.053  1.00 0.00 ? 10 SER A HB2  3  
ATOM   589  H HB3  . SER A 1 10 ? -0.846 3.701   1.348   1.00 0.00 ? 10 SER A HB3  3  
ATOM   590  H HG   . SER A 1 10 ? -0.612 5.968   1.777   1.00 0.00 ? 10 SER A HG   3  
ATOM   591  N N    . CYS A 1 11 ? 0.009  3.391   3.777   1.00 0.00 ? 11 CYS A N    3  
ATOM   592  C CA   . CYS A 1 11 ? -0.394 3.399   5.172   1.00 0.00 ? 11 CYS A CA   3  
ATOM   593  C C    . CYS A 1 11 ? 0.813  2.990   6.021   1.00 0.00 ? 11 CYS A C    3  
ATOM   594  O O    . CYS A 1 11 ? 1.548  1.957   5.660   1.00 0.00 ? 11 CYS A O    3  
ATOM   595  C CB   . CYS A 1 11 ? -1.599 2.489   5.417   1.00 0.00 ? 11 CYS A CB   3  
ATOM   596  S SG   . CYS A 1 11 ? -2.423 2.726   7.035   1.00 0.00 ? 11 CYS A SG   3  
ATOM   597  H H    . CYS A 1 11 ? -0.476 2.735   3.200   1.00 0.00 ? 11 CYS A H    3  
ATOM   598  H HA   . CYS A 1 11 ? -0.701 4.417   5.403   1.00 0.00 ? 11 CYS A HA   3  
ATOM   599  H HB2  . CYS A 1 11 ? -2.329 2.657   4.625   1.00 0.00 ? 11 CYS A HB2  3  
ATOM   600  H HB3  . CYS A 1 11 ? -1.275 1.452   5.339   1.00 0.00 ? 11 CYS A HB3  3  
ATOM   601  N N    . CYS A 1 1  ? -4.741 3.158   1.530   1.00 0.00 ? 1  CYS A N    4  
ATOM   602  C CA   . CYS A 1 1  ? -4.134 2.172   2.409   1.00 0.00 ? 1  CYS A CA   4  
ATOM   603  C C    . CYS A 1 1  ? -3.456 1.108   1.544   1.00 0.00 ? 1  CYS A C    4  
ATOM   604  O O    . CYS A 1 1  ? -3.093 1.375   0.398   1.00 0.00 ? 1  CYS A O    4  
ATOM   605  C CB   . CYS A 1 1  ? -5.160 1.561   3.367   1.00 0.00 ? 1  CYS A CB   4  
ATOM   606  S SG   . CYS A 1 1  ? -4.651 1.541   5.124   1.00 0.00 ? 1  CYS A SG   4  
ATOM   607  H H1   . CYS A 1 1  ? -5.677 2.835   1.247   1.00 0.00 ? 1  CYS A H1   4  
ATOM   608  H H2   . CYS A 1 1  ? -4.825 4.056   2.028   1.00 0.00 ? 1  CYS A H2   4  
ATOM   609  H HA   . CYS A 1 1  ? -3.401 2.705   3.014   1.00 0.00 ? 1  CYS A HA   4  
ATOM   610  H HB2  . CYS A 1 1  ? -6.094 2.115   3.278   1.00 0.00 ? 1  CYS A HB2  4  
ATOM   611  H HB3  . CYS A 1 1  ? -5.365 0.537   3.051   1.00 0.00 ? 1  CYS A HB3  4  
ATOM   612  N N    . LYS A 1 2  ? -3.302 -0.073  2.124   1.00 0.00 ? 2  LYS A N    4  
ATOM   613  C CA   . LYS A 1 2  ? -2.673 -1.176  1.420   1.00 0.00 ? 2  LYS A CA   4  
ATOM   614  C C    . LYS A 1 2  ? -1.162 -1.130  1.654   1.00 0.00 ? 2  LYS A C    4  
ATOM   615  O O    . LYS A 1 2  ? -0.454 -0.356  1.013   1.00 0.00 ? 2  LYS A O    4  
ATOM   616  C CB   . LYS A 1 2  ? -3.067 -1.163  -0.059  1.00 0.00 ? 2  LYS A CB   4  
ATOM   617  C CG   . LYS A 1 2  ? -3.322 -2.582  -0.571  1.00 0.00 ? 2  LYS A CG   4  
ATOM   618  C CD   . LYS A 1 2  ? -4.733 -3.052  -0.206  1.00 0.00 ? 2  LYS A CD   4  
ATOM   619  C CE   . LYS A 1 2  ? -4.824 -4.578  -0.233  1.00 0.00 ? 2  LYS A CE   4  
ATOM   620  N NZ   . LYS A 1 2  ? -4.598 -5.135  1.119   1.00 0.00 ? 2  LYS A NZ   4  
ATOM   621  H H    . LYS A 1 2  ? -3.601 -0.280  3.056   1.00 0.00 ? 2  LYS A H    4  
ATOM   622  H HA   . LYS A 1 2  ? -3.062 -2.100  1.849   1.00 0.00 ? 2  LYS A HA   4  
ATOM   623  H HB2  . LYS A 1 2  ? -3.963 -0.556  -0.195  1.00 0.00 ? 2  LYS A HB2  4  
ATOM   624  H HB3  . LYS A 1 2  ? -2.276 -0.697  -0.646  1.00 0.00 ? 2  LYS A HB3  4  
ATOM   625  H HG2  . LYS A 1 2  ? -3.195 -2.610  -1.653  1.00 0.00 ? 2  LYS A HG2  4  
ATOM   626  H HG3  . LYS A 1 2  ? -2.586 -3.263  -0.146  1.00 0.00 ? 2  LYS A HG3  4  
ATOM   627  H HD2  . LYS A 1 2  ? -4.996 -2.686  0.787   1.00 0.00 ? 2  LYS A HD2  4  
ATOM   628  H HD3  . LYS A 1 2  ? -5.454 -2.627  -0.903  1.00 0.00 ? 2  LYS A HD3  4  
ATOM   629  H HE2  . LYS A 1 2  ? -5.805 -4.883  -0.599  1.00 0.00 ? 2  LYS A HE2  4  
ATOM   630  H HE3  . LYS A 1 2  ? -4.085 -4.981  -0.927  1.00 0.00 ? 2  LYS A HE3  4  
ATOM   631  H HZ1  . LYS A 1 2  ? -4.297 -6.103  1.086   1.00 0.00 ? 2  LYS A HZ1  4  
ATOM   632  H HZ2  . LYS A 1 2  ? -3.885 -4.624  1.626   1.00 0.00 ? 2  LYS A HZ2  4  
ATOM   633  N N    . PHE A 1 3  ? -0.713 -1.970  2.575   1.00 0.00 ? 3  PHE A N    4  
ATOM   634  C CA   . PHE A 1 3  ? 0.701  -2.035  2.902   1.00 0.00 ? 3  PHE A CA   4  
ATOM   635  C C    . PHE A 1 3  ? 1.494  -2.708  1.779   1.00 0.00 ? 3  PHE A C    4  
ATOM   636  O O    . PHE A 1 3  ? 2.716  -2.817  1.858   1.00 0.00 ? 3  PHE A O    4  
ATOM   637  C CB   . PHE A 1 3  ? 0.828  -2.873  4.175   1.00 0.00 ? 3  PHE A CB   4  
ATOM   638  C CG   . PHE A 1 3  ? 1.877  -2.354  5.161   1.00 0.00 ? 3  PHE A CG   4  
ATOM   639  C CD1  . PHE A 1 3  ? 1.950  -1.026  5.440   1.00 0.00 ? 3  PHE A CD1  4  
ATOM   640  C CD2  . PHE A 1 3  ? 2.739  -3.223  5.756   1.00 0.00 ? 3  PHE A CD2  4  
ATOM   641  C CE1  . PHE A 1 3  ? 2.924  -0.544  6.353   1.00 0.00 ? 3  PHE A CE1  4  
ATOM   642  C CE2  . PHE A 1 3  ? 3.713  -2.742  6.670   1.00 0.00 ? 3  PHE A CE2  4  
ATOM   643  C CZ   . PHE A 1 3  ? 3.786  -1.412  6.949   1.00 0.00 ? 3  PHE A CZ   4  
ATOM   644  H H    . PHE A 1 3  ? -1.295 -2.596  3.093   1.00 0.00 ? 3  PHE A H    4  
ATOM   645  H HA   . PHE A 1 3  ? 1.052  -1.009  3.026   1.00 0.00 ? 3  PHE A HA   4  
ATOM   646  H HB2  . PHE A 1 3  ? -0.140 -2.906  4.675   1.00 0.00 ? 3  PHE A HB2  4  
ATOM   647  H HB3  . PHE A 1 3  ? 1.078  -3.897  3.899   1.00 0.00 ? 3  PHE A HB3  4  
ATOM   648  H HD1  . PHE A 1 3  ? 1.260  -0.331  4.961   1.00 0.00 ? 3  PHE A HD1  4  
ATOM   649  H HD2  . PHE A 1 3  ? 2.680  -4.288  5.532   1.00 0.00 ? 3  PHE A HD2  4  
ATOM   650  H HE1  . PHE A 1 3  ? 2.983  0.522   6.576   1.00 0.00 ? 3  PHE A HE1  4  
ATOM   651  H HE2  . PHE A 1 3  ? 4.402  -3.438  7.148   1.00 0.00 ? 3  PHE A HE2  4  
ATOM   652  H HZ   . PHE A 1 3  ? 4.534  -1.042  7.649   1.00 0.00 ? 3  PHE A HZ   4  
ATOM   653  N N    . PHE A 1 4  ? 0.765  -3.141  0.762   1.00 0.00 ? 4  PHE A N    4  
ATOM   654  C CA   . PHE A 1 4  ? 1.384  -3.800  -0.375  1.00 0.00 ? 4  PHE A CA   4  
ATOM   655  C C    . PHE A 1 4  ? 0.398  -3.924  -1.539  1.00 0.00 ? 4  PHE A C    4  
ATOM   656  O O    . PHE A 1 4  ? -0.814 -3.879  -1.338  1.00 0.00 ? 4  PHE A O    4  
ATOM   657  C CB   . PHE A 1 4  ? 1.789  -5.202  0.086   1.00 0.00 ? 4  PHE A CB   4  
ATOM   658  C CG   . PHE A 1 4  ? 0.820  -5.831  1.090   1.00 0.00 ? 4  PHE A CG   4  
ATOM   659  C CD1  . PHE A 1 4  ? -0.346 -6.379  0.656   1.00 0.00 ? 4  PHE A CD1  4  
ATOM   660  C CD2  . PHE A 1 4  ? 1.125  -5.842  2.416   1.00 0.00 ? 4  PHE A CD2  4  
ATOM   661  C CE1  . PHE A 1 4  ? -1.247 -6.963  1.587   1.00 0.00 ? 4  PHE A CE1  4  
ATOM   662  C CE2  . PHE A 1 4  ? 0.226  -6.425  3.347   1.00 0.00 ? 4  PHE A CE2  4  
ATOM   663  C CZ   . PHE A 1 4  ? -0.941 -6.973  2.911   1.00 0.00 ? 4  PHE A CZ   4  
ATOM   664  H H    . PHE A 1 4  ? -0.230 -3.046  0.706   1.00 0.00 ? 4  PHE A H    4  
ATOM   665  H HA   . PHE A 1 4  ? 2.231  -3.188  -0.682  1.00 0.00 ? 4  PHE A HA   4  
ATOM   666  H HB2  . PHE A 1 4  ? 1.866  -5.853  -0.786  1.00 0.00 ? 4  PHE A HB2  4  
ATOM   667  H HB3  . PHE A 1 4  ? 2.780  -5.152  0.536   1.00 0.00 ? 4  PHE A HB3  4  
ATOM   668  H HD1  . PHE A 1 4  ? -0.592 -6.370  -0.406  1.00 0.00 ? 4  PHE A HD1  4  
ATOM   669  H HD2  . PHE A 1 4  ? 2.060  -5.402  2.762   1.00 0.00 ? 4  PHE A HD2  4  
ATOM   670  H HE1  . PHE A 1 4  ? -2.182 -7.401  1.240   1.00 0.00 ? 4  PHE A HE1  4  
ATOM   671  H HE2  . PHE A 1 4  ? 0.471  -6.436  4.408   1.00 0.00 ? 4  PHE A HE2  4  
ATOM   672  H HZ   . PHE A 1 4  ? -1.632 -7.420  3.626   1.00 0.00 ? 4  PHE A HZ   4  
HETATM 673  N N    . DTR A 1 5  ? 0.958  -4.080  -2.731  1.00 0.00 ? 5  DTR A N    4  
HETATM 674  C CA   . DTR A 1 5  ? 0.143  -4.213  -3.927  1.00 0.00 ? 5  DTR A CA   4  
HETATM 675  C CB   . DTR A 1 5  ? 1.102  -4.582  -5.063  1.00 0.00 ? 5  DTR A CB   4  
HETATM 676  C CG   . DTR A 1 5  ? 1.707  -5.981  -4.934  1.00 0.00 ? 5  DTR A CG   4  
HETATM 677  C CD1  . DTR A 1 5  ? 2.368  -6.503  -3.892  1.00 0.00 ? 5  DTR A CD1  4  
HETATM 678  N NE1  . DTR A 1 5  ? 2.768  -7.800  -4.142  1.00 0.00 ? 5  DTR A NE1  4  
HETATM 679  C CE2  . DTR A 1 5  ? 2.335  -8.127  -5.424  1.00 0.00 ? 5  DTR A CE2  4  
HETATM 680  C CZ2  . DTR A 1 5  ? 2.492  -9.322  -6.136  1.00 0.00 ? 5  DTR A CZ2  4  
HETATM 681  C CH2  . DTR A 1 5  ? 1.941  -9.357  -7.423  1.00 0.00 ? 5  DTR A CH2  4  
HETATM 682  C CZ3  . DTR A 1 5  ? 1.284  -8.238  -7.920  1.00 0.00 ? 5  DTR A CZ3  4  
HETATM 683  C CE3  . DTR A 1 5  ? 1.117  -7.036  -7.221  1.00 0.00 ? 5  DTR A CE3  4  
HETATM 684  C CD2  . DTR A 1 5  ? 1.679  -7.026  -5.931  1.00 0.00 ? 5  DTR A CD2  4  
HETATM 685  C C    . DTR A 1 5  ? -0.575 -2.881  -4.159  1.00 0.00 ? 5  DTR A C    4  
HETATM 686  O O    . DTR A 1 5  ? -0.360 -1.920  -3.424  1.00 0.00 ? 5  DTR A O    4  
HETATM 687  H H    . DTR A 1 5  ? 1.944  -4.117  -2.885  1.00 0.00 ? 5  DTR A H    4  
HETATM 688  H HA   . DTR A 1 5  ? -0.579 -5.001  -3.722  1.00 0.00 ? 5  DTR A HA   4  
HETATM 689  H HB2  . DTR A 1 5  ? 0.569  -4.513  -6.010  1.00 0.00 ? 5  DTR A HB2  4  
HETATM 690  H HB3  . DTR A 1 5  ? 1.910  -3.851  -5.095  1.00 0.00 ? 5  DTR A HB3  4  
HETATM 691  H HD1  . DTR A 1 5  ? 2.567  -5.969  -2.963  1.00 0.00 ? 5  DTR A HD1  4  
HETATM 692  H HE1  . DTR A 1 5  ? 3.320  -8.448  -3.464  1.00 0.00 ? 5  DTR A HE1  4  
HETATM 693  H HZ2  . DTR A 1 5  ? 3.015  -10.179 -5.712  1.00 0.00 ? 5  DTR A HZ2  4  
HETATM 694  H HH2  . DTR A 1 5  ? 2.027  -10.256 -8.031  1.00 0.00 ? 5  DTR A HH2  4  
HETATM 695  H HZ3  . DTR A 1 5  ? 0.868  -8.300  -8.926  1.00 0.00 ? 5  DTR A HZ3  4  
HETATM 696  H HE3  . DTR A 1 5  ? 0.595  -6.177  -7.642  1.00 0.00 ? 5  DTR A HE3  4  
HETATM 697  N N    . IAM A 1 6  ? -1.415 -2.870  -5.184  1.00 0.00 ? 6  IAM A N    4  
HETATM 698  C CA   . IAM A 1 6  ? -2.166 -1.674  -5.522  1.00 0.00 ? 6  IAM A CA   4  
HETATM 699  C CB   . IAM A 1 6  ? -3.026 -1.328  -4.305  1.00 0.00 ? 6  IAM A CB   4  
HETATM 700  C CG   . IAM A 1 6  ? -3.574 0.100   -4.316  1.00 0.00 ? 6  IAM A CG   4  
HETATM 701  C CD1  . IAM A 1 6  ? -4.101 0.619   -5.459  1.00 0.00 ? 6  IAM A CD1  4  
HETATM 702  C CE1  . IAM A 1 6  ? -4.611 1.944   -5.470  1.00 0.00 ? 6  IAM A CE1  4  
HETATM 703  C CZ   . IAM A 1 6  ? -4.570 2.696   -4.338  1.00 0.00 ? 6  IAM A CZ   4  
HETATM 704  C CE2  . IAM A 1 6  ? -4.043 2.180   -3.195  1.00 0.00 ? 6  IAM A CE2  4  
HETATM 705  C CD2  . IAM A 1 6  ? -3.534 0.853   -3.185  1.00 0.00 ? 6  IAM A CD2  4  
HETATM 706  C CT   . IAM A 1 6  ? -5.122 4.133   -4.349  1.00 0.00 ? 6  IAM A CT   4  
HETATM 707  N NH   . IAM A 1 6  ? -4.447 4.910   -5.409  1.00 0.00 ? 6  IAM A NH   4  
HETATM 708  C CI   . IAM A 1 6  ? -5.247 5.625   -6.428  1.00 0.00 ? 6  IAM A CI   4  
HETATM 709  C CK1  . IAM A 1 6  ? -4.332 6.571   -7.228  1.00 0.00 ? 6  IAM A CK1  4  
HETATM 710  C CK2  . IAM A 1 6  ? -6.350 6.441   -5.733  1.00 0.00 ? 6  IAM A CK2  4  
HETATM 711  C C    . IAM A 1 6  ? -1.230 -0.502  -5.819  1.00 0.00 ? 6  IAM A C    4  
HETATM 712  O O    . IAM A 1 6  ? -0.992 -0.170  -6.978  1.00 0.00 ? 6  IAM A O    4  
HETATM 713  H H    . IAM A 1 6  ? -1.584 -3.657  -5.777  1.00 0.00 ? 6  IAM A H    4  
HETATM 714  H HA   . IAM A 1 6  ? -2.753 -1.902  -6.413  1.00 0.00 ? 6  IAM A HA   4  
HETATM 715  H HB   . IAM A 1 6  ? -2.434 -1.471  -3.402  1.00 0.00 ? 6  IAM A HB   4  
HETATM 716  H HB1  . IAM A 1 6  ? -3.862 -2.024  -4.253  1.00 0.00 ? 6  IAM A HB1  4  
HETATM 717  H HD1  . IAM A 1 6  ? -4.133 0.015   -6.366  1.00 0.00 ? 6  IAM A HD1  4  
HETATM 718  H HE1  . IAM A 1 6  ? -5.034 2.358   -6.385  1.00 0.00 ? 6  IAM A HE1  4  
HETATM 719  H HE2  . IAM A 1 6  ? -4.013 2.783   -2.288  1.00 0.00 ? 6  IAM A HE2  4  
HETATM 720  H HD2  . IAM A 1 6  ? -3.111 0.439   -2.270  1.00 0.00 ? 6  IAM A HD2  4  
HETATM 721  H HT1  . IAM A 1 6  ? -4.943 4.591   -3.398  1.00 0.00 ? 6  IAM A HT1  4  
HETATM 722  H HT2  . IAM A 1 6  ? -6.176 4.109   -4.543  1.00 0.00 ? 6  IAM A HT2  4  
HETATM 723  H HH   . IAM A 1 6  ? -3.417 4.956   -5.438  1.00 0.00 ? 6  IAM A HH   4  
HETATM 724  H HI   . IAM A 1 6  ? -5.692 4.915   -7.092  1.00 0.00 ? 6  IAM A HI   4  
HETATM 725  H HK11 . IAM A 1 6  ? -3.886 7.283   -6.564  1.00 0.00 ? 6  IAM A HK11 4  
HETATM 726  H HK12 . IAM A 1 6  ? -3.565 6.003   -7.710  1.00 0.00 ? 6  IAM A HK12 4  
HETATM 727  H HK13 . IAM A 1 6  ? -4.911 7.088   -7.965  1.00 0.00 ? 6  IAM A HK13 4  
HETATM 728  H HK21 . IAM A 1 6  ? -6.985 5.784   -5.177  1.00 0.00 ? 6  IAM A HK21 4  
HETATM 729  H HK22 . IAM A 1 6  ? -5.905 7.152   -5.067  1.00 0.00 ? 6  IAM A HK22 4  
HETATM 730  H HK23 . IAM A 1 6  ? -6.931 6.958   -6.468  1.00 0.00 ? 6  IAM A HK23 4  
ATOM   731  N N    . THR A 1 7  ? -0.719 0.092   -4.748  1.00 0.00 ? 7  THR A N    4  
ATOM   732  C CA   . THR A 1 7  ? 0.188  1.220   -4.881  1.00 0.00 ? 7  THR A CA   4  
ATOM   733  C C    . THR A 1 7  ? 1.250  1.180   -3.779  1.00 0.00 ? 7  THR A C    4  
ATOM   734  O O    . THR A 1 7  ? 1.583  0.111   -3.272  1.00 0.00 ? 7  THR A O    4  
ATOM   735  C CB   . THR A 1 7  ? -0.648 2.502   -4.874  1.00 0.00 ? 7  THR A CB   4  
ATOM   736  O OG1  . THR A 1 7  ? 0.301  3.536   -5.123  1.00 0.00 ? 7  THR A OG1  4  
ATOM   737  C CG2  . THR A 1 7  ? -1.202 2.832   -3.486  1.00 0.00 ? 7  THR A CG2  4  
ATOM   738  H H    . THR A 1 7  ? -0.918 -0.183  -3.808  1.00 0.00 ? 7  THR A H    4  
ATOM   739  H HA   . THR A 1 7  ? 0.711  1.133   -5.833  1.00 0.00 ? 7  THR A HA   4  
ATOM   740  H HB   . THR A 1 7  ? -1.449 2.449   -5.609  1.00 0.00 ? 7  THR A HB   4  
ATOM   741  H HG1  . THR A 1 7  ? 1.032  3.501   -4.441  1.00 0.00 ? 7  THR A HG1  4  
ATOM   742  H HG21 . THR A 1 7  ? -1.325 3.912   -3.392  1.00 0.00 ? 7  THR A HG21 4  
ATOM   743  H HG22 . THR A 1 7  ? -2.167 2.344   -3.355  1.00 0.00 ? 7  THR A HG22 4  
ATOM   744  H HG23 . THR A 1 7  ? -0.508 2.478   -2.723  1.00 0.00 ? 7  THR A HG23 4  
HETATM 745  N N    . IYR A 1 8  ? 1.750  2.360   -3.444  1.00 0.00 ? 8  IYR A N    4  
HETATM 746  C CA   . IYR A 1 8  ? 2.768  2.474   -2.412  1.00 0.00 ? 8  IYR A CA   4  
HETATM 747  C CB   . IYR A 1 8  ? 2.843  3.981   -2.029  1.00 0.00 ? 8  IYR A CB   4  
HETATM 748  C CC   . IYR A 1 8  ? 3.009  4.977   -3.183  1.00 0.00 ? 8  IYR A CC   4  
HETATM 749  C CD   . IYR A 1 8  ? 1.914  5.735   -3.607  1.00 0.00 ? 8  IYR A CD   4  
HETATM 750  C CE   . IYR A 1 8  ? 2.053  6.643   -4.654  1.00 0.00 ? 8  IYR A CE   4  
HETATM 751  I IE   . IYR A 1 8  ? 0.365  7.775   -5.291  1.00 0.00 ? 8  IYR A IE   4  
HETATM 752  C CF   . IYR A 1 8  ? 3.289  6.800   -5.275  1.00 0.00 ? 8  IYR A CF   4  
HETATM 753  O OF   . IYR A 1 8  ? 3.427  7.690   -6.304  1.00 0.00 ? 8  IYR A OF   4  
HETATM 754  C CG   . IYR A 1 8  ? 4.384  6.051   -4.856  1.00 0.00 ? 8  IYR A CG   4  
HETATM 755  C CH   . IYR A 1 8  ? 4.246  5.143   -3.809  1.00 0.00 ? 8  IYR A CH   4  
HETATM 756  C C    . IYR A 1 8  ? 2.372  1.687   -1.162  1.00 0.00 ? 8  IYR A C    4  
HETATM 757  O O    . IYR A 1 8  ? 1.288  1.107   -1.106  1.00 0.00 ? 8  IYR A O    4  
HETATM 758  H H    . IYR A 1 8  ? 1.474  3.225   -3.861  1.00 0.00 ? 8  IYR A H    4  
HETATM 759  H HA   . IYR A 1 8  ? 3.762  2.115   -2.739  1.00 0.00 ? 8  IYR A HA   4  
HETATM 760  H HB2  . IYR A 1 8  ? 1.949  4.251   -1.430  1.00 0.00 ? 8  IYR A HB2  4  
HETATM 761  H HB3  . IYR A 1 8  ? 3.682  4.146   -1.325  1.00 0.00 ? 8  IYR A HB3  4  
HETATM 762  H HD   . IYR A 1 8  ? 0.946  5.613   -3.119  1.00 0.00 ? 8  IYR A HD   4  
HETATM 763  H HF   . IYR A 1 8  ? 2.579  8.110   -6.458  1.00 0.00 ? 8  IYR A HF   4  
HETATM 764  H HG   . IYR A 1 8  ? 5.351  6.177   -5.346  1.00 0.00 ? 8  IYR A HG   4  
HETATM 765  H HH   . IYR A 1 8  ? 5.107  4.559   -3.480  1.00 0.00 ? 8  IYR A HH   4  
ATOM   766  N N    . THR A 1 9  ? 3.271  1.691   -0.189  1.00 0.00 ? 9  THR A N    4  
ATOM   767  C CA   . THR A 1 9  ? 3.028  0.985   1.057   1.00 0.00 ? 9  THR A CA   4  
ATOM   768  C C    . THR A 1 9  ? 2.774  1.979   2.192   1.00 0.00 ? 9  THR A C    4  
ATOM   769  O O    . THR A 1 9  ? 2.932  3.186   2.013   1.00 0.00 ? 9  THR A O    4  
ATOM   770  C CB   . THR A 1 9  ? 4.221  0.061   1.316   1.00 0.00 ? 9  THR A CB   4  
ATOM   771  O OG1  . THR A 1 9  ? 5.311  0.953   1.537   1.00 0.00 ? 9  THR A OG1  4  
ATOM   772  C CG2  . THR A 1 9  ? 4.630  -0.729  0.072   1.00 0.00 ? 9  THR A CG2  4  
ATOM   773  H H    . THR A 1 9  ? 4.151  2.165   -0.242  1.00 0.00 ? 9  THR A H    4  
ATOM   774  H HA   . THR A 1 9  ? 2.123  0.389   0.944   1.00 0.00 ? 9  THR A HA   4  
ATOM   775  H HB   . THR A 1 9  ? 4.020  -0.608  2.154   1.00 0.00 ? 9  THR A HB   4  
ATOM   776  H HG1  . THR A 1 9  ? 5.411  1.567   0.755   1.00 0.00 ? 9  THR A HG1  4  
ATOM   777  H HG21 . THR A 1 9  ? 5.696  -0.950  0.118   1.00 0.00 ? 9  THR A HG21 4  
ATOM   778  H HG22 . THR A 1 9  ? 4.068  -1.662  0.033   1.00 0.00 ? 9  THR A HG22 4  
ATOM   779  H HG23 . THR A 1 9  ? 4.418  -0.139  -0.820  1.00 0.00 ? 9  THR A HG23 4  
ATOM   780  N N    . SER A 1 10 ? 2.384  1.436   3.336   1.00 0.00 ? 10 SER A N    4  
ATOM   781  C CA   . SER A 1 10 ? 2.105  2.259   4.499   1.00 0.00 ? 10 SER A CA   4  
ATOM   782  C C    . SER A 1 10 ? 0.917  3.181   4.216   1.00 0.00 ? 10 SER A C    4  
ATOM   783  O O    . SER A 1 10 ? 0.984  4.030   3.327   1.00 0.00 ? 10 SER A O    4  
ATOM   784  C CB   . SER A 1 10 ? 3.365  3.060   4.909   1.00 0.00 ? 10 SER A CB   4  
ATOM   785  O OG   . SER A 1 10 ? 3.059  4.208   5.708   1.00 0.00 ? 10 SER A OG   4  
ATOM   786  H H    . SER A 1 10 ? 2.257  0.453   3.473   1.00 0.00 ? 10 SER A H    4  
ATOM   787  H HA   . SER A 1 10 ? 1.812  1.611   5.347   1.00 0.00 ? 10 SER A HA   4  
ATOM   788  H HB2  . SER A 1 10 ? 4.052  2.407   5.482   1.00 0.00 ? 10 SER A HB2  4  
ATOM   789  H HB3  . SER A 1 10 ? 3.945  3.374   4.019   1.00 0.00 ? 10 SER A HB3  4  
ATOM   790  H HG   . SER A 1 10 ? 2.524  4.799   5.171   1.00 0.00 ? 10 SER A HG   4  
ATOM   791  N N    . CYS A 1 11 ? -0.143 2.984   4.986   1.00 0.00 ? 11 CYS A N    4  
ATOM   792  C CA   . CYS A 1 11 ? -1.343 3.787   4.828   1.00 0.00 ? 11 CYS A CA   4  
ATOM   793  C C    . CYS A 1 11 ? -0.936 5.261   4.827   1.00 0.00 ? 11 CYS A C    4  
ATOM   794  O O    . CYS A 1 11 ? -0.511 5.825   5.943   1.00 0.00 ? 11 CYS A O    4  
ATOM   795  C CB   . CYS A 1 11 ? -2.375 3.481   5.915   1.00 0.00 ? 11 CYS A CB   4  
ATOM   796  S SG   . CYS A 1 11 ? -4.118 3.557   5.362   1.00 0.00 ? 11 CYS A SG   4  
ATOM   797  H H    . CYS A 1 11 ? -0.189 2.291   5.706   1.00 0.00 ? 11 CYS A H    4  
ATOM   798  H HA   . CYS A 1 11 ? -1.784 3.506   3.873   1.00 0.00 ? 11 CYS A HA   4  
ATOM   799  H HB2  . CYS A 1 11 ? -2.177 2.484   6.313   1.00 0.00 ? 11 CYS A HB2  4  
ATOM   800  H HB3  . CYS A 1 11 ? -2.238 4.185   6.736   1.00 0.00 ? 11 CYS A HB3  4  
ATOM   801  N N    . CYS A 1 1  ? -5.383 -0.566  6.003   1.00 0.00 ? 1  CYS A N    5  
ATOM   802  C CA   . CYS A 1 1  ? -5.197 0.132   4.741   1.00 0.00 ? 1  CYS A CA   5  
ATOM   803  C C    . CYS A 1 1  ? -4.635 -0.860  3.723   1.00 0.00 ? 1  CYS A C    5  
ATOM   804  O O    . CYS A 1 1  ? -4.706 -2.072  3.923   1.00 0.00 ? 1  CYS A O    5  
ATOM   805  C CB   . CYS A 1 1  ? -4.298 1.358   4.901   1.00 0.00 ? 1  CYS A CB   5  
ATOM   806  S SG   . CYS A 1 1  ? -3.688 1.647   6.603   1.00 0.00 ? 1  CYS A SG   5  
ATOM   807  H H1   . CYS A 1 1  ? -5.577 0.117   6.748   1.00 0.00 ? 1  CYS A H1   5  
ATOM   808  H H2   . CYS A 1 1  ? -6.174 -1.219  5.921   1.00 0.00 ? 1  CYS A H2   5  
ATOM   809  H HA   . CYS A 1 1  ? -6.180 0.487   4.433   1.00 0.00 ? 1  CYS A HA   5  
ATOM   810  H HB2  . CYS A 1 1  ? -3.439 1.251   4.236   1.00 0.00 ? 1  CYS A HB2  5  
ATOM   811  H HB3  . CYS A 1 1  ? -4.846 2.241   4.572   1.00 0.00 ? 1  CYS A HB3  5  
ATOM   812  N N    . LYS A 1 2  ? -4.086 -0.310  2.648   1.00 0.00 ? 2  LYS A N    5  
ATOM   813  C CA   . LYS A 1 2  ? -3.512 -1.131  1.596   1.00 0.00 ? 2  LYS A CA   5  
ATOM   814  C C    . LYS A 1 2  ? -1.985 -1.047  1.666   1.00 0.00 ? 2  LYS A C    5  
ATOM   815  O O    . LYS A 1 2  ? -1.333 -0.721  0.674   1.00 0.00 ? 2  LYS A O    5  
ATOM   816  C CB   . LYS A 1 2  ? -4.088 -0.740  0.234   1.00 0.00 ? 2  LYS A CB   5  
ATOM   817  C CG   . LYS A 1 2  ? -5.214 -1.690  -0.179  1.00 0.00 ? 2  LYS A CG   5  
ATOM   818  C CD   . LYS A 1 2  ? -4.650 -3.020  -0.683  1.00 0.00 ? 2  LYS A CD   5  
ATOM   819  C CE   . LYS A 1 2  ? -5.468 -3.550  -1.863  1.00 0.00 ? 2  LYS A CE   5  
ATOM   820  N NZ   . LYS A 1 2  ? -6.796 -4.012  -1.408  1.00 0.00 ? 2  LYS A NZ   5  
ATOM   821  H H    . LYS A 1 2  ? -4.031 0.676   2.492   1.00 0.00 ? 2  LYS A H    5  
ATOM   822  H HA   . LYS A 1 2  ? -3.809 -2.162  1.788   1.00 0.00 ? 2  LYS A HA   5  
ATOM   823  H HB2  . LYS A 1 2  ? -4.467 0.281   0.276   1.00 0.00 ? 2  LYS A HB2  5  
ATOM   824  H HB3  . LYS A 1 2  ? -3.299 -0.756  -0.517  1.00 0.00 ? 2  LYS A HB3  5  
ATOM   825  H HG2  . LYS A 1 2  ? -5.874 -1.867  0.668   1.00 0.00 ? 2  LYS A HG2  5  
ATOM   826  H HG3  . LYS A 1 2  ? -5.815 -1.227  -0.960  1.00 0.00 ? 2  LYS A HG3  5  
ATOM   827  H HD2  . LYS A 1 2  ? -3.611 -2.888  -0.984  1.00 0.00 ? 2  LYS A HD2  5  
ATOM   828  H HD3  . LYS A 1 2  ? -4.656 -3.752  0.125   1.00 0.00 ? 2  LYS A HD3  5  
ATOM   829  H HE2  . LYS A 1 2  ? -5.586 -2.765  -2.611  1.00 0.00 ? 2  LYS A HE2  5  
ATOM   830  H HE3  . LYS A 1 2  ? -4.935 -4.370  -2.343  1.00 0.00 ? 2  LYS A HE3  5  
ATOM   831  H HZ1  . LYS A 1 2  ? -7.210 -4.676  -2.052  1.00 0.00 ? 2  LYS A HZ1  5  
ATOM   832  H HZ2  . LYS A 1 2  ? -6.748 -4.473  -0.505  1.00 0.00 ? 2  LYS A HZ2  5  
ATOM   833  N N    . PHE A 1 3  ? -1.460 -1.343  2.845   1.00 0.00 ? 3  PHE A N    5  
ATOM   834  C CA   . PHE A 1 3  ? -0.024 -1.305  3.057   1.00 0.00 ? 3  PHE A CA   5  
ATOM   835  C C    . PHE A 1 3  ? 0.725  -1.821  1.827   1.00 0.00 ? 3  PHE A C    5  
ATOM   836  O O    . PHE A 1 3  ? 1.847  -1.396  1.554   1.00 0.00 ? 3  PHE A O    5  
ATOM   837  C CB   . PHE A 1 3  ? 0.279  -2.219  4.245   1.00 0.00 ? 3  PHE A CB   5  
ATOM   838  C CG   . PHE A 1 3  ? 1.693  -2.803  4.237   1.00 0.00 ? 3  PHE A CG   5  
ATOM   839  C CD1  . PHE A 1 3  ? 2.765  -1.987  4.053   1.00 0.00 ? 3  PHE A CD1  5  
ATOM   840  C CD2  . PHE A 1 3  ? 1.877  -4.140  4.411   1.00 0.00 ? 3  PHE A CD2  5  
ATOM   841  C CE1  . PHE A 1 3  ? 4.077  -2.529  4.046   1.00 0.00 ? 3  PHE A CE1  5  
ATOM   842  C CE2  . PHE A 1 3  ? 3.189  -4.682  4.405   1.00 0.00 ? 3  PHE A CE2  5  
ATOM   843  C CZ   . PHE A 1 3  ? 4.261  -3.865  4.222   1.00 0.00 ? 3  PHE A CZ   5  
ATOM   844  H H    . PHE A 1 3  ? -1.998 -1.606  3.646   1.00 0.00 ? 3  PHE A H    5  
ATOM   845  H HA   . PHE A 1 3  ? 0.248  -0.263  3.235   1.00 0.00 ? 3  PHE A HA   5  
ATOM   846  H HB2  . PHE A 1 3  ? 0.134  -1.656  5.169   1.00 0.00 ? 3  PHE A HB2  5  
ATOM   847  H HB3  . PHE A 1 3  ? -0.440 -3.037  4.254   1.00 0.00 ? 3  PHE A HB3  5  
ATOM   848  H HD1  . PHE A 1 3  ? 2.617  -0.916  3.913   1.00 0.00 ? 3  PHE A HD1  5  
ATOM   849  H HD2  . PHE A 1 3  ? 1.017  -4.793  4.558   1.00 0.00 ? 3  PHE A HD2  5  
ATOM   850  H HE1  . PHE A 1 3  ? 4.936  -1.875  3.898   1.00 0.00 ? 3  PHE A HE1  5  
ATOM   851  H HE2  . PHE A 1 3  ? 3.336  -5.753  4.546   1.00 0.00 ? 3  PHE A HE2  5  
ATOM   852  H HZ   . PHE A 1 3  ? 5.268  -4.282  4.217   1.00 0.00 ? 3  PHE A HZ   5  
ATOM   853  N N    . PHE A 1 4  ? 0.074  -2.731  1.116   1.00 0.00 ? 4  PHE A N    5  
ATOM   854  C CA   . PHE A 1 4  ? 0.665  -3.310  -0.079  1.00 0.00 ? 4  PHE A CA   5  
ATOM   855  C C    . PHE A 1 4  ? -0.307 -3.243  -1.258  1.00 0.00 ? 4  PHE A C    5  
ATOM   856  O O    . PHE A 1 4  ? -1.359 -2.613  -1.165  1.00 0.00 ? 4  PHE A O    5  
ATOM   857  C CB   . PHE A 1 4  ? 0.965  -4.776  0.237   1.00 0.00 ? 4  PHE A CB   5  
ATOM   858  C CG   . PHE A 1 4  ? -0.172 -5.503  0.958   1.00 0.00 ? 4  PHE A CG   5  
ATOM   859  C CD1  . PHE A 1 4  ? -1.384 -5.634  0.356   1.00 0.00 ? 4  PHE A CD1  5  
ATOM   860  C CD2  . PHE A 1 4  ? 0.029  -6.018  2.201   1.00 0.00 ? 4  PHE A CD2  5  
ATOM   861  C CE1  . PHE A 1 4  ? -2.441 -6.309  1.024   1.00 0.00 ? 4  PHE A CE1  5  
ATOM   862  C CE2  . PHE A 1 4  ? -1.026 -6.693  2.869   1.00 0.00 ? 4  PHE A CE2  5  
ATOM   863  C CZ   . PHE A 1 4  ? -2.238 -6.824  2.267   1.00 0.00 ? 4  PHE A CZ   5  
ATOM   864  H H    . PHE A 1 4  ? -0.837 -3.072  1.344   1.00 0.00 ? 4  PHE A H    5  
ATOM   865  H HA   . PHE A 1 4  ? 1.558  -2.729  -0.312  1.00 0.00 ? 4  PHE A HA   5  
ATOM   866  H HB2  . PHE A 1 4  ? 1.185  -5.300  -0.694  1.00 0.00 ? 4  PHE A HB2  5  
ATOM   867  H HB3  . PHE A 1 4  ? 1.863  -4.829  0.853   1.00 0.00 ? 4  PHE A HB3  5  
ATOM   868  H HD1  . PHE A 1 4  ? -1.545 -5.222  -0.640  1.00 0.00 ? 4  PHE A HD1  5  
ATOM   869  H HD2  . PHE A 1 4  ? 1.001  -5.912  2.684   1.00 0.00 ? 4  PHE A HD2  5  
ATOM   870  H HE1  . PHE A 1 4  ? -3.412 -6.415  0.543   1.00 0.00 ? 4  PHE A HE1  5  
ATOM   871  H HE2  . PHE A 1 4  ? -0.864 -7.106  3.866   1.00 0.00 ? 4  PHE A HE2  5  
ATOM   872  H HZ   . PHE A 1 4  ? -3.049 -7.341  2.781   1.00 0.00 ? 4  PHE A HZ   5  
HETATM 873  N N    . DTR A 1 5  ? 0.081  -3.900  -2.342  1.00 0.00 ? 5  DTR A N    5  
HETATM 874  C CA   . DTR A 1 5  ? -0.742 -3.922  -3.539  1.00 0.00 ? 5  DTR A CA   5  
HETATM 875  C CB   . DTR A 1 5  ? -0.080 -4.912  -4.500  1.00 0.00 ? 5  DTR A CB   5  
HETATM 876  C CG   . DTR A 1 5  ? -0.189 -6.373  -4.060  1.00 0.00 ? 5  DTR A CG   5  
HETATM 877  C CD1  . DTR A 1 5  ? 0.391  -6.964  -3.006  1.00 0.00 ? 5  DTR A CD1  5  
HETATM 878  N NE1  . DTR A 1 5  ? 0.061  -8.301  -2.931  1.00 0.00 ? 5  DTR A NE1  5  
HETATM 879  C CE2  . DTR A 1 5  ? -0.782 -8.582  -4.002  1.00 0.00 ? 5  DTR A CE2  5  
HETATM 880  C CZ2  . DTR A 1 5  ? -1.386 -9.793  -4.362  1.00 0.00 ? 5  DTR A CZ2  5  
HETATM 881  C CH2  . DTR A 1 5  ? -2.194 -9.770  -5.506  1.00 0.00 ? 5  DTR A CH2  5  
HETATM 882  C CZ3  . DTR A 1 5  ? -2.354 -8.581  -6.211  1.00 0.00 ? 5  DTR A CZ3  5  
HETATM 883  C CE3  . DTR A 1 5  ? -1.757 -7.363  -5.863  1.00 0.00 ? 5  DTR A CE3  5  
HETATM 884  C CD2  . DTR A 1 5  ? -0.951 -7.412  -4.711  1.00 0.00 ? 5  DTR A CD2  5  
HETATM 885  C C    . DTR A 1 5  ? -0.807 -2.498  -4.095  1.00 0.00 ? 5  DTR A C    5  
HETATM 886  O O    . DTR A 1 5  ? -0.196 -1.585  -3.543  1.00 0.00 ? 5  DTR A O    5  
HETATM 887  H H    . DTR A 1 5  ? 0.939  -4.409  -2.410  1.00 0.00 ? 5  DTR A H    5  
HETATM 888  H HA   . DTR A 1 5  ? -1.733 -4.249  -3.223  1.00 0.00 ? 5  DTR A HA   5  
HETATM 889  H HB2  . DTR A 1 5  ? -0.533 -4.804  -5.485  1.00 0.00 ? 5  DTR A HB2  5  
HETATM 890  H HB3  . DTR A 1 5  ? 0.974  -4.652  -4.602  1.00 0.00 ? 5  DTR A HB3  5  
HETATM 891  H HD1  . DTR A 1 5  ? 1.042  -6.453  -2.298  1.00 0.00 ? 5  DTR A HD1  5  
HETATM 892  H HE1  . DTR A 1 5  ? 0.396  -9.008  -2.173  1.00 0.00 ? 5  DTR A HE1  5  
HETATM 893  H HZ2  . DTR A 1 5  ? -1.237 -10.705 -3.785  1.00 0.00 ? 5  DTR A HZ2  5  
HETATM 894  H HH2  . DTR A 1 5  ? -2.694 -10.677 -5.842  1.00 0.00 ? 5  DTR A HH2  5  
HETATM 895  H HZ3  . DTR A 1 5  ? -2.989 -8.599  -7.096  1.00 0.00 ? 5  DTR A HZ3  5  
HETATM 896  H HE3  . DTR A 1 5  ? -1.905 -6.450  -6.438  1.00 0.00 ? 5  DTR A HE3  5  
HETATM 897  N N    . IAM A 1 6  ? -1.552 -2.354  -5.181  1.00 0.00 ? 6  IAM A N    5  
HETATM 898  C CA   . IAM A 1 6  ? -1.704 -1.058  -5.818  1.00 0.00 ? 6  IAM A CA   5  
HETATM 899  C CB   . IAM A 1 6  ? -2.355 -0.129  -4.791  1.00 0.00 ? 6  IAM A CB   5  
HETATM 900  C CG   . IAM A 1 6  ? -2.245 1.358   -5.140  1.00 0.00 ? 6  IAM A CG   5  
HETATM 901  C CD1  . IAM A 1 6  ? -2.112 1.743   -6.437  1.00 0.00 ? 6  IAM A CD1  5  
HETATM 902  C CE1  . IAM A 1 6  ? -2.011 3.123   -6.760  1.00 0.00 ? 6  IAM A CE1  5  
HETATM 903  C CZ   . IAM A 1 6  ? -2.046 4.057   -5.773  1.00 0.00 ? 6  IAM A CZ   5  
HETATM 904  C CE2  . IAM A 1 6  ? -2.180 3.671   -4.476  1.00 0.00 ? 6  IAM A CE2  5  
HETATM 905  C CD2  . IAM A 1 6  ? -2.281 2.291   -4.153  1.00 0.00 ? 6  IAM A CD2  5  
HETATM 906  C CT   . IAM A 1 6  ? -1.938 5.551   -6.123  1.00 0.00 ? 6  IAM A CT   5  
HETATM 907  N NH   . IAM A 1 6  ? -3.003 6.298   -5.421  1.00 0.00 ? 6  IAM A NH   5  
HETATM 908  C CI   . IAM A 1 6  ? -4.417 6.131   -5.826  1.00 0.00 ? 6  IAM A CI   5  
HETATM 909  C CK1  . IAM A 1 6  ? -5.102 5.116   -4.894  1.00 0.00 ? 6  IAM A CK1  5  
HETATM 910  C CK2  . IAM A 1 6  ? -4.476 5.620   -7.276  1.00 0.00 ? 6  IAM A CK2  5  
HETATM 911  C C    . IAM A 1 6  ? -0.344 -0.481  -6.219  1.00 0.00 ? 6  IAM A C    5  
HETATM 912  O O    . IAM A 1 6  ? 0.065  -0.594  -7.374  1.00 0.00 ? 6  IAM A O    5  
HETATM 913  H H    . IAM A 1 6  ? -2.046 -3.103  -5.623  1.00 0.00 ? 6  IAM A H    5  
HETATM 914  H HA   . IAM A 1 6  ? -2.311 -1.205  -6.710  1.00 0.00 ? 6  IAM A HA   5  
HETATM 915  H HB   . IAM A 1 6  ? -1.894 -0.297  -3.819  1.00 0.00 ? 6  IAM A HB   5  
HETATM 916  H HB1  . IAM A 1 6  ? -3.408 -0.391  -4.696  1.00 0.00 ? 6  IAM A HB1  5  
HETATM 917  H HD1  . IAM A 1 6  ? -2.083 0.995   -7.229  1.00 0.00 ? 6  IAM A HD1  5  
HETATM 918  H HE1  . IAM A 1 6  ? -1.906 3.433   -7.801  1.00 0.00 ? 6  IAM A HE1  5  
HETATM 919  H HE2  . IAM A 1 6  ? -2.210 4.420   -3.685  1.00 0.00 ? 6  IAM A HE2  5  
HETATM 920  H HD2  . IAM A 1 6  ? -2.388 1.981   -3.113  1.00 0.00 ? 6  IAM A HD2  5  
HETATM 921  H HT1  . IAM A 1 6  ? -2.049 5.678   -7.181  1.00 0.00 ? 6  IAM A HT1  5  
HETATM 922  H HT2  . IAM A 1 6  ? -0.981 5.923   -5.816  1.00 0.00 ? 6  IAM A HT2  5  
HETATM 923  H HH   . IAM A 1 6  ? -2.761 6.935   -4.647  1.00 0.00 ? 6  IAM A HH   5  
HETATM 924  H HI   . IAM A 1 6  ? -4.920 7.073   -5.757  1.00 0.00 ? 6  IAM A HI   5  
HETATM 925  H HK11 . IAM A 1 6  ? -4.598 4.173   -4.961  1.00 0.00 ? 6  IAM A HK11 5  
HETATM 926  H HK12 . IAM A 1 6  ? -5.059 5.470   -3.885  1.00 0.00 ? 6  IAM A HK12 5  
HETATM 927  H HK13 . IAM A 1 6  ? -6.123 4.994   -5.186  1.00 0.00 ? 6  IAM A HK13 5  
HETATM 928  H HK21 . IAM A 1 6  ? -4.000 6.328   -7.923  1.00 0.00 ? 6  IAM A HK21 5  
HETATM 929  H HK22 . IAM A 1 6  ? -3.973 4.680   -7.346  1.00 0.00 ? 6  IAM A HK22 5  
HETATM 930  H HK23 . IAM A 1 6  ? -5.498 5.501   -7.572  1.00 0.00 ? 6  IAM A HK23 5  
ATOM   931  N N    . THR A 1 7  ? 0.317  0.125   -5.243  1.00 0.00 ? 7  THR A N    5  
ATOM   932  C CA   . THR A 1 7  ? 1.622  0.719   -5.480  1.00 0.00 ? 7  THR A CA   5  
ATOM   933  C C    . THR A 1 7  ? 2.444  0.734   -4.190  1.00 0.00 ? 7  THR A C    5  
ATOM   934  O O    . THR A 1 7  ? 2.257  -0.118  -3.321  1.00 0.00 ? 7  THR A O    5  
ATOM   935  C CB   . THR A 1 7  ? 1.406  2.110   -6.080  1.00 0.00 ? 7  THR A CB   5  
ATOM   936  O OG1  . THR A 1 7  ? 2.723  2.573   -6.367  1.00 0.00 ? 7  THR A OG1  5  
ATOM   937  C CG2  . THR A 1 7  ? 0.873  3.112   -5.054  1.00 0.00 ? 7  THR A CG2  5  
ATOM   938  H H    . THR A 1 7  ? -0.024 0.212   -4.308  1.00 0.00 ? 7  THR A H    5  
ATOM   939  H HA   . THR A 1 7  ? 2.159  0.094   -6.194  1.00 0.00 ? 7  THR A HA   5  
ATOM   940  H HB   . THR A 1 7  ? 0.753  2.060   -6.952  1.00 0.00 ? 7  THR A HB   5  
ATOM   941  H HG1  . THR A 1 7  ? 3.282  2.548   -5.539  1.00 0.00 ? 7  THR A HG1  5  
ATOM   942  H HG21 . THR A 1 7  ? 1.201  4.117   -5.324  1.00 0.00 ? 7  THR A HG21 5  
ATOM   943  H HG22 . THR A 1 7  ? -0.216 3.078   -5.045  1.00 0.00 ? 7  THR A HG22 5  
ATOM   944  H HG23 . THR A 1 7  ? 1.254  2.858   -4.065  1.00 0.00 ? 7  THR A HG23 5  
HETATM 945  N N    . IYR A 1 8  ? 3.334  1.711   -4.104  1.00 0.00 ? 8  IYR A N    5  
HETATM 946  C CA   . IYR A 1 8  ? 4.185  1.848   -2.935  1.00 0.00 ? 8  IYR A CA   5  
HETATM 947  C CB   . IYR A 1 8  ? 4.753  3.298   -2.968  1.00 0.00 ? 8  IYR A CB   5  
HETATM 948  C CC   . IYR A 1 8  ? 6.157  3.474   -3.555  1.00 0.00 ? 8  IYR A CC   5  
HETATM 949  C CD   . IYR A 1 8  ? 6.322  4.151   -4.767  1.00 0.00 ? 8  IYR A CD   5  
HETATM 950  C CE   . IYR A 1 8  ? 7.594  4.317   -5.309  1.00 0.00 ? 8  IYR A CE   5  
HETATM 951  I IE   . IYR A 1 8  ? 7.817  5.341   -7.164  1.00 0.00 ? 8  IYR A IE   5  
HETATM 952  C CF   . IYR A 1 8  ? 8.705  3.811   -4.640  1.00 0.00 ? 8  IYR A CF   5  
HETATM 953  O OF   . IYR A 1 8  ? 9.953  3.971   -5.173  1.00 0.00 ? 8  IYR A OF   5  
HETATM 954  C CG   . IYR A 1 8  ? 8.548  3.138   -3.432  1.00 0.00 ? 8  IYR A CG   5  
HETATM 955  C CH   . IYR A 1 8  ? 7.277  2.971   -2.888  1.00 0.00 ? 8  IYR A CH   5  
HETATM 956  C C    . IYR A 1 8  ? 3.375  1.688   -1.647  1.00 0.00 ? 8  IYR A C    5  
HETATM 957  O O    . IYR A 1 8  ? 2.151  1.817   -1.657  1.00 0.00 ? 8  IYR A O    5  
HETATM 958  H H    . IYR A 1 8  ? 3.478  2.400   -4.816  1.00 0.00 ? 8  IYR A H    5  
HETATM 959  H HA   . IYR A 1 8  ? 5.014  1.116   -2.909  1.00 0.00 ? 8  IYR A HA   5  
HETATM 960  H HB2  . IYR A 1 8  ? 4.040  3.958   -3.506  1.00 0.00 ? 8  IYR A HB2  5  
HETATM 961  H HB3  . IYR A 1 8  ? 4.766  3.716   -1.942  1.00 0.00 ? 8  IYR A HB3  5  
HETATM 962  H HD   . IYR A 1 8  ? 5.453  4.550   -5.290  1.00 0.00 ? 8  IYR A HD   5  
HETATM 963  H HF   . IYR A 1 8  ? 9.872  4.450   -5.999  1.00 0.00 ? 8  IYR A HF   5  
HETATM 964  H HG   . IYR A 1 8  ? 9.420  2.742   -2.913  1.00 0.00 ? 8  IYR A HG   5  
HETATM 965  H HH   . IYR A 1 8  ? 7.156  2.447   -1.940  1.00 0.00 ? 8  IYR A HH   5  
ATOM   966  N N    . THR A 1 9  ? 4.090  1.409   -0.568  1.00 0.00 ? 9  THR A N    5  
ATOM   967  C CA   . THR A 1 9  ? 3.455  1.230   0.727   1.00 0.00 ? 9  THR A CA   5  
ATOM   968  C C    . THR A 1 9  ? 3.435  2.549   1.500   1.00 0.00 ? 9  THR A C    5  
ATOM   969  O O    . THR A 1 9  ? 4.257  3.429   1.250   1.00 0.00 ? 9  THR A O    5  
ATOM   970  C CB   . THR A 1 9  ? 4.186  0.105   1.462   1.00 0.00 ? 9  THR A CB   5  
ATOM   971  O OG1  . THR A 1 9  ? 5.420  0.694   1.861   1.00 0.00 ? 9  THR A OG1  5  
ATOM   972  C CG2  . THR A 1 9  ? 4.600  -1.034  0.529   1.00 0.00 ? 9  THR A CG2  5  
ATOM   973  H H    . THR A 1 9  ? 5.085  1.305   -0.567  1.00 0.00 ? 9  THR A H    5  
ATOM   974  H HA   . THR A 1 9  ? 2.416  0.940   0.561   1.00 0.00 ? 9  THR A HA   5  
ATOM   975  H HB   . THR A 1 9  ? 3.586  -0.272  2.292   1.00 0.00 ? 9  THR A HB   5  
ATOM   976  H HG1  . THR A 1 9  ? 5.897  1.062   1.062   1.00 0.00 ? 9  THR A HG1  5  
ATOM   977  H HG21 . THR A 1 9  ? 5.495  -1.518  0.921   1.00 0.00 ? 9  THR A HG21 5  
ATOM   978  H HG22 . THR A 1 9  ? 3.794  -1.763  0.464   1.00 0.00 ? 9  THR A HG22 5  
ATOM   979  H HG23 . THR A 1 9  ? 4.808  -0.632  -0.464  1.00 0.00 ? 9  THR A HG23 5  
ATOM   980  N N    . SER A 1 10 ? 2.491  2.644   2.424   1.00 0.00 ? 10 SER A N    5  
ATOM   981  C CA   . SER A 1 10 ? 2.354  3.842   3.235   1.00 0.00 ? 10 SER A CA   5  
ATOM   982  C C    . SER A 1 10 ? 1.186  3.684   4.209   1.00 0.00 ? 10 SER A C    5  
ATOM   983  O O    . SER A 1 10 ? 1.302  4.030   5.385   1.00 0.00 ? 10 SER A O    5  
ATOM   984  C CB   . SER A 1 10 ? 2.179  5.088   2.331   1.00 0.00 ? 10 SER A CB   5  
ATOM   985  O OG   . SER A 1 10 ? 2.660  6.290   2.941   1.00 0.00 ? 10 SER A OG   5  
ATOM   986  H H    . SER A 1 10 ? 1.826  1.922   2.620   1.00 0.00 ? 10 SER A H    5  
ATOM   987  H HA   . SER A 1 10 ? 3.266  3.979   3.845   1.00 0.00 ? 10 SER A HA   5  
ATOM   988  H HB2  . SER A 1 10 ? 2.724  4.939   1.379   1.00 0.00 ? 10 SER A HB2  5  
ATOM   989  H HB3  . SER A 1 10 ? 1.121  5.223   2.037   1.00 0.00 ? 10 SER A HB3  5  
ATOM   990  H HG   . SER A 1 10 ? 2.129  6.448   3.727   1.00 0.00 ? 10 SER A HG   5  
ATOM   991  N N    . CYS A 1 11 ? 0.087  3.162   3.685   1.00 0.00 ? 11 CYS A N    5  
ATOM   992  C CA   . CYS A 1 11 ? -1.103 2.955   4.496   1.00 0.00 ? 11 CYS A CA   5  
ATOM   993  C C    . CYS A 1 11 ? -1.852 4.283   4.597   1.00 0.00 ? 11 CYS A C    5  
ATOM   994  O O    . CYS A 1 11 ? -1.604 5.101   5.603   1.00 0.00 ? 11 CYS A O    5  
ATOM   995  C CB   . CYS A 1 11 ? -0.756 2.389   5.874   1.00 0.00 ? 11 CYS A CB   5  
ATOM   996  S SG   . CYS A 1 11 ? -1.726 0.916   6.365   1.00 0.00 ? 11 CYS A SG   5  
ATOM   997  H H    . CYS A 1 11 ? -0.001 2.884   2.730   1.00 0.00 ? 11 CYS A H    5  
ATOM   998  H HA   . CYS A 1 11 ? -1.706 2.208   3.980   1.00 0.00 ? 11 CYS A HA   5  
ATOM   999  H HB2  . CYS A 1 11 ? 0.304  2.130   5.889   1.00 0.00 ? 11 CYS A HB2  5  
ATOM   1000 H HB3  . CYS A 1 11 ? -0.904 3.168   6.621   1.00 0.00 ? 11 CYS A HB3  5  
ATOM   1001 N N    . CYS A 1 1  ? -6.285 0.425   4.429   1.00 0.00 ? 1  CYS A N    6  
ATOM   1002 C CA   . CYS A 1 1  ? -5.080 1.220   4.263   1.00 0.00 ? 1  CYS A CA   6  
ATOM   1003 C C    . CYS A 1 1  ? -4.405 0.800   2.956   1.00 0.00 ? 1  CYS A C    6  
ATOM   1004 O O    . CYS A 1 1  ? -5.055 0.263   2.061   1.00 0.00 ? 1  CYS A O    6  
ATOM   1005 C CB   . CYS A 1 1  ? -4.141 1.080   5.461   1.00 0.00 ? 1  CYS A CB   6  
ATOM   1006 S SG   . CYS A 1 1  ? -3.581 2.666   6.186   1.00 0.00 ? 1  CYS A SG   6  
ATOM   1007 H H1   . CYS A 1 1  ? -6.147 -0.253  5.192   1.00 0.00 ? 1  CYS A H1   6  
ATOM   1008 H H2   . CYS A 1 1  ? -7.076 1.044   4.657   1.00 0.00 ? 1  CYS A H2   6  
ATOM   1009 H HA   . CYS A 1 1  ? -5.398 2.260   4.217   1.00 0.00 ? 1  CYS A HA   6  
ATOM   1010 H HB2  . CYS A 1 1  ? -4.645 0.501   6.235   1.00 0.00 ? 1  CYS A HB2  6  
ATOM   1011 H HB3  . CYS A 1 1  ? -3.265 0.508   5.155   1.00 0.00 ? 1  CYS A HB3  6  
ATOM   1012 N N    . LYS A 1 2  ? -3.107 1.060   2.887   1.00 0.00 ? 2  LYS A N    6  
ATOM   1013 C CA   . LYS A 1 2  ? -2.336 0.715   1.705   1.00 0.00 ? 2  LYS A CA   6  
ATOM   1014 C C    . LYS A 1 2  ? -1.326 -0.377  2.061   1.00 0.00 ? 2  LYS A C    6  
ATOM   1015 O O    . LYS A 1 2  ? -0.123 -0.205  1.864   1.00 0.00 ? 2  LYS A O    6  
ATOM   1016 C CB   . LYS A 1 2  ? -1.699 1.966   1.097   1.00 0.00 ? 2  LYS A CB   6  
ATOM   1017 C CG   . LYS A 1 2  ? -2.750 2.833   0.399   1.00 0.00 ? 2  LYS A CG   6  
ATOM   1018 C CD   . LYS A 1 2  ? -3.327 2.117   -0.824  1.00 0.00 ? 2  LYS A CD   6  
ATOM   1019 C CE   . LYS A 1 2  ? -4.704 1.528   -0.514  1.00 0.00 ? 2  LYS A CE   6  
ATOM   1020 N NZ   . LYS A 1 2  ? -4.674 0.054   -0.634  1.00 0.00 ? 2  LYS A NZ   6  
ATOM   1021 H H    . LYS A 1 2  ? -2.585 1.497   3.620   1.00 0.00 ? 2  LYS A H    6  
ATOM   1022 H HA   . LYS A 1 2  ? -3.031 0.317   0.967   1.00 0.00 ? 2  LYS A HA   6  
ATOM   1023 H HB2  . LYS A 1 2  ? -1.207 2.545   1.879   1.00 0.00 ? 2  LYS A HB2  6  
ATOM   1024 H HB3  . LYS A 1 2  ? -0.929 1.678   0.383   1.00 0.00 ? 2  LYS A HB3  6  
ATOM   1025 H HG2  . LYS A 1 2  ? -3.551 3.072   1.097   1.00 0.00 ? 2  LYS A HG2  6  
ATOM   1026 H HG3  . LYS A 1 2  ? -2.302 3.778   0.094   1.00 0.00 ? 2  LYS A HG3  6  
ATOM   1027 H HD2  . LYS A 1 2  ? -3.406 2.817   -1.656  1.00 0.00 ? 2  LYS A HD2  6  
ATOM   1028 H HD3  . LYS A 1 2  ? -2.650 1.324   -1.139  1.00 0.00 ? 2  LYS A HD3  6  
ATOM   1029 H HE2  . LYS A 1 2  ? -5.008 1.811   0.494   1.00 0.00 ? 2  LYS A HE2  6  
ATOM   1030 H HE3  . LYS A 1 2  ? -5.445 1.939   -1.201  1.00 0.00 ? 2  LYS A HE3  6  
ATOM   1031 H HZ1  . LYS A 1 2  ? -5.598 -0.334  -0.794  1.00 0.00 ? 2  LYS A HZ1  6  
ATOM   1032 H HZ2  . LYS A 1 2  ? -4.091 -0.255  -1.405  1.00 0.00 ? 2  LYS A HZ2  6  
ATOM   1033 N N    . PHE A 1 3  ? -1.851 -1.478  2.577   1.00 0.00 ? 3  PHE A N    6  
ATOM   1034 C CA   . PHE A 1 3  ? -1.011 -2.600  2.960   1.00 0.00 ? 3  PHE A CA   6  
ATOM   1035 C C    . PHE A 1 3  ? 0.124  -2.805  1.954   1.00 0.00 ? 3  PHE A C    6  
ATOM   1036 O O    . PHE A 1 3  ? 1.297  -2.779  2.323   1.00 0.00 ? 3  PHE A O    6  
ATOM   1037 C CB   . PHE A 1 3  ? -1.900 -3.843  2.971   1.00 0.00 ? 3  PHE A CB   6  
ATOM   1038 C CG   . PHE A 1 3  ? -1.179 -5.128  2.556   1.00 0.00 ? 3  PHE A CG   6  
ATOM   1039 C CD1  . PHE A 1 3  ? -0.538 -5.880  3.491   1.00 0.00 ? 3  PHE A CD1  6  
ATOM   1040 C CD2  . PHE A 1 3  ? -1.178 -5.517  1.253   1.00 0.00 ? 3  PHE A CD2  6  
ATOM   1041 C CE1  . PHE A 1 3  ? 0.132  -7.071  3.108   1.00 0.00 ? 3  PHE A CE1  6  
ATOM   1042 C CE2  . PHE A 1 3  ? -0.507 -6.709  0.868   1.00 0.00 ? 3  PHE A CE2  6  
ATOM   1043 C CZ   . PHE A 1 3  ? 0.134  -7.459  1.804   1.00 0.00 ? 3  PHE A CZ   6  
ATOM   1044 H H    . PHE A 1 3  ? -2.830 -1.612  2.732   1.00 0.00 ? 3  PHE A H    6  
ATOM   1045 H HA   . PHE A 1 3  ? -0.588 -2.366  3.938   1.00 0.00 ? 3  PHE A HA   6  
ATOM   1046 H HB2  . PHE A 1 3  ? -2.312 -3.976  3.972   1.00 0.00 ? 3  PHE A HB2  6  
ATOM   1047 H HB3  . PHE A 1 3  ? -2.744 -3.681  2.299   1.00 0.00 ? 3  PHE A HB3  6  
ATOM   1048 H HD1  . PHE A 1 3  ? -0.540 -5.567  4.536   1.00 0.00 ? 3  PHE A HD1  6  
ATOM   1049 H HD2  . PHE A 1 3  ? -1.690 -4.914  0.504   1.00 0.00 ? 3  PHE A HD2  6  
ATOM   1050 H HE1  . PHE A 1 3  ? 0.647  -7.673  3.857   1.00 0.00 ? 3  PHE A HE1  6  
ATOM   1051 H HE2  . PHE A 1 3  ? -0.506 -7.021  -0.176  1.00 0.00 ? 3  PHE A HE2  6  
ATOM   1052 H HZ   . PHE A 1 3  ? 0.647  -8.375  1.509   1.00 0.00 ? 3  PHE A HZ   6  
ATOM   1053 N N    . PHE A 1 4  ? -0.266 -3.004  0.704   1.00 0.00 ? 4  PHE A N    6  
ATOM   1054 C CA   . PHE A 1 4  ? 0.702  -3.215  -0.358  1.00 0.00 ? 4  PHE A CA   6  
ATOM   1055 C C    . PHE A 1 4  ? 0.002  -3.509  -1.687  1.00 0.00 ? 4  PHE A C    6  
ATOM   1056 O O    . PHE A 1 4  ? -1.179 -3.213  -1.849  1.00 0.00 ? 4  PHE A O    6  
ATOM   1057 C CB   . PHE A 1 4  ? 1.546  -4.425  0.039   1.00 0.00 ? 4  PHE A CB   6  
ATOM   1058 C CG   . PHE A 1 4  ? 3.036  -4.117  0.214   1.00 0.00 ? 4  PHE A CG   6  
ATOM   1059 C CD1  . PHE A 1 4  ? 3.737  -3.560  -0.808  1.00 0.00 ? 4  PHE A CD1  6  
ATOM   1060 C CD2  . PHE A 1 4  ? 3.655  -4.402  1.392   1.00 0.00 ? 4  PHE A CD2  6  
ATOM   1061 C CE1  . PHE A 1 4  ? 5.119  -3.273  -0.647  1.00 0.00 ? 4  PHE A CE1  6  
ATOM   1062 C CE2  . PHE A 1 4  ? 5.037  -4.114  1.552   1.00 0.00 ? 4  PHE A CE2  6  
ATOM   1063 C CZ   . PHE A 1 4  ? 5.739  -3.557  0.530   1.00 0.00 ? 4  PHE A CZ   6  
ATOM   1064 H H    . PHE A 1 4  ? -1.223 -3.024  0.414   1.00 0.00 ? 4  PHE A H    6  
ATOM   1065 H HA   . PHE A 1 4  ? 1.285  -2.297  -0.451  1.00 0.00 ? 4  PHE A HA   6  
ATOM   1066 H HB2  . PHE A 1 4  ? 1.160  -4.835  0.974   1.00 0.00 ? 4  PHE A HB2  6  
ATOM   1067 H HB3  . PHE A 1 4  ? 1.433  -5.201  -0.719  1.00 0.00 ? 4  PHE A HB3  6  
ATOM   1068 H HD1  . PHE A 1 4  ? 3.240  -3.333  -1.751  1.00 0.00 ? 4  PHE A HD1  6  
ATOM   1069 H HD2  . PHE A 1 4  ? 3.092  -4.848  2.209   1.00 0.00 ? 4  PHE A HD2  6  
ATOM   1070 H HE1  . PHE A 1 4  ? 5.682  -2.826  -1.466  1.00 0.00 ? 4  PHE A HE1  6  
ATOM   1071 H HE2  . PHE A 1 4  ? 5.534  -4.341  2.496   1.00 0.00 ? 4  PHE A HE2  6  
ATOM   1072 H HZ   . PHE A 1 4  ? 6.799  -3.338  0.653   1.00 0.00 ? 4  PHE A HZ   6  
HETATM 1073 N N    . DTR A 1 5  ? 0.766  -4.087  -2.604  1.00 0.00 ? 5  DTR A N    6  
HETATM 1074 C CA   . DTR A 1 5  ? 0.235  -4.425  -3.914  1.00 0.00 ? 5  DTR A CA   6  
HETATM 1075 C CB   . DTR A 1 5  ? 1.357  -5.150  -4.660  1.00 0.00 ? 5  DTR A CB   6  
HETATM 1076 C CG   . DTR A 1 5  ? 1.634  -6.564  -4.146  1.00 0.00 ? 5  DTR A CG   6  
HETATM 1077 C CD1  . DTR A 1 5  ? 2.174  -6.925  -2.974  1.00 0.00 ? 5  DTR A CD1  6  
HETATM 1078 N NE1  . DTR A 1 5  ? 2.268  -8.297  -2.862  1.00 0.00 ? 5  DTR A NE1  6  
HETATM 1079 C CE2  . DTR A 1 5  ? 1.758  -8.846  -4.033  1.00 0.00 ? 5  DTR A CE2  6  
HETATM 1080 C CZ2  . DTR A 1 5  ? 1.633  -10.190 -4.404  1.00 0.00 ? 5  DTR A CZ2  6  
HETATM 1081 C CH2  . DTR A 1 5  ? 1.074  -10.441 -5.662  1.00 0.00 ? 5  DTR A CH2  6  
HETATM 1082 C CZ3  . DTR A 1 5  ? 0.680  -9.376  -6.463  1.00 0.00 ? 5  DTR A CZ3  6  
HETATM 1083 C CE3  . DTR A 1 5  ? 0.798  -8.026  -6.108  1.00 0.00 ? 5  DTR A CE3  6  
HETATM 1084 C CD2  . DTR A 1 5  ? 1.360  -7.801  -4.840  1.00 0.00 ? 5  DTR A CD2  6  
HETATM 1085 C C    . DTR A 1 5  ? -0.199 -3.128  -4.597  1.00 0.00 ? 5  DTR A C    6  
HETATM 1086 O O    . DTR A 1 5  ? -0.070 -2.046  -4.023  1.00 0.00 ? 5  DTR A O    6  
HETATM 1087 H H    . DTR A 1 5  ? 1.727  -4.324  -2.463  1.00 0.00 ? 5  DTR A H    6  
HETATM 1088 H HA   . DTR A 1 5  ? -0.629 -5.066  -3.738  1.00 0.00 ? 5  DTR A HA   6  
HETATM 1089 H HB2  . DTR A 1 5  ? 1.101  -5.203  -5.719  1.00 0.00 ? 5  DTR A HB2  6  
HETATM 1090 H HB3  . DTR A 1 5  ? 2.271  -4.561  -4.583  1.00 0.00 ? 5  DTR A HB3  6  
HETATM 1091 H HD1  . DTR A 1 5  ? 2.497  -6.224  -2.206  1.00 0.00 ? 5  DTR A HD1  6  
HETATM 1092 H HE1  . DTR A 1 5  ? 2.668  -8.849  -2.011  1.00 0.00 ? 5  DTR A HE1  6  
HETATM 1093 H HZ2  . DTR A 1 5  ? 1.954  -11.000 -3.747  1.00 0.00 ? 5  DTR A HZ2  6  
HETATM 1094 H HH2  . DTR A 1 5  ? 0.949  -11.465 -6.012  1.00 0.00 ? 5  DTR A HH2  6  
HETATM 1095 H HZ3  . DTR A 1 5  ? 0.249  -9.607  -7.438  1.00 0.00 ? 5  DTR A HZ3  6  
HETATM 1096 H HE3  . DTR A 1 5  ? 0.477  -7.215  -6.763  1.00 0.00 ? 5  DTR A HE3  6  
HETATM 1097 N N    . IAM A 1 6  ? -0.703 -3.276  -5.813  1.00 0.00 ? 6  IAM A N    6  
HETATM 1098 C CA   . IAM A 1 6  ? -1.156 -2.129  -6.580  1.00 0.00 ? 6  IAM A CA   6  
HETATM 1099 C CB   . IAM A 1 6  ? -2.261 -1.453  -5.766  1.00 0.00 ? 6  IAM A CB   6  
HETATM 1100 C CG   . IAM A 1 6  ? -2.453 0.030   -6.090  1.00 0.00 ? 6  IAM A CG   6  
HETATM 1101 C CD1  . IAM A 1 6  ? -2.166 0.497   -7.334  1.00 0.00 ? 6  IAM A CD1  6  
HETATM 1102 C CE1  . IAM A 1 6  ? -2.345 1.874   -7.635  1.00 0.00 ? 6  IAM A CE1  6  
HETATM 1103 C CZ   . IAM A 1 6  ? -2.802 2.724   -6.678  1.00 0.00 ? 6  IAM A CZ   6  
HETATM 1104 C CE2  . IAM A 1 6  ? -3.090 2.258   -5.433  1.00 0.00 ? 6  IAM A CE2  6  
HETATM 1105 C CD2  . IAM A 1 6  ? -2.911 0.881   -5.133  1.00 0.00 ? 6  IAM A CD2  6  
HETATM 1106 C CT   . IAM A 1 6  ? -2.998 4.216   -7.004  1.00 0.00 ? 6  IAM A CT   6  
HETATM 1107 N NH   . IAM A 1 6  ? -4.443 4.507   -7.125  1.00 0.00 ? 6  IAM A NH   6  
HETATM 1108 C CI   . IAM A 1 6  ? -5.020 5.686   -6.444  1.00 0.00 ? 6  IAM A CI   6  
HETATM 1109 C CK1  . IAM A 1 6  ? -6.504 5.827   -6.829  1.00 0.00 ? 6  IAM A CK1  6  
HETATM 1110 C CK2  . IAM A 1 6  ? -4.255 6.951   -6.871  1.00 0.00 ? 6  IAM A CK2  6  
HETATM 1111 C C    . IAM A 1 6  ? -0.017 -1.131  -6.800  1.00 0.00 ? 6  IAM A C    6  
HETATM 1112 O O    . IAM A 1 6  ? 0.562  -1.072  -7.883  1.00 0.00 ? 6  IAM A O    6  
HETATM 1113 H H    . IAM A 1 6  ? -0.805 -4.159  -6.271  1.00 0.00 ? 6  IAM A H    6  
HETATM 1114 H HA   . IAM A 1 6  ? -1.500 -2.503  -7.545  1.00 0.00 ? 6  IAM A HA   6  
HETATM 1115 H HB   . IAM A 1 6  ? -2.033 -1.556  -4.706  1.00 0.00 ? 6  IAM A HB   6  
HETATM 1116 H HB1  . IAM A 1 6  ? -3.200 -1.977  -5.941  1.00 0.00 ? 6  IAM A HB1  6  
HETATM 1117 H HD1  . IAM A 1 6  ? -1.798 -0.185  -8.100  1.00 0.00 ? 6  IAM A HD1  6  
HETATM 1118 H HE1  . IAM A 1 6  ? -2.116 2.249   -8.633  1.00 0.00 ? 6  IAM A HE1  6  
HETATM 1119 H HE2  . IAM A 1 6  ? -3.459 2.940   -4.667  1.00 0.00 ? 6  IAM A HE2  6  
HETATM 1120 H HD2  . IAM A 1 6  ? -3.141 0.506   -4.136  1.00 0.00 ? 6  IAM A HD2  6  
HETATM 1121 H HT1  . IAM A 1 6  ? -2.508 4.446   -7.928  1.00 0.00 ? 6  IAM A HT1  6  
HETATM 1122 H HT2  . IAM A 1 6  ? -2.579 4.812   -6.219  1.00 0.00 ? 6  IAM A HT2  6  
HETATM 1123 H HH   . IAM A 1 6  ? -5.047 3.887   -7.683  1.00 0.00 ? 6  IAM A HH   6  
HETATM 1124 H HI   . IAM A 1 6  ? -4.938 5.561   -5.384  1.00 0.00 ? 6  IAM A HI   6  
HETATM 1125 H HK11 . IAM A 1 6  ? -6.586 5.953   -7.890  1.00 0.00 ? 6  IAM A HK11 6  
HETATM 1126 H HK12 . IAM A 1 6  ? -7.036 4.948   -6.533  1.00 0.00 ? 6  IAM A HK12 6  
HETATM 1127 H HK13 . IAM A 1 6  ? -6.922 6.680   -6.336  1.00 0.00 ? 6  IAM A HK13 6  
HETATM 1128 H HK21 . IAM A 1 6  ? -3.223 6.852   -6.601  1.00 0.00 ? 6  IAM A HK21 6  
HETATM 1129 H HK22 . IAM A 1 6  ? -4.334 7.077   -7.930  1.00 0.00 ? 6  IAM A HK22 6  
HETATM 1130 H HK23 . IAM A 1 6  ? -4.669 7.805   -6.378  1.00 0.00 ? 6  IAM A HK23 6  
ATOM   1131 N N    . THR A 1 7  ? 0.269  -0.370  -5.753  1.00 0.00 ? 7  THR A N    6  
ATOM   1132 C CA   . THR A 1 7  ? 1.330  0.622   -5.818  1.00 0.00 ? 7  THR A CA   6  
ATOM   1133 C C    . THR A 1 7  ? 2.022  0.750   -4.461  1.00 0.00 ? 7  THR A C    6  
ATOM   1134 O O    . THR A 1 7  ? 2.042  -0.198  -3.677  1.00 0.00 ? 7  THR A O    6  
ATOM   1135 C CB   . THR A 1 7  ? 0.719  1.935   -6.314  1.00 0.00 ? 7  THR A CB   6  
ATOM   1136 O OG1  . THR A 1 7  ? 1.838  2.802   -6.468  1.00 0.00 ? 7  THR A OG1  6  
ATOM   1137 C CG2  . THR A 1 7  ? -0.141 2.619   -5.249  1.00 0.00 ? 7  THR A CG2  6  
ATOM   1138 H H    . THR A 1 7  ? -0.206 -0.424  -4.876  1.00 0.00 ? 7  THR A H    6  
ATOM   1139 H HA   . THR A 1 7  ? 2.080  0.279   -6.530  1.00 0.00 ? 7  THR A HA   6  
ATOM   1140 H HB   . THR A 1 7  ? 0.149  1.777   -7.231  1.00 0.00 ? 7  THR A HB   6  
ATOM   1141 H HG1  . THR A 1 7  ? 2.341  2.867   -5.607  1.00 0.00 ? 7  THR A HG1  6  
ATOM   1142 H HG21 . THR A 1 7  ? -0.129 3.696   -5.411  1.00 0.00 ? 7  THR A HG21 6  
ATOM   1143 H HG22 . THR A 1 7  ? -1.165 2.254   -5.319  1.00 0.00 ? 7  THR A HG22 6  
ATOM   1144 H HG23 . THR A 1 7  ? 0.258  2.395   -4.260  1.00 0.00 ? 7  THR A HG23 6  
HETATM 1145 N N    . IYR A 1 8  ? 2.574  1.931   -4.222  1.00 0.00 ? 8  IYR A N    6  
HETATM 1146 C CA   . IYR A 1 8  ? 3.268  2.196   -2.973  1.00 0.00 ? 8  IYR A CA   6  
HETATM 1147 C CB   . IYR A 1 8  ? 3.560  3.725   -2.945  1.00 0.00 ? 8  IYR A CB   6  
HETATM 1148 C CC   . IYR A 1 8  ? 2.431  4.649   -3.415  1.00 0.00 ? 8  IYR A CC   6  
HETATM 1149 C CD   . IYR A 1 8  ? 2.637  5.493   -4.511  1.00 0.00 ? 8  IYR A CD   6  
HETATM 1150 C CE   . IYR A 1 8  ? 1.619  6.336   -4.946  1.00 0.00 ? 8  IYR A CE   6  
HETATM 1151 I IE   . IYR A 1 8  ? 1.962  7.623   -6.608  1.00 0.00 ? 8  IYR A IE   6  
HETATM 1152 C CF   . IYR A 1 8  ? 0.390  6.339   -4.290  1.00 0.00 ? 8  IYR A CF   6  
HETATM 1153 O OF   . IYR A 1 8  ? -0.609 7.169   -4.715  1.00 0.00 ? 8  IYR A OF   6  
HETATM 1154 C CG   . IYR A 1 8  ? 0.178  5.499   -3.200  1.00 0.00 ? 8  IYR A CG   6  
HETATM 1155 C CH   . IYR A 1 8  ? 1.194  4.653   -2.763  1.00 0.00 ? 8  IYR A CH   6  
HETATM 1156 C C    . IYR A 1 8  ? 2.381  1.861   -1.773  1.00 0.00 ? 8  IYR A C    6  
HETATM 1157 O O    . IYR A 1 8  ? 1.199  1.564   -1.934  1.00 0.00 ? 8  IYR A O    6  
HETATM 1158 H H    . IYR A 1 8  ? 2.555  2.696   -4.864  1.00 0.00 ? 8  IYR A H    6  
HETATM 1159 H HA   . IYR A 1 8  ? 4.211  1.627   -2.869  1.00 0.00 ? 8  IYR A HA   6  
HETATM 1160 H HB2  . IYR A 1 8  ? 3.878  4.018   -1.923  1.00 0.00 ? 8  IYR A HB2  6  
HETATM 1161 H HB3  . IYR A 1 8  ? 4.451  3.945   -3.565  1.00 0.00 ? 8  IYR A HB3  6  
HETATM 1162 H HD   . IYR A 1 8  ? 3.597  5.491   -5.025  1.00 0.00 ? 8  IYR A HD   6  
HETATM 1163 H HF   . IYR A 1 8  ? -0.288 7.671   -5.467  1.00 0.00 ? 8  IYR A HF   6  
HETATM 1164 H HG   . IYR A 1 8  ? -0.785 5.504   -2.689  1.00 0.00 ? 8  IYR A HG   6  
HETATM 1165 H HH   . IYR A 1 8  ? 1.025  3.994   -1.912  1.00 0.00 ? 8  IYR A HH   6  
ATOM   1166 N N    . THR A 1 9  ? 2.986  1.921   -0.595  1.00 0.00 ? 9  THR A N    6  
ATOM   1167 C CA   . THR A 1 9  ? 2.266  1.627   0.632   1.00 0.00 ? 9  THR A CA   6  
ATOM   1168 C C    . THR A 1 9  ? 2.411  2.785   1.623   1.00 0.00 ? 9  THR A C    6  
ATOM   1169 O O    . THR A 1 9  ? 3.388  3.529   1.576   1.00 0.00 ? 9  THR A O    6  
ATOM   1170 C CB   . THR A 1 9  ? 2.781  0.293   1.176   1.00 0.00 ? 9  THR A CB   6  
ATOM   1171 O OG1  . THR A 1 9  ? 4.050  0.615   1.738   1.00 0.00 ? 9  THR A OG1  6  
ATOM   1172 C CG2  . THR A 1 9  ? 3.106  -0.706  0.064   1.00 0.00 ? 9  THR A CG2  6  
ATOM   1173 H H    . THR A 1 9  ? 3.947  2.164   -0.474  1.00 0.00 ? 9  THR A H    6  
ATOM   1174 H HA   . THR A 1 9  ? 1.204  1.539   0.396   1.00 0.00 ? 9  THR A HA   6  
ATOM   1175 H HB   . THR A 1 9  ? 2.075  -0.134  1.890   1.00 0.00 ? 9  THR A HB   6  
ATOM   1176 H HG1  . THR A 1 9  ? 4.631  1.044   1.047   1.00 0.00 ? 9  THR A HG1  6  
ATOM   1177 H HG21 . THR A 1 9  ? 3.894  -1.379  0.400   1.00 0.00 ? 9  THR A HG21 6  
ATOM   1178 H HG22 . THR A 1 9  ? 2.214  -1.284  -0.176  1.00 0.00 ? 9  THR A HG22 6  
ATOM   1179 H HG23 . THR A 1 9  ? 3.440  -0.166  -0.823  1.00 0.00 ? 9  THR A HG23 6  
ATOM   1180 N N    . SER A 1 10 ? 1.422  2.898   2.498   1.00 0.00 ? 10 SER A N    6  
ATOM   1181 C CA   . SER A 1 10 ? 1.427  3.952   3.500   1.00 0.00 ? 10 SER A CA   6  
ATOM   1182 C C    . SER A 1 10 ? 1.502  3.341   4.901   1.00 0.00 ? 10 SER A C    6  
ATOM   1183 O O    . SER A 1 10 ? 2.510  3.485   5.592   1.00 0.00 ? 10 SER A O    6  
ATOM   1184 C CB   . SER A 1 10 ? 0.180  4.856   3.339   1.00 0.00 ? 10 SER A CB   6  
ATOM   1185 O OG   . SER A 1 10 ? 0.415  6.209   3.748   1.00 0.00 ? 10 SER A OG   6  
ATOM   1186 H H    . SER A 1 10 ? 0.630  2.289   2.529   1.00 0.00 ? 10 SER A H    6  
ATOM   1187 H HA   . SER A 1 10 ? 2.330  4.577   3.374   1.00 0.00 ? 10 SER A HA   6  
ATOM   1188 H HB2  . SER A 1 10 ? -0.142 4.863   2.280   1.00 0.00 ? 10 SER A HB2  6  
ATOM   1189 H HB3  . SER A 1 10 ? -0.685 4.448   3.897   1.00 0.00 ? 10 SER A HB3  6  
ATOM   1190 H HG   . SER A 1 10 ? 0.620  6.194   4.686   1.00 0.00 ? 10 SER A HG   6  
ATOM   1191 N N    . CYS A 1 11 ? 0.424  2.670   5.278   1.00 0.00 ? 11 CYS A N    6  
ATOM   1192 C CA   . CYS A 1 11 ? 0.355  2.038   6.584   1.00 0.00 ? 11 CYS A CA   6  
ATOM   1193 C C    . CYS A 1 11 ? 1.562  1.108   6.732   1.00 0.00 ? 11 CYS A C    6  
ATOM   1194 O O    . CYS A 1 11 ? 2.436  1.010   5.749   1.00 0.00 ? 11 CYS A O    6  
ATOM   1195 C CB   . CYS A 1 11 ? -0.967 1.294   6.783   1.00 0.00 ? 11 CYS A CB   6  
ATOM   1196 S SG   . CYS A 1 11 ? -2.269 2.257   7.636   1.00 0.00 ? 11 CYS A SG   6  
ATOM   1197 H H    . CYS A 1 11 ? -0.391 2.557   4.710   1.00 0.00 ? 11 CYS A H    6  
ATOM   1198 H HA   . CYS A 1 11 ? 0.391  2.840   7.321   1.00 0.00 ? 11 CYS A HA   6  
ATOM   1199 H HB2  . CYS A 1 11 ? -1.344 0.984   5.808   1.00 0.00 ? 11 CYS A HB2  6  
ATOM   1200 H HB3  . CYS A 1 11 ? -0.774 0.384   7.354   1.00 0.00 ? 11 CYS A HB3  6  
ATOM   1201 N N    . CYS A 1 1  ? -5.698 -1.075  6.800   1.00 0.00 ? 1  CYS A N    7  
ATOM   1202 C CA   . CYS A 1 1  ? -5.297 -0.164  5.740   1.00 0.00 ? 1  CYS A CA   7  
ATOM   1203 C C    . CYS A 1 1  ? -5.000 -0.987  4.486   1.00 0.00 ? 1  CYS A C    7  
ATOM   1204 O O    . CYS A 1 1  ? -5.493 -2.105  4.342   1.00 0.00 ? 1  CYS A O    7  
ATOM   1205 C CB   . CYS A 1 1  ? -4.101 0.695   6.156   1.00 0.00 ? 1  CYS A CB   7  
ATOM   1206 S SG   . CYS A 1 1  ? -4.328 2.496   5.914   1.00 0.00 ? 1  CYS A SG   7  
ATOM   1207 H H1   . CYS A 1 1  ? -6.194 -0.550  7.534   1.00 0.00 ? 1  CYS A H1   7  
ATOM   1208 H H2   . CYS A 1 1  ? -6.322 -1.797  6.413   1.00 0.00 ? 1  CYS A H2   7  
ATOM   1209 H HA   . CYS A 1 1  ? -6.137 0.508   5.573   1.00 0.00 ? 1  CYS A HA   7  
ATOM   1210 H HB2  . CYS A 1 1  ? -3.887 0.508   7.209   1.00 0.00 ? 1  CYS A HB2  7  
ATOM   1211 H HB3  . CYS A 1 1  ? -3.227 0.374   5.591   1.00 0.00 ? 1  CYS A HB3  7  
ATOM   1212 N N    . LYS A 1 2  ? -4.197 -0.403  3.609   1.00 0.00 ? 2  LYS A N    7  
ATOM   1213 C CA   . LYS A 1 2  ? -3.830 -1.069  2.371   1.00 0.00 ? 2  LYS A CA   7  
ATOM   1214 C C    . LYS A 1 2  ? -2.322 -0.927  2.150   1.00 0.00 ? 2  LYS A C    7  
ATOM   1215 O O    . LYS A 1 2  ? -1.889 -0.408  1.121   1.00 0.00 ? 2  LYS A O    7  
ATOM   1216 C CB   . LYS A 1 2  ? -4.673 -0.544  1.209   1.00 0.00 ? 2  LYS A CB   7  
ATOM   1217 C CG   . LYS A 1 2  ? -5.990 -1.317  1.094   1.00 0.00 ? 2  LYS A CG   7  
ATOM   1218 C CD   . LYS A 1 2  ? -5.774 -2.669  0.408   1.00 0.00 ? 2  LYS A CD   7  
ATOM   1219 C CE   . LYS A 1 2  ? -6.918 -2.982  -0.557  1.00 0.00 ? 2  LYS A CE   7  
ATOM   1220 N NZ   . LYS A 1 2  ? -6.421 -3.759  -1.714  1.00 0.00 ? 2  LYS A NZ   7  
ATOM   1221 H H    . LYS A 1 2  ? -3.800 0.507   3.734   1.00 0.00 ? 2  LYS A H    7  
ATOM   1222 H HA   . LYS A 1 2  ? -4.063 -2.127  2.488   1.00 0.00 ? 2  LYS A HA   7  
ATOM   1223 H HB2  . LYS A 1 2  ? -4.882 0.516   1.355   1.00 0.00 ? 2  LYS A HB2  7  
ATOM   1224 H HB3  . LYS A 1 2  ? -4.114 -0.633  0.278   1.00 0.00 ? 2  LYS A HB3  7  
ATOM   1225 H HG2  . LYS A 1 2  ? -6.412 -1.471  2.086   1.00 0.00 ? 2  LYS A HG2  7  
ATOM   1226 H HG3  . LYS A 1 2  ? -6.710 -0.729  0.526   1.00 0.00 ? 2  LYS A HG3  7  
ATOM   1227 H HD2  . LYS A 1 2  ? -4.828 -2.658  -0.132  1.00 0.00 ? 2  LYS A HD2  7  
ATOM   1228 H HD3  . LYS A 1 2  ? -5.702 -3.454  1.160   1.00 0.00 ? 2  LYS A HD3  7  
ATOM   1229 H HE2  . LYS A 1 2  ? -7.694 -3.544  -0.040  1.00 0.00 ? 2  LYS A HE2  7  
ATOM   1230 H HE3  . LYS A 1 2  ? -7.373 -2.053  -0.904  1.00 0.00 ? 2  LYS A HE3  7  
ATOM   1231 H HZ1  . LYS A 1 2  ? -7.032 -3.675  -2.519  1.00 0.00 ? 2  LYS A HZ1  7  
ATOM   1232 H HZ2  . LYS A 1 2  ? -5.502 -3.450  -2.012  1.00 0.00 ? 2  LYS A HZ2  7  
ATOM   1233 N N    . PHE A 1 3  ? -1.565 -1.395  3.130   1.00 0.00 ? 3  PHE A N    7  
ATOM   1234 C CA   . PHE A 1 3  ? -0.115 -1.328  3.053   1.00 0.00 ? 3  PHE A CA   7  
ATOM   1235 C C    . PHE A 1 3  ? 0.373  -1.590  1.628   1.00 0.00 ? 3  PHE A C    7  
ATOM   1236 O O    . PHE A 1 3  ? 0.717  -0.658  0.904   1.00 0.00 ? 3  PHE A O    7  
ATOM   1237 C CB   . PHE A 1 3  ? 0.432  -2.418  3.977   1.00 0.00 ? 3  PHE A CB   7  
ATOM   1238 C CG   . PHE A 1 3  ? 1.813  -2.940  3.573   1.00 0.00 ? 3  PHE A CG   7  
ATOM   1239 C CD1  . PHE A 1 3  ? 2.824  -2.066  3.321   1.00 0.00 ? 3  PHE A CD1  7  
ATOM   1240 C CD2  . PHE A 1 3  ? 2.027  -4.278  3.465   1.00 0.00 ? 3  PHE A CD2  7  
ATOM   1241 C CE1  . PHE A 1 3  ? 4.105  -2.551  2.947   1.00 0.00 ? 3  PHE A CE1  7  
ATOM   1242 C CE2  . PHE A 1 3  ? 3.308  -4.764  3.091   1.00 0.00 ? 3  PHE A CE2  7  
ATOM   1243 C CZ   . PHE A 1 3  ? 4.320  -3.890  2.840   1.00 0.00 ? 3  PHE A CZ   7  
ATOM   1244 H H    . PHE A 1 3  ? -1.926 -1.818  3.962   1.00 0.00 ? 3  PHE A H    7  
ATOM   1245 H HA   . PHE A 1 3  ? 0.177  -0.322  3.356   1.00 0.00 ? 3  PHE A HA   7  
ATOM   1246 H HB2  . PHE A 1 3  ? 0.486  -2.025  4.994   1.00 0.00 ? 3  PHE A HB2  7  
ATOM   1247 H HB3  . PHE A 1 3  ? -0.269 -3.251  3.993   1.00 0.00 ? 3  PHE A HB3  7  
ATOM   1248 H HD1  . PHE A 1 3  ? 2.651  -0.993  3.409   1.00 0.00 ? 3  PHE A HD1  7  
ATOM   1249 H HD2  . PHE A 1 3  ? 1.216  -4.978  3.667   1.00 0.00 ? 3  PHE A HD2  7  
ATOM   1250 H HE1  . PHE A 1 3  ? 4.915  -1.851  2.745   1.00 0.00 ? 3  PHE A HE1  7  
ATOM   1251 H HE2  . PHE A 1 3  ? 3.480  -5.837  3.004   1.00 0.00 ? 3  PHE A HE2  7  
ATOM   1252 H HZ   . PHE A 1 3  ? 5.302  -4.262  2.553   1.00 0.00 ? 3  PHE A HZ   7  
ATOM   1253 N N    . PHE A 1 4  ? 0.386  -2.865  1.267   1.00 0.00 ? 4  PHE A N    7  
ATOM   1254 C CA   . PHE A 1 4  ? 0.825  -3.262  -0.060  1.00 0.00 ? 4  PHE A CA   7  
ATOM   1255 C C    . PHE A 1 4  ? -0.210 -2.879  -1.118  1.00 0.00 ? 4  PHE A C    7  
ATOM   1256 O O    . PHE A 1 4  ? -1.040 -2.000  -0.889  1.00 0.00 ? 4  PHE A O    7  
ATOM   1257 C CB   . PHE A 1 4  ? 0.980  -4.784  -0.043  1.00 0.00 ? 4  PHE A CB   7  
ATOM   1258 C CG   . PHE A 1 4  ? 2.366  -5.274  -0.467  1.00 0.00 ? 4  PHE A CG   7  
ATOM   1259 C CD1  . PHE A 1 4  ? 3.010  -4.679  -1.507  1.00 0.00 ? 4  PHE A CD1  7  
ATOM   1260 C CD2  . PHE A 1 4  ? 2.954  -6.305  0.197   1.00 0.00 ? 4  PHE A CD2  7  
ATOM   1261 C CE1  . PHE A 1 4  ? 4.295  -5.134  -1.901  1.00 0.00 ? 4  PHE A CE1  7  
ATOM   1262 C CE2  . PHE A 1 4  ? 4.241  -6.761  -0.197  1.00 0.00 ? 4  PHE A CE2  7  
ATOM   1263 C CZ   . PHE A 1 4  ? 4.884  -6.165  -1.236  1.00 0.00 ? 4  PHE A CZ   7  
ATOM   1264 H H    . PHE A 1 4  ? 0.105  -3.618  1.862   1.00 0.00 ? 4  PHE A H    7  
ATOM   1265 H HA   . PHE A 1 4  ? 1.761  -2.739  -0.263  1.00 0.00 ? 4  PHE A HA   7  
ATOM   1266 H HB2  . PHE A 1 4  ? 0.768  -5.149  0.963   1.00 0.00 ? 4  PHE A HB2  7  
ATOM   1267 H HB3  . PHE A 1 4  ? 0.233  -5.223  -0.703  1.00 0.00 ? 4  PHE A HB3  7  
ATOM   1268 H HD1  . PHE A 1 4  ? 2.537  -3.853  -2.039  1.00 0.00 ? 4  PHE A HD1  7  
ATOM   1269 H HD2  . PHE A 1 4  ? 2.438  -6.783  1.030   1.00 0.00 ? 4  PHE A HD2  7  
ATOM   1270 H HE1  . PHE A 1 4  ? 4.810  -4.658  -2.735  1.00 0.00 ? 4  PHE A HE1  7  
ATOM   1271 H HE2  . PHE A 1 4  ? 4.713  -7.587  0.335   1.00 0.00 ? 4  PHE A HE2  7  
ATOM   1272 H HZ   . PHE A 1 4  ? 5.870  -6.514  -1.538  1.00 0.00 ? 4  PHE A HZ   7  
HETATM 1273 N N    . DTR A 1 5  ? -0.126 -3.553  -2.256  1.00 0.00 ? 5  DTR A N    7  
HETATM 1274 C CA   . DTR A 1 5  ? -1.045 -3.295  -3.350  1.00 0.00 ? 5  DTR A CA   7  
HETATM 1275 C CB   . DTR A 1 5  ? -0.810 -4.401  -4.382  1.00 0.00 ? 5  DTR A CB   7  
HETATM 1276 C CG   . DTR A 1 5  ? -1.406 -5.753  -3.989  1.00 0.00 ? 5  DTR A CG   7  
HETATM 1277 C CD1  . DTR A 1 5  ? -1.105 -6.510  -2.924  1.00 0.00 ? 5  DTR A CD1  7  
HETATM 1278 N NE1  . DTR A 1 5  ? -1.852 -7.670  -2.900  1.00 0.00 ? 5  DTR A NE1  7  
HETATM 1279 C CE2  . DTR A 1 5  ? -2.681 -7.654  -4.017  1.00 0.00 ? 5  DTR A CE2  7  
HETATM 1280 C CZ2  . DTR A 1 5  ? -3.622 -8.601  -4.439  1.00 0.00 ? 5  DTR A CZ2  7  
HETATM 1281 C CH2  . DTR A 1 5  ? -4.315 -8.307  -5.618  1.00 0.00 ? 5  DTR A CH2  7  
HETATM 1282 C CZ3  . DTR A 1 5  ? -4.046 -7.125  -6.298  1.00 0.00 ? 5  DTR A CZ3  7  
HETATM 1283 C CE3  . DTR A 1 5  ? -3.109 -6.167  -5.891  1.00 0.00 ? 5  DTR A CE3  7  
HETATM 1284 C CD2  . DTR A 1 5  ? -2.427 -6.485  -4.703  1.00 0.00 ? 5  DTR A CD2  7  
HETATM 1285 C C    . DTR A 1 5  ? -0.748 -1.894  -3.894  1.00 0.00 ? 5  DTR A C    7  
HETATM 1286 O O    . DTR A 1 5  ? 0.109  -1.189  -3.367  1.00 0.00 ? 5  DTR A O    7  
HETATM 1287 H H    . DTR A 1 5  ? 0.554  -4.266  -2.434  1.00 0.00 ? 5  DTR A H    7  
HETATM 1288 H HA   . DTR A 1 5  ? -2.047 -3.329  -2.923  1.00 0.00 ? 5  DTR A HA   7  
HETATM 1289 H HB2  . DTR A 1 5  ? -1.238 -4.090  -5.335  1.00 0.00 ? 5  DTR A HB2  7  
HETATM 1290 H HB3  . DTR A 1 5  ? 0.262  -4.519  -4.534  1.00 0.00 ? 5  DTR A HB3  7  
HETATM 1291 H HD1  . DTR A 1 5  ? -0.365 -6.243  -2.171  1.00 0.00 ? 5  DTR A HD1  7  
HETATM 1292 H HE1  . DTR A 1 5  ? -1.803 -8.455  -2.146  1.00 0.00 ? 5  DTR A HE1  7  
HETATM 1293 H HZ2  . DTR A 1 5  ? -3.807 -9.517  -3.878  1.00 0.00 ? 5  DTR A HZ2  7  
HETATM 1294 H HH2  . DTR A 1 5  ? -5.062 -9.002  -6.002  1.00 0.00 ? 5  DTR A HH2  7  
HETATM 1295 H HZ3  . DTR A 1 5  ? -4.605 -6.929  -7.213  1.00 0.00 ? 5  DTR A HZ3  7  
HETATM 1296 H HE3  . DTR A 1 5  ? -2.924 -5.250  -6.448  1.00 0.00 ? 5  DTR A HE3  7  
HETATM 1297 N N    . IAM A 1 6  ? -1.474 -1.537  -4.943  1.00 0.00 ? 6  IAM A N    7  
HETATM 1298 C CA   . IAM A 1 6  ? -1.299 -0.235  -5.564  1.00 0.00 ? 6  IAM A CA   7  
HETATM 1299 C CB   . IAM A 1 6  ? -1.652 0.815   -4.508  1.00 0.00 ? 6  IAM A CB   7  
HETATM 1300 C CG   . IAM A 1 6  ? -1.240 2.239   -4.888  1.00 0.00 ? 6  IAM A CG   7  
HETATM 1301 C CD1  . IAM A 1 6  ? -1.090 3.183   -3.919  1.00 0.00 ? 6  IAM A CD1  7  
HETATM 1302 C CE1  . IAM A 1 6  ? -0.706 4.506   -4.270  1.00 0.00 ? 6  IAM A CE1  7  
HETATM 1303 C CZ   . IAM A 1 6  ? -0.492 4.827   -5.573  1.00 0.00 ? 6  IAM A CZ   7  
HETATM 1304 C CE2  . IAM A 1 6  ? -0.642 3.884   -6.542  1.00 0.00 ? 6  IAM A CE2  7  
HETATM 1305 C CD2  . IAM A 1 6  ? -1.025 2.561   -6.190  1.00 0.00 ? 6  IAM A CD2  7  
HETATM 1306 C CT   . IAM A 1 6  ? -0.075 6.259   -5.954  1.00 0.00 ? 6  IAM A CT   7  
HETATM 1307 N NH   . IAM A 1 6  ? 1.262  6.548   -5.390  1.00 0.00 ? 6  IAM A NH   7  
HETATM 1308 C CI   . IAM A 1 6  ? 1.519  7.840   -4.719  1.00 0.00 ? 6  IAM A CI   7  
HETATM 1309 C CK1  . IAM A 1 6  ? 1.631  8.955   -5.774  1.00 0.00 ? 6  IAM A CK1  7  
HETATM 1310 C CK2  . IAM A 1 6  ? 2.832  7.752   -3.922  1.00 0.00 ? 6  IAM A CK2  7  
HETATM 1311 C C    . IAM A 1 6  ? 0.151  -0.029  -6.008  1.00 0.00 ? 6  IAM A C    7  
HETATM 1312 O O    . IAM A 1 6  ? 0.488  -0.256  -7.169  1.00 0.00 ? 6  IAM A O    7  
HETATM 1313 H H    . IAM A 1 6  ? -2.169 -2.117  -5.366  1.00 0.00 ? 6  IAM A H    7  
HETATM 1314 H HA   . IAM A 1 6  ? -1.951 -0.203  -6.437  1.00 0.00 ? 6  IAM A HA   7  
HETATM 1315 H HB   . IAM A 1 6  ? -1.171 0.548   -3.569  1.00 0.00 ? 6  IAM A HB   7  
HETATM 1316 H HB1  . IAM A 1 6  ? -2.727 0.794   -4.335  1.00 0.00 ? 6  IAM A HB1  7  
HETATM 1317 H HD1  . IAM A 1 6  ? -1.263 2.925   -2.875  1.00 0.00 ? 6  IAM A HD1  7  
HETATM 1318 H HE1  . IAM A 1 6  ? -0.584 5.262   -3.494  1.00 0.00 ? 6  IAM A HE1  7  
HETATM 1319 H HE2  . IAM A 1 6  ? -0.468 4.142   -7.587  1.00 0.00 ? 6  IAM A HE2  7  
HETATM 1320 H HD2  . IAM A 1 6  ? -1.146 1.806   -6.966  1.00 0.00 ? 6  IAM A HD2  7  
HETATM 1321 H HT1  . IAM A 1 6  ? -0.788 6.954   -5.559  1.00 0.00 ? 6  IAM A HT1  7  
HETATM 1322 H HT2  . IAM A 1 6  ? -0.039 6.352   -7.020  1.00 0.00 ? 6  IAM A HT2  7  
HETATM 1323 H HH   . IAM A 1 6  ? 2.013  5.847   -5.465  1.00 0.00 ? 6  IAM A HH   7  
HETATM 1324 H HI   . IAM A 1 6  ? 0.711  8.062   -4.052  1.00 0.00 ? 6  IAM A HI   7  
HETATM 1325 H HK11 . IAM A 1 6  ? 2.440  8.734   -6.443  1.00 0.00 ? 6  IAM A HK11 7  
HETATM 1326 H HK12 . IAM A 1 6  ? 0.718  9.015   -6.328  1.00 0.00 ? 6  IAM A HK12 7  
HETATM 1327 H HK13 . IAM A 1 6  ? 1.817  9.890   -5.288  1.00 0.00 ? 6  IAM A HK13 7  
HETATM 1328 H HK21 . IAM A 1 6  ? 2.753  6.976   -3.188  1.00 0.00 ? 6  IAM A HK21 7  
HETATM 1329 H HK22 . IAM A 1 6  ? 3.640  7.529   -4.587  1.00 0.00 ? 6  IAM A HK22 7  
HETATM 1330 H HK23 . IAM A 1 6  ? 3.020  8.686   -3.434  1.00 0.00 ? 6  IAM A HK23 7  
ATOM   1331 N N    . THR A 1 7  ? 0.969  0.399   -5.058  1.00 0.00 ? 7  THR A N    7  
ATOM   1332 C CA   . THR A 1 7  ? 2.376  0.639   -5.335  1.00 0.00 ? 7  THR A CA   7  
ATOM   1333 C C    . THR A 1 7  ? 3.173  0.708   -4.032  1.00 0.00 ? 7  THR A C    7  
ATOM   1334 O O    . THR A 1 7  ? 2.782  0.113   -3.028  1.00 0.00 ? 7  THR A O    7  
ATOM   1335 C CB   . THR A 1 7  ? 2.482  1.911   -6.179  1.00 0.00 ? 7  THR A CB   7  
ATOM   1336 O OG1  . THR A 1 7  ? 3.870  2.008   -6.489  1.00 0.00 ? 7  THR A OG1  7  
ATOM   1337 C CG2  . THR A 1 7  ? 2.190  3.177   -5.371  1.00 0.00 ? 7  THR A CG2  7  
ATOM   1338 H H    . THR A 1 7  ? 0.688  0.581   -4.117  1.00 0.00 ? 7  THR A H    7  
ATOM   1339 H HA   . THR A 1 7  ? 2.763  -0.209  -5.902  1.00 0.00 ? 7  THR A HA   7  
ATOM   1340 H HB   . THR A 1 7  ? 1.836  1.850   -7.055  1.00 0.00 ? 7  THR A HB   7  
ATOM   1341 H HG1  . THR A 1 7  ? 4.407  2.011   -5.646  1.00 0.00 ? 7  THR A HG1  7  
ATOM   1342 H HG21 . THR A 1 7  ? 2.740  4.015   -5.799  1.00 0.00 ? 7  THR A HG21 7  
ATOM   1343 H HG22 . THR A 1 7  ? 1.122  3.389   -5.401  1.00 0.00 ? 7  THR A HG22 7  
ATOM   1344 H HG23 . THR A 1 7  ? 2.504  3.027   -4.337  1.00 0.00 ? 7  THR A HG23 7  
HETATM 1345 N N    . IYR A 1 8  ? 4.277  1.439   -4.087  1.00 0.00 ? 8  IYR A N    7  
HETATM 1346 C CA   . IYR A 1 8  ? 5.132  1.593   -2.923  1.00 0.00 ? 8  IYR A CA   7  
HETATM 1347 C CB   . IYR A 1 8  ? 5.966  2.887   -3.155  1.00 0.00 ? 8  IYR A CB   7  
HETATM 1348 C CC   . IYR A 1 8  ? 6.722  2.987   -4.485  1.00 0.00 ? 8  IYR A CC   7  
HETATM 1349 C CD   . IYR A 1 8  ? 6.313  3.914   -5.449  1.00 0.00 ? 8  IYR A CD   7  
HETATM 1350 C CE   . IYR A 1 8  ? 6.993  4.015   -6.657  1.00 0.00 ? 8  IYR A CE   7  
HETATM 1351 I IE   . IYR A 1 8  ? 6.341  5.425   -8.114  1.00 0.00 ? 8  IYR A IE   7  
HETATM 1352 C CF   . IYR A 1 8  ? 8.087  3.191   -6.910  1.00 0.00 ? 8  IYR A CF   7  
HETATM 1353 O OF   . IYR A 1 8  ? 8.755  3.284   -8.099  1.00 0.00 ? 8  IYR A OF   7  
HETATM 1354 C CG   . IYR A 1 8  ? 8.502  2.266   -5.955  1.00 0.00 ? 8  IYR A CG   7  
HETATM 1355 C CH   . IYR A 1 8  ? 7.824  2.165   -4.742  1.00 0.00 ? 8  IYR A CH   7  
HETATM 1356 C C    . IYR A 1 8  ? 4.300  1.789   -1.653  1.00 0.00 ? 8  IYR A C    7  
HETATM 1357 O O    . IYR A 1 8  ? 3.840  2.896   -1.374  1.00 0.00 ? 8  IYR A O    7  
HETATM 1358 H H    . IYR A 1 8  ? 4.588  1.920   -4.907  1.00 0.00 ? 8  IYR A H    7  
HETATM 1359 H HA   . IYR A 1 8  ? 5.805  0.731   -2.756  1.00 0.00 ? 8  IYR A HA   7  
HETATM 1360 H HB2  . IYR A 1 8  ? 5.310  3.773   -3.034  1.00 0.00 ? 8  IYR A HB2  7  
HETATM 1361 H HB3  . IYR A 1 8  ? 6.708  3.003   -2.341  1.00 0.00 ? 8  IYR A HB3  7  
HETATM 1362 H HD   . IYR A 1 8  ? 5.458  4.562   -5.250  1.00 0.00 ? 8  IYR A HD   7  
HETATM 1363 H HF   . IYR A 1 8  ? 8.334  3.964   -8.630  1.00 0.00 ? 8  IYR A HF   7  
HETATM 1364 H HG   . IYR A 1 8  ? 9.358  1.623   -6.156  1.00 0.00 ? 8  IYR A HG   7  
HETATM 1365 H HH   . IYR A 1 8  ? 8.151  1.444   -3.994  1.00 0.00 ? 8  IYR A HH   7  
ATOM   1366 N N    . THR A 1 9  ? 4.132  0.701   -0.919  1.00 0.00 ? 9  THR A N    7  
ATOM   1367 C CA   . THR A 1 9  ? 3.364  0.739   0.313   1.00 0.00 ? 9  THR A CA   7  
ATOM   1368 C C    . THR A 1 9  ? 2.037  1.470   0.092   1.00 0.00 ? 9  THR A C    7  
ATOM   1369 O O    . THR A 1 9  ? 1.436  1.362   -0.975  1.00 0.00 ? 9  THR A O    7  
ATOM   1370 C CB   . THR A 1 9  ? 4.236  1.380   1.394   1.00 0.00 ? 9  THR A CB   7  
ATOM   1371 O OG1  . THR A 1 9  ? 3.422  1.347   2.563   1.00 0.00 ? 9  THR A OG1  7  
ATOM   1372 C CG2  . THR A 1 9  ? 4.475  2.870   1.147   1.00 0.00 ? 9  THR A CG2  7  
ATOM   1373 H H    . THR A 1 9  ? 4.510  -0.195  -1.153  1.00 0.00 ? 9  THR A H    7  
ATOM   1374 H HA   . THR A 1 9  ? 3.121  -0.285  0.601   1.00 0.00 ? 9  THR A HA   7  
ATOM   1375 H HB   . THR A 1 9  ? 5.181  0.846   1.497   1.00 0.00 ? 9  THR A HB   7  
ATOM   1376 H HG1  . THR A 1 9  ? 2.555  1.812   2.387   1.00 0.00 ? 9  THR A HG1  7  
ATOM   1377 H HG21 . THR A 1 9  ? 4.627  3.378   2.100   1.00 0.00 ? 9  THR A HG21 7  
ATOM   1378 H HG22 . THR A 1 9  ? 5.361  2.998   0.524   1.00 0.00 ? 9  THR A HG22 7  
ATOM   1379 H HG23 . THR A 1 9  ? 3.610  3.298   0.640   1.00 0.00 ? 9  THR A HG23 7  
ATOM   1380 N N    . SER A 1 10 ? 1.619  2.195   1.119   1.00 0.00 ? 10 SER A N    7  
ATOM   1381 C CA   . SER A 1 10 ? 0.375  2.943   1.050   1.00 0.00 ? 10 SER A CA   7  
ATOM   1382 C C    . SER A 1 10 ? 0.126  3.668   2.373   1.00 0.00 ? 10 SER A C    7  
ATOM   1383 O O    . SER A 1 10 ? 0.250  4.890   2.448   1.00 0.00 ? 10 SER A O    7  
ATOM   1384 C CB   . SER A 1 10 ? -0.801 2.000   0.688   1.00 0.00 ? 10 SER A CB   7  
ATOM   1385 O OG   . SER A 1 10 ? -1.747 2.607   -0.200  1.00 0.00 ? 10 SER A OG   7  
ATOM   1386 H H    . SER A 1 10 ? 2.115  2.276   1.984   1.00 0.00 ? 10 SER A H    7  
ATOM   1387 H HA   . SER A 1 10 ? 0.453  3.719   0.268   1.00 0.00 ? 10 SER A HA   7  
ATOM   1388 H HB2  . SER A 1 10 ? -0.408 1.083   0.205   1.00 0.00 ? 10 SER A HB2  7  
ATOM   1389 H HB3  . SER A 1 10 ? -1.323 1.644   1.597   1.00 0.00 ? 10 SER A HB3  7  
ATOM   1390 H HG   . SER A 1 10 ? -2.132 3.357   0.260   1.00 0.00 ? 10 SER A HG   7  
ATOM   1391 N N    . CYS A 1 11 ? -0.219 2.885   3.385   1.00 0.00 ? 11 CYS A N    7  
ATOM   1392 C CA   . CYS A 1 11 ? -0.486 3.439   4.703   1.00 0.00 ? 11 CYS A CA   7  
ATOM   1393 C C    . CYS A 1 11 ? 0.848  3.854   5.329   1.00 0.00 ? 11 CYS A C    7  
ATOM   1394 O O    . CYS A 1 11 ? 1.398  5.007   4.995   1.00 0.00 ? 11 CYS A O    7  
ATOM   1395 C CB   . CYS A 1 11 ? -1.249 2.451   5.587   1.00 0.00 ? 11 CYS A CB   7  
ATOM   1396 S SG   . CYS A 1 11 ? -2.523 3.208   6.661   1.00 0.00 ? 11 CYS A SG   7  
ATOM   1397 H H    . CYS A 1 11 ? -0.317 1.893   3.318   1.00 0.00 ? 11 CYS A H    7  
ATOM   1398 H HA   . CYS A 1 11 ? -1.128 4.305   4.553   1.00 0.00 ? 11 CYS A HA   7  
ATOM   1399 H HB2  . CYS A 1 11 ? -1.727 1.708   4.947   1.00 0.00 ? 11 CYS A HB2  7  
ATOM   1400 H HB3  . CYS A 1 11 ? -0.534 1.919   6.214   1.00 0.00 ? 11 CYS A HB3  7  
ATOM   1401 N N    . CYS A 1 1  ? -4.490 -0.287  6.985   1.00 0.00 ? 1  CYS A N    8  
ATOM   1402 C CA   . CYS A 1 1  ? -4.835 0.024   5.607   1.00 0.00 ? 1  CYS A CA   8  
ATOM   1403 C C    . CYS A 1 1  ? -4.285 -1.088  4.713   1.00 0.00 ? 1  CYS A C    8  
ATOM   1404 O O    . CYS A 1 1  ? -4.088 -2.214  5.166   1.00 0.00 ? 1  CYS A O    8  
ATOM   1405 C CB   . CYS A 1 1  ? -4.314 1.402   5.192   1.00 0.00 ? 1  CYS A CB   8  
ATOM   1406 S SG   . CYS A 1 1  ? -3.815 2.485   6.580   1.00 0.00 ? 1  CYS A SG   8  
ATOM   1407 H H1   . CYS A 1 1  ? -3.643 -0.873  7.005   1.00 0.00 ? 1  CYS A H1   8  
ATOM   1408 H H2   . CYS A 1 1  ? -4.315 0.586   7.502   1.00 0.00 ? 1  CYS A H2   8  
ATOM   1409 H HA   . CYS A 1 1  ? -5.921 0.059   5.557   1.00 0.00 ? 1  CYS A HA   8  
ATOM   1410 H HB2  . CYS A 1 1  ? -3.458 1.265   4.530   1.00 0.00 ? 1  CYS A HB2  8  
ATOM   1411 H HB3  . CYS A 1 1  ? -5.086 1.908   4.613   1.00 0.00 ? 1  CYS A HB3  8  
ATOM   1412 N N    . LYS A 1 2  ? -4.053 -0.732  3.458   1.00 0.00 ? 2  LYS A N    8  
ATOM   1413 C CA   . LYS A 1 2  ? -3.529 -1.687  2.495   1.00 0.00 ? 2  LYS A CA   8  
ATOM   1414 C C    . LYS A 1 2  ? -2.174 -1.197  1.982   1.00 0.00 ? 2  LYS A C    8  
ATOM   1415 O O    . LYS A 1 2  ? -2.000 -0.975  0.786   1.00 0.00 ? 2  LYS A O    8  
ATOM   1416 C CB   . LYS A 1 2  ? -4.551 -1.940  1.383   1.00 0.00 ? 2  LYS A CB   8  
ATOM   1417 C CG   . LYS A 1 2  ? -5.787 -2.656  1.928   1.00 0.00 ? 2  LYS A CG   8  
ATOM   1418 C CD   . LYS A 1 2  ? -5.814 -4.120  1.482   1.00 0.00 ? 2  LYS A CD   8  
ATOM   1419 C CE   . LYS A 1 2  ? -7.025 -4.401  0.590   1.00 0.00 ? 2  LYS A CE   8  
ATOM   1420 N NZ   . LYS A 1 2  ? -7.343 -5.845  0.588   1.00 0.00 ? 2  LYS A NZ   8  
ATOM   1421 H H    . LYS A 1 2  ? -4.215 0.186   3.098   1.00 0.00 ? 2  LYS A H    8  
ATOM   1422 H HA   . LYS A 1 2  ? -3.380 -2.632  3.016   1.00 0.00 ? 2  LYS A HA   8  
ATOM   1423 H HB2  . LYS A 1 2  ? -4.844 -0.993  0.931   1.00 0.00 ? 2  LYS A HB2  8  
ATOM   1424 H HB3  . LYS A 1 2  ? -4.095 -2.540  0.596   1.00 0.00 ? 2  LYS A HB3  8  
ATOM   1425 H HG2  . LYS A 1 2  ? -5.795 -2.602  3.016   1.00 0.00 ? 2  LYS A HG2  8  
ATOM   1426 H HG3  . LYS A 1 2  ? -6.687 -2.151  1.577   1.00 0.00 ? 2  LYS A HG3  8  
ATOM   1427 H HD2  . LYS A 1 2  ? -4.898 -4.356  0.942   1.00 0.00 ? 2  LYS A HD2  8  
ATOM   1428 H HD3  . LYS A 1 2  ? -5.844 -4.770  2.358   1.00 0.00 ? 2  LYS A HD3  8  
ATOM   1429 H HE2  . LYS A 1 2  ? -7.884 -3.833  0.948   1.00 0.00 ? 2  LYS A HE2  8  
ATOM   1430 H HE3  . LYS A 1 2  ? -6.821 -4.064  -0.426  1.00 0.00 ? 2  LYS A HE3  8  
ATOM   1431 H HZ1  . LYS A 1 2  ? -7.875 -6.116  -0.232  1.00 0.00 ? 2  LYS A HZ1  8  
ATOM   1432 H HZ2  . LYS A 1 2  ? -6.506 -6.418  0.596   1.00 0.00 ? 2  LYS A HZ2  8  
ATOM   1433 N N    . PHE A 1 3  ? -1.246 -1.044  2.917   1.00 0.00 ? 3  PHE A N    8  
ATOM   1434 C CA   . PHE A 1 3  ? 0.091  -0.585  2.577   1.00 0.00 ? 3  PHE A CA   8  
ATOM   1435 C C    . PHE A 1 3  ? 0.552  -1.180  1.245   1.00 0.00 ? 3  PHE A C    8  
ATOM   1436 O O    . PHE A 1 3  ? 1.068  -0.466  0.387   1.00 0.00 ? 3  PHE A O    8  
ATOM   1437 C CB   . PHE A 1 3  ? 1.025  -1.065  3.689   1.00 0.00 ? 3  PHE A CB   8  
ATOM   1438 C CG   . PHE A 1 3  ? 1.270  -2.576  3.687   1.00 0.00 ? 3  PHE A CG   8  
ATOM   1439 C CD1  . PHE A 1 3  ? 0.419  -3.403  4.350   1.00 0.00 ? 3  PHE A CD1  8  
ATOM   1440 C CD2  . PHE A 1 3  ? 2.341  -3.089  3.023   1.00 0.00 ? 3  PHE A CD2  8  
ATOM   1441 C CE1  . PHE A 1 3  ? 0.647  -4.804  4.350   1.00 0.00 ? 3  PHE A CE1  8  
ATOM   1442 C CE2  . PHE A 1 3  ? 2.568  -4.491  3.022   1.00 0.00 ? 3  PHE A CE2  8  
ATOM   1443 C CZ   . PHE A 1 3  ? 1.717  -5.319  3.685   1.00 0.00 ? 3  PHE A CZ   8  
ATOM   1444 H H    . PHE A 1 3  ? -1.394 -1.227  3.889   1.00 0.00 ? 3  PHE A H    8  
ATOM   1445 H HA   . PHE A 1 3  ? 0.047  0.502   2.491   1.00 0.00 ? 3  PHE A HA   8  
ATOM   1446 H HB2  . PHE A 1 3  ? 1.983  -0.551  3.591   1.00 0.00 ? 3  PHE A HB2  8  
ATOM   1447 H HB3  . PHE A 1 3  ? 0.606  -0.776  4.652   1.00 0.00 ? 3  PHE A HB3  8  
ATOM   1448 H HD1  . PHE A 1 3  ? -0.438 -2.991  4.882   1.00 0.00 ? 3  PHE A HD1  8  
ATOM   1449 H HD2  . PHE A 1 3  ? 3.022  -2.425  2.491   1.00 0.00 ? 3  PHE A HD2  8  
ATOM   1450 H HE1  . PHE A 1 3  ? -0.035 -5.468  4.882   1.00 0.00 ? 3  PHE A HE1  8  
ATOM   1451 H HE2  . PHE A 1 3  ? 3.426  -4.903  2.490   1.00 0.00 ? 3  PHE A HE2  8  
ATOM   1452 H HZ   . PHE A 1 3  ? 1.892  -6.395  3.684   1.00 0.00 ? 3  PHE A HZ   8  
ATOM   1453 N N    . PHE A 1 4  ? 0.350  -2.484  1.115   1.00 0.00 ? 4  PHE A N    8  
ATOM   1454 C CA   . PHE A 1 4  ? 0.739  -3.184  -0.098  1.00 0.00 ? 4  PHE A CA   8  
ATOM   1455 C C    . PHE A 1 4  ? -0.247 -2.904  -1.233  1.00 0.00 ? 4  PHE A C    8  
ATOM   1456 O O    . PHE A 1 4  ? -1.019 -1.948  -1.168  1.00 0.00 ? 4  PHE A O    8  
ATOM   1457 C CB   . PHE A 1 4  ? 0.719  -4.679  0.223   1.00 0.00 ? 4  PHE A CB   8  
ATOM   1458 C CG   . PHE A 1 4  ? 2.086  -5.359  0.111   1.00 0.00 ? 4  PHE A CG   8  
ATOM   1459 C CD1  . PHE A 1 4  ? 2.973  -4.948  -0.835  1.00 0.00 ? 4  PHE A CD1  8  
ATOM   1460 C CD2  . PHE A 1 4  ? 2.412  -6.372  0.957   1.00 0.00 ? 4  PHE A CD2  8  
ATOM   1461 C CE1  . PHE A 1 4  ? 4.241  -5.579  -0.939  1.00 0.00 ? 4  PHE A CE1  8  
ATOM   1462 C CE2  . PHE A 1 4  ? 3.680  -7.003  0.853   1.00 0.00 ? 4  PHE A CE2  8  
ATOM   1463 C CZ   . PHE A 1 4  ? 4.568  -6.592  -0.093  1.00 0.00 ? 4  PHE A CZ   8  
ATOM   1464 H H    . PHE A 1 4  ? -0.069 -3.058  1.818   1.00 0.00 ? 4  PHE A H    8  
ATOM   1465 H HA   . PHE A 1 4  ? 1.727  -2.818  -0.378  1.00 0.00 ? 4  PHE A HA   8  
ATOM   1466 H HB2  . PHE A 1 4  ? 0.337  -4.819  1.235   1.00 0.00 ? 4  PHE A HB2  8  
ATOM   1467 H HB3  . PHE A 1 4  ? 0.021  -5.177  -0.451  1.00 0.00 ? 4  PHE A HB3  8  
ATOM   1468 H HD1  . PHE A 1 4  ? 2.711  -4.135  -1.511  1.00 0.00 ? 4  PHE A HD1  8  
ATOM   1469 H HD2  . PHE A 1 4  ? 1.699  -6.702  1.713   1.00 0.00 ? 4  PHE A HD2  8  
ATOM   1470 H HE1  . PHE A 1 4  ? 4.953  -5.250  -1.697  1.00 0.00 ? 4  PHE A HE1  8  
ATOM   1471 H HE2  . PHE A 1 4  ? 3.942  -7.816  1.531   1.00 0.00 ? 4  PHE A HE2  8  
ATOM   1472 H HZ   . PHE A 1 4  ? 5.542  -7.076  -0.172  1.00 0.00 ? 4  PHE A HZ   8  
HETATM 1473 N N    . DTR A 1 5  ? -0.192 -3.757  -2.246  1.00 0.00 ? 5  DTR A N    8  
HETATM 1474 C CA   . DTR A 1 5  ? -1.072 -3.613  -3.394  1.00 0.00 ? 5  DTR A CA   8  
HETATM 1475 C CB   . DTR A 1 5  ? -0.647 -4.687  -4.399  1.00 0.00 ? 5  DTR A CB   8  
HETATM 1476 C CG   . DTR A 1 5  ? -1.049 -6.107  -3.999  1.00 0.00 ? 5  DTR A CG   8  
HETATM 1477 C CD1  . DTR A 1 5  ? -0.808 -6.740  -2.843  1.00 0.00 ? 5  DTR A CD1  8  
HETATM 1478 N NE1  . DTR A 1 5  ? -1.327 -8.018  -2.846  1.00 0.00 ? 5  DTR A NE1  8  
HETATM 1479 C CE2  . DTR A 1 5  ? -1.937 -8.216  -4.080  1.00 0.00 ? 5  DTR A CE2  8  
HETATM 1480 C CZ2  . DTR A 1 5  ? -2.605 -9.344  -4.571  1.00 0.00 ? 5  DTR A CZ2  8  
HETATM 1481 C CH2  . DTR A 1 5  ? -3.123 -9.246  -5.868  1.00 0.00 ? 5  DTR A CH2  8  
HETATM 1482 C CZ3  . DTR A 1 5  ? -2.957 -8.069  -6.588  1.00 0.00 ? 5  DTR A CZ3  8  
HETATM 1483 C CE3  . DTR A 1 5  ? -2.292 -6.932  -6.112  1.00 0.00 ? 5  DTR A CE3  8  
HETATM 1484 C CD2  . DTR A 1 5  ? -1.780 -7.053  -4.808  1.00 0.00 ? 5  DTR A CD2  8  
HETATM 1485 C C    . DTR A 1 5  ? -0.916 -2.191  -3.934  1.00 0.00 ? 5  DTR A C    8  
HETATM 1486 O O    . DTR A 1 5  ? -0.164 -1.391  -3.380  1.00 0.00 ? 5  DTR A O    8  
HETATM 1487 H H    . DTR A 1 5  ? 0.437  -4.531  -2.291  1.00 0.00 ? 5  DTR A H    8  
HETATM 1488 H HA   . DTR A 1 5  ? -2.086 -3.767  -3.025  1.00 0.00 ? 5  DTR A HA   8  
HETATM 1489 H HB2  . DTR A 1 5  ? -1.086 -4.455  -5.370  1.00 0.00 ? 5  DTR A HB2  8  
HETATM 1490 H HB3  . DTR A 1 5  ? 0.435  -4.648  -4.521  1.00 0.00 ? 5  DTR A HB3  8  
HETATM 1491 H HD1  . DTR A 1 5  ? -0.269 -6.298  -2.004  1.00 0.00 ? 5  DTR A HD1  8  
HETATM 1492 H HE1  . DTR A 1 5  ? -1.269 -8.740  -2.033  1.00 0.00 ? 5  DTR A HE1  8  
HETATM 1493 H HZ2  . DTR A 1 5  ? -2.714 -10.250 -3.975  1.00 0.00 ? 5  DTR A HZ2  8  
HETATM 1494 H HH2  . DTR A 1 5  ? -3.653 -10.090 -6.310  1.00 0.00 ? 5  DTR A HH2  8  
HETATM 1495 H HZ3  . DTR A 1 5  ? -3.372 -8.029  -7.595  1.00 0.00 ? 5  DTR A HZ3  8  
HETATM 1496 H HE3  . DTR A 1 5  ? -2.181 -6.024  -6.706  1.00 0.00 ? 5  DTR A HE3  8  
HETATM 1497 N N    . IAM A 1 6  ? -1.638 -1.919  -5.011  1.00 0.00 ? 6  IAM A N    8  
HETATM 1498 C CA   . IAM A 1 6  ? -1.590 -0.606  -5.633  1.00 0.00 ? 6  IAM A CA   8  
HETATM 1499 C CB   . IAM A 1 6  ? -2.087 0.400   -4.593  1.00 0.00 ? 6  IAM A CB   8  
HETATM 1500 C CG   . IAM A 1 6  ? -1.791 1.859   -4.949  1.00 0.00 ? 6  IAM A CG   8  
HETATM 1501 C CD1  . IAM A 1 6  ? -1.691 2.233   -6.252  1.00 0.00 ? 6  IAM A CD1  8  
HETATM 1502 C CE1  . IAM A 1 6  ? -1.418 3.588   -6.583  1.00 0.00 ? 6  IAM A CE1  8  
HETATM 1503 C CZ   . IAM A 1 6  ? -1.257 4.509   -5.596  1.00 0.00 ? 6  IAM A CZ   8  
HETATM 1504 C CE2  . IAM A 1 6  ? -1.359 4.135   -4.292  1.00 0.00 ? 6  IAM A CE2  8  
HETATM 1505 C CD2  . IAM A 1 6  ? -1.632 2.781   -3.962  1.00 0.00 ? 6  IAM A CD2  8  
HETATM 1506 C CT   . IAM A 1 6  ? -0.964 5.976   -5.955  1.00 0.00 ? 6  IAM A CT   8  
HETATM 1507 N NH   . IAM A 1 6  ? -1.914 6.855   -5.241  1.00 0.00 ? 6  IAM A NH   8  
HETATM 1508 C CI   . IAM A 1 6  ? -3.307 6.986   -5.723  1.00 0.00 ? 6  IAM A CI   8  
HETATM 1509 C CK1  . IAM A 1 6  ? -3.872 8.353   -5.296  1.00 0.00 ? 6  IAM A CK1  8  
HETATM 1510 C CK2  . IAM A 1 6  ? -4.166 5.862   -5.117  1.00 0.00 ? 6  IAM A CK2  8  
HETATM 1511 C C    . IAM A 1 6  ? -0.159 -0.242  -6.033  1.00 0.00 ? 6  IAM A C    8  
HETATM 1512 O O    . IAM A 1 6  ? 0.224  -0.395  -7.192  1.00 0.00 ? 6  IAM A O    8  
HETATM 1513 H H    . IAM A 1 6  ? -2.247 -2.575  -5.457  1.00 0.00 ? 6  IAM A H    8  
HETATM 1514 H HA   . IAM A 1 6  ? -2.215 -0.648  -6.525  1.00 0.00 ? 6  IAM A HA   8  
HETATM 1515 H HB   . IAM A 1 6  ? -1.627 0.173   -3.632  1.00 0.00 ? 6  IAM A HB   8  
HETATM 1516 H HB1  . IAM A 1 6  ? -3.163 0.279   -4.469  1.00 0.00 ? 6  IAM A HB1  8  
HETATM 1517 H HD1  . IAM A 1 6  ? -1.819 1.495   -7.043  1.00 0.00 ? 6  IAM A HD1  8  
HETATM 1518 H HE1  . IAM A 1 6  ? -1.338 3.889   -7.628  1.00 0.00 ? 6  IAM A HE1  8  
HETATM 1519 H HE2  . IAM A 1 6  ? -1.233 4.874   -3.502  1.00 0.00 ? 6  IAM A HE2  8  
HETATM 1520 H HD2  . IAM A 1 6  ? -1.714 2.480   -2.918  1.00 0.00 ? 6  IAM A HD2  8  
HETATM 1521 H HT1  . IAM A 1 6  ? -1.071 6.115   -7.012  1.00 0.00 ? 6  IAM A HT1  8  
HETATM 1522 H HT2  . IAM A 1 6  ? 0.038  6.224   -5.662  1.00 0.00 ? 6  IAM A HT2  8  
HETATM 1523 H HH   . IAM A 1 6  ? -1.606 7.377   -4.406  1.00 0.00 ? 6  IAM A HH   8  
HETATM 1524 H HI   . IAM A 1 6  ? -3.322 6.913   -6.790  1.00 0.00 ? 6  IAM A HI   8  
HETATM 1525 H HK11 . IAM A 1 6  ? -3.857 8.428   -4.227  1.00 0.00 ? 6  IAM A HK11 8  
HETATM 1526 H HK12 . IAM A 1 6  ? -3.275 9.135   -5.716  1.00 0.00 ? 6  IAM A HK12 8  
HETATM 1527 H HK13 . IAM A 1 6  ? -4.880 8.448   -5.644  1.00 0.00 ? 6  IAM A HK13 8  
HETATM 1528 H HK21 . IAM A 1 6  ? -3.772 4.912   -5.415  1.00 0.00 ? 6  IAM A HK21 8  
HETATM 1529 H HK22 . IAM A 1 6  ? -4.151 5.935   -4.049  1.00 0.00 ? 6  IAM A HK22 8  
HETATM 1530 H HK23 . IAM A 1 6  ? -5.174 5.954   -5.466  1.00 0.00 ? 6  IAM A HK23 8  
ATOM   1531 N N    . THR A 1 7  ? 0.594  0.234   -5.051  1.00 0.00 ? 7  THR A N    8  
ATOM   1532 C CA   . THR A 1 7  ? 1.974  0.620   -5.286  1.00 0.00 ? 7  THR A CA   8  
ATOM   1533 C C    . THR A 1 7  ? 2.785  0.515   -3.994  1.00 0.00 ? 7  THR A C    8  
ATOM   1534 O O    . THR A 1 7  ? 2.470  -0.292  -3.122  1.00 0.00 ? 7  THR A O    8  
ATOM   1535 C CB   . THR A 1 7  ? 1.976  2.025   -5.894  1.00 0.00 ? 7  THR A CB   8  
ATOM   1536 O OG1  . THR A 1 7  ? 3.348  2.280   -6.179  1.00 0.00 ? 7  THR A OG1  8  
ATOM   1537 C CG2  . THR A 1 7  ? 1.600  3.104   -4.873  1.00 0.00 ? 7  THR A CG2  8  
ATOM   1538 H H    . THR A 1 7  ? 0.276  0.354   -4.111  1.00 0.00 ? 7  THR A H    8  
ATOM   1539 H HA   . THR A 1 7  ? 2.411  -0.082  -5.997  1.00 0.00 ? 7  THR A HA   8  
ATOM   1540 H HB   . THR A 1 7  ? 1.326  2.072   -6.767  1.00 0.00 ? 7  THR A HB   8  
ATOM   1541 H HG1  . THR A 1 7  ? 3.895  2.174   -5.349  1.00 0.00 ? 7  THR A HG1  8  
ATOM   1542 H HG21 . THR A 1 7  ? 2.079  4.043   -5.146  1.00 0.00 ? 7  THR A HG21 8  
ATOM   1543 H HG22 . THR A 1 7  ? 0.519  3.236   -4.868  1.00 0.00 ? 7  THR A HG22 8  
ATOM   1544 H HG23 . THR A 1 7  ? 1.936  2.797   -3.883  1.00 0.00 ? 7  THR A HG23 8  
HETATM 1545 N N    . IYR A 1 8  ? 3.816  1.345   -3.910  1.00 0.00 ? 8  IYR A N    8  
HETATM 1546 C CA   . IYR A 1 8  ? 4.674  1.356   -2.738  1.00 0.00 ? 8  IYR A CA   8  
HETATM 1547 C CB   . IYR A 1 8  ? 5.470  2.694   -2.787  1.00 0.00 ? 8  IYR A CB   8  
HETATM 1548 C CC   . IYR A 1 8  ? 4.692  3.942   -3.217  1.00 0.00 ? 8  IYR A CC   8  
HETATM 1549 C CD   . IYR A 1 8  ? 5.057  4.620   -4.385  1.00 0.00 ? 8  IYR A CD   8  
HETATM 1550 C CE   . IYR A 1 8  ? 4.358  5.754   -4.786  1.00 0.00 ? 8  IYR A CE   8  
HETATM 1551 I IE   . IYR A 1 8  ? 4.943  6.773   -6.561  1.00 0.00 ? 8  IYR A IE   8  
HETATM 1552 C CF   . IYR A 1 8  ? 3.288  6.216   -4.022  1.00 0.00 ? 8  IYR A CF   8  
HETATM 1553 O OF   . IYR A 1 8  ? 2.602  7.332   -4.411  1.00 0.00 ? 8  IYR A OF   8  
HETATM 1554 C CG   . IYR A 1 8  ? 2.919  5.547   -2.859  1.00 0.00 ? 8  IYR A CG   8  
HETATM 1555 C CH   . IYR A 1 8  ? 3.616  4.411   -2.457  1.00 0.00 ? 8  IYR A CH   8  
HETATM 1556 C C    . IYR A 1 8  ? 3.846  1.346   -1.452  1.00 0.00 ? 8  IYR A C    8  
HETATM 1557 O O    . IYR A 1 8  ? 2.623  1.465   -1.496  1.00 0.00 ? 8  IYR A O    8  
HETATM 1558 H H    . IYR A 1 8  ? 4.066  2.001   -4.623  1.00 0.00 ? 8  IYR A H    8  
HETATM 1559 H HA   . IYR A 1 8  ? 5.372  0.500   -2.700  1.00 0.00 ? 8  IYR A HA   8  
HETATM 1560 H HB2  . IYR A 1 8  ? 5.944  2.874   -1.799  1.00 0.00 ? 8  IYR A HB2  8  
HETATM 1561 H HB3  . IYR A 1 8  ? 6.335  2.588   -3.471  1.00 0.00 ? 8  IYR A HB3  8  
HETATM 1562 H HD   . IYR A 1 8  ? 5.892  4.256   -4.984  1.00 0.00 ? 8  IYR A HD   8  
HETATM 1563 H HF   . IYR A 1 8  ? 2.993  7.660   -5.225  1.00 0.00 ? 8  IYR A HF   8  
HETATM 1564 H HG   . IYR A 1 8  ? 2.082  5.912   -2.264  1.00 0.00 ? 8  IYR A HG   8  
HETATM 1565 H HH   . IYR A 1 8  ? 3.323  3.886   -1.548  1.00 0.00 ? 8  IYR A HH   8  
ATOM   1566 N N    . THR A 1 9  ? 4.547  1.201   -0.336  1.00 0.00 ? 9  THR A N    8  
ATOM   1567 C CA   . THR A 1 9  ? 3.890  1.174   0.960   1.00 0.00 ? 9  THR A CA   8  
ATOM   1568 C C    . THR A 1 9  ? 3.382  2.567   1.330   1.00 0.00 ? 9  THR A C    8  
ATOM   1569 O O    . THR A 1 9  ? 4.108  3.552   1.206   1.00 0.00 ? 9  THR A O    8  
ATOM   1570 C CB   . THR A 1 9  ? 4.879  0.598   1.977   1.00 0.00 ? 9  THR A CB   8  
ATOM   1571 O OG1  . THR A 1 9  ? 5.789  1.667   2.223   1.00 0.00 ? 9  THR A OG1  8  
ATOM   1572 C CG2  . THR A 1 9  ? 5.754  -0.508  1.382   1.00 0.00 ? 9  THR A CG2  8  
ATOM   1573 H H    . THR A 1 9  ? 5.541  1.106   -0.309  1.00 0.00 ? 9  THR A H    8  
ATOM   1574 H HA   . THR A 1 9  ? 3.020  0.522   0.891   1.00 0.00 ? 9  THR A HA   8  
ATOM   1575 H HB   . THR A 1 9  ? 4.359  0.244   2.867   1.00 0.00 ? 9  THR A HB   8  
ATOM   1576 H HG1  . THR A 1 9  ? 6.194  1.975   1.361   1.00 0.00 ? 9  THR A HG1  8  
ATOM   1577 H HG21 . THR A 1 9  ? 6.714  -0.529  1.899   1.00 0.00 ? 9  THR A HG21 8  
ATOM   1578 H HG22 . THR A 1 9  ? 5.257  -1.469  1.500   1.00 0.00 ? 9  THR A HG22 8  
ATOM   1579 H HG23 . THR A 1 9  ? 5.919  -0.311  0.321   1.00 0.00 ? 9  THR A HG23 8  
ATOM   1580 N N    . SER A 1 10 ? 2.135  2.607   1.777   1.00 0.00 ? 10 SER A N    8  
ATOM   1581 C CA   . SER A 1 10 ? 1.520  3.863   2.167   1.00 0.00 ? 10 SER A CA   8  
ATOM   1582 C C    . SER A 1 10 ? 0.343  3.601   3.109   1.00 0.00 ? 10 SER A C    8  
ATOM   1583 O O    . SER A 1 10 ? 0.384  3.979   4.279   1.00 0.00 ? 10 SER A O    8  
ATOM   1584 C CB   . SER A 1 10 ? 1.078  4.661   0.913   1.00 0.00 ? 10 SER A CB   8  
ATOM   1585 O OG   . SER A 1 10 ? 0.969  6.067   1.158   1.00 0.00 ? 10 SER A OG   8  
ATOM   1586 H H    . SER A 1 10 ? 1.550  1.802   1.876   1.00 0.00 ? 10 SER A H    8  
ATOM   1587 H HA   . SER A 1 10 ? 2.251  4.474   2.728   1.00 0.00 ? 10 SER A HA   8  
ATOM   1588 H HB2  . SER A 1 10 ? 1.809  4.505   0.096   1.00 0.00 ? 10 SER A HB2  8  
ATOM   1589 H HB3  . SER A 1 10 ? 0.119  4.279   0.514   1.00 0.00 ? 10 SER A HB3  8  
ATOM   1590 H HG   . SER A 1 10 ? 0.278  6.192   1.816   1.00 0.00 ? 10 SER A HG   8  
ATOM   1591 N N    . CYS A 1 11 ? -0.677 2.955   2.565   1.00 0.00 ? 11 CYS A N    8  
ATOM   1592 C CA   . CYS A 1 11 ? -1.862 2.638   3.343   1.00 0.00 ? 11 CYS A CA   8  
ATOM   1593 C C    . CYS A 1 11 ? -2.968 2.206   2.378   1.00 0.00 ? 11 CYS A C    8  
ATOM   1594 O O    . CYS A 1 11 ? -3.210 0.923   2.189   1.00 0.00 ? 11 CYS A O    8  
ATOM   1595 C CB   . CYS A 1 11 ? -2.297 3.814   4.220   1.00 0.00 ? 11 CYS A CB   8  
ATOM   1596 S SG   . CYS A 1 11 ? -2.191 3.510   6.021   1.00 0.00 ? 11 CYS A SG   8  
ATOM   1597 H H    . CYS A 1 11 ? -0.703 2.650   1.613   1.00 0.00 ? 11 CYS A H    8  
ATOM   1598 H HA   . CYS A 1 11 ? -1.590 1.820   4.009   1.00 0.00 ? 11 CYS A HA   8  
ATOM   1599 H HB2  . CYS A 1 11 ? -1.678 4.679   3.975   1.00 0.00 ? 11 CYS A HB2  8  
ATOM   1600 H HB3  . CYS A 1 11 ? -3.324 4.077   3.969   1.00 0.00 ? 11 CYS A HB3  8  
ATOM   1601 N N    . CYS A 1 1  ? -5.889 1.566   4.860   1.00 0.00 ? 1  CYS A N    9  
ATOM   1602 C CA   . CYS A 1 1  ? -4.488 1.770   4.534   1.00 0.00 ? 1  CYS A CA   9  
ATOM   1603 C C    . CYS A 1 1  ? -4.206 1.100   3.187   1.00 0.00 ? 1  CYS A C    9  
ATOM   1604 O O    . CYS A 1 1  ? -5.105 0.958   2.360   1.00 0.00 ? 1  CYS A O    9  
ATOM   1605 C CB   . CYS A 1 1  ? -3.567 1.249   5.637   1.00 0.00 ? 1  CYS A CB   9  
ATOM   1606 S SG   . CYS A 1 1  ? -4.134 1.598   7.342   1.00 0.00 ? 1  CYS A SG   9  
ATOM   1607 H H1   . CYS A 1 1  ? -6.411 2.439   4.701   1.00 0.00 ? 1  CYS A H1   9  
ATOM   1608 H H2   . CYS A 1 1  ? -6.277 0.821   4.262   1.00 0.00 ? 1  CYS A H2   9  
ATOM   1609 H HA   . CYS A 1 1  ? -4.339 2.848   4.468   1.00 0.00 ? 1  CYS A HA   9  
ATOM   1610 H HB2  . CYS A 1 1  ? -3.457 0.171   5.519   1.00 0.00 ? 1  CYS A HB2  9  
ATOM   1611 H HB3  . CYS A 1 1  ? -2.577 1.686   5.501   1.00 0.00 ? 1  CYS A HB3  9  
ATOM   1612 N N    . LYS A 1 2  ? -2.953 0.705   3.010   1.00 0.00 ? 2  LYS A N    9  
ATOM   1613 C CA   . LYS A 1 2  ? -2.541 0.052   1.780   1.00 0.00 ? 2  LYS A CA   9  
ATOM   1614 C C    . LYS A 1 2  ? -1.424 -0.948  2.087   1.00 0.00 ? 2  LYS A C    9  
ATOM   1615 O O    . LYS A 1 2  ? -0.257 -0.687  1.802   1.00 0.00 ? 2  LYS A O    9  
ATOM   1616 C CB   . LYS A 1 2  ? -2.162 1.091   0.723   1.00 0.00 ? 2  LYS A CB   9  
ATOM   1617 C CG   . LYS A 1 2  ? -2.766 0.737   -0.638  1.00 0.00 ? 2  LYS A CG   9  
ATOM   1618 C CD   . LYS A 1 2  ? -4.266 1.040   -0.667  1.00 0.00 ? 2  LYS A CD   9  
ATOM   1619 C CE   . LYS A 1 2  ? -4.610 1.993   -1.812  1.00 0.00 ? 2  LYS A CE   9  
ATOM   1620 N NZ   . LYS A 1 2  ? -6.034 2.388   -1.747  1.00 0.00 ? 2  LYS A NZ   9  
ATOM   1621 H H    . LYS A 1 2  ? -2.228 0.824   3.689   1.00 0.00 ? 2  LYS A H    9  
ATOM   1622 H HA   . LYS A 1 2  ? -3.401 -0.497  1.397   1.00 0.00 ? 2  LYS A HA   9  
ATOM   1623 H HB2  . LYS A 1 2  ? -2.511 2.077   1.035   1.00 0.00 ? 2  LYS A HB2  9  
ATOM   1624 H HB3  . LYS A 1 2  ? -1.078 1.150   0.639   1.00 0.00 ? 2  LYS A HB3  9  
ATOM   1625 H HG2  . LYS A 1 2  ? -2.262 1.301   -1.421  1.00 0.00 ? 2  LYS A HG2  9  
ATOM   1626 H HG3  . LYS A 1 2  ? -2.602 -0.319  -0.848  1.00 0.00 ? 2  LYS A HG3  9  
ATOM   1627 H HD2  . LYS A 1 2  ? -4.826 0.111   -0.780  1.00 0.00 ? 2  LYS A HD2  9  
ATOM   1628 H HD3  . LYS A 1 2  ? -4.571 1.480   0.282   1.00 0.00 ? 2  LYS A HD3  9  
ATOM   1629 H HE2  . LYS A 1 2  ? -3.978 2.878   -1.758  1.00 0.00 ? 2  LYS A HE2  9  
ATOM   1630 H HE3  . LYS A 1 2  ? -4.403 1.512   -2.769  1.00 0.00 ? 2  LYS A HE3  9  
ATOM   1631 H HZ1  . LYS A 1 2  ? -6.383 2.705   -2.646  1.00 0.00 ? 2  LYS A HZ1  9  
ATOM   1632 H HZ2  . LYS A 1 2  ? -6.630 1.620   -1.458  1.00 0.00 ? 2  LYS A HZ2  9  
ATOM   1633 N N    . PHE A 1 3  ? -1.824 -2.071  2.666   1.00 0.00 ? 3  PHE A N    9  
ATOM   1634 C CA   . PHE A 1 3  ? -0.871 -3.112  3.014   1.00 0.00 ? 3  PHE A CA   9  
ATOM   1635 C C    . PHE A 1 3  ? 0.229  -3.227  1.956   1.00 0.00 ? 3  PHE A C    9  
ATOM   1636 O O    . PHE A 1 3  ? 1.411  -3.291  2.289   1.00 0.00 ? 3  PHE A O    9  
ATOM   1637 C CB   . PHE A 1 3  ? -1.647 -4.428  3.071   1.00 0.00 ? 3  PHE A CB   9  
ATOM   1638 C CG   . PHE A 1 3  ? -0.914 -5.611  2.435   1.00 0.00 ? 3  PHE A CG   9  
ATOM   1639 C CD1  . PHE A 1 3  ? -0.968 -5.799  1.090   1.00 0.00 ? 3  PHE A CD1  9  
ATOM   1640 C CD2  . PHE A 1 3  ? -0.210 -6.475  3.215   1.00 0.00 ? 3  PHE A CD2  9  
ATOM   1641 C CE1  . PHE A 1 3  ? -0.289 -6.897  0.498   1.00 0.00 ? 3  PHE A CE1  9  
ATOM   1642 C CE2  . PHE A 1 3  ? 0.470  -7.573  2.624   1.00 0.00 ? 3  PHE A CE2  9  
ATOM   1643 C CZ   . PHE A 1 3  ? 0.415  -7.760  1.278   1.00 0.00 ? 3  PHE A CZ   9  
ATOM   1644 H H    . PHE A 1 3  ? -2.776 -2.276  2.895   1.00 0.00 ? 3  PHE A H    9  
ATOM   1645 H HA   . PHE A 1 3  ? -0.425 -2.833  3.971   1.00 0.00 ? 3  PHE A HA   9  
ATOM   1646 H HB2  . PHE A 1 3  ? -1.862 -4.666  4.114   1.00 0.00 ? 3  PHE A HB2  9  
ATOM   1647 H HB3  . PHE A 1 3  ? -2.606 -4.296  2.570   1.00 0.00 ? 3  PHE A HB3  9  
ATOM   1648 H HD1  . PHE A 1 3  ? -1.533 -5.106  0.465   1.00 0.00 ? 3  PHE A HD1  9  
ATOM   1649 H HD2  . PHE A 1 3  ? -0.167 -6.324  4.294   1.00 0.00 ? 3  PHE A HD2  9  
ATOM   1650 H HE1  . PHE A 1 3  ? -0.332 -7.048  -0.581  1.00 0.00 ? 3  PHE A HE1  9  
ATOM   1651 H HE2  . PHE A 1 3  ? 1.035  -8.264  3.249   1.00 0.00 ? 3  PHE A HE2  9  
ATOM   1652 H HZ   . PHE A 1 3  ? 0.935  -8.604  0.824   1.00 0.00 ? 3  PHE A HZ   9  
ATOM   1653 N N    . PHE A 1 4  ? -0.202 -3.250  0.703   1.00 0.00 ? 4  PHE A N    9  
ATOM   1654 C CA   . PHE A 1 4  ? 0.732  -3.354  -0.405  1.00 0.00 ? 4  PHE A CA   9  
ATOM   1655 C C    . PHE A 1 4  ? -0.008 -3.587  -1.725  1.00 0.00 ? 4  PHE A C    9  
ATOM   1656 O O    . PHE A 1 4  ? -1.206 -3.320  -1.825  1.00 0.00 ? 4  PHE A O    9  
ATOM   1657 C CB   . PHE A 1 4  ? 1.631  -4.559  -0.120  1.00 0.00 ? 4  PHE A CB   9  
ATOM   1658 C CG   . PHE A 1 4  ? 3.117  -4.212  -0.008  1.00 0.00 ? 4  PHE A CG   9  
ATOM   1659 C CD1  . PHE A 1 4  ? 3.676  -3.326  -0.876  1.00 0.00 ? 4  PHE A CD1  9  
ATOM   1660 C CD2  . PHE A 1 4  ? 3.880  -4.791  0.958   1.00 0.00 ? 4  PHE A CD2  9  
ATOM   1661 C CE1  . PHE A 1 4  ? 5.055  -3.006  -0.772  1.00 0.00 ? 4  PHE A CE1  9  
ATOM   1662 C CE2  . PHE A 1 4  ? 5.258  -4.471  1.062   1.00 0.00 ? 4  PHE A CE2  9  
ATOM   1663 C CZ   . PHE A 1 4  ? 5.817  -3.584  0.195   1.00 0.00 ? 4  PHE A CZ   9  
ATOM   1664 H H    . PHE A 1 4  ? -1.165 -3.195  0.442   1.00 0.00 ? 4  PHE A H    9  
ATOM   1665 H HA   . PHE A 1 4  ? 1.278  -2.413  -0.459  1.00 0.00 ? 4  PHE A HA   9  
ATOM   1666 H HB2  . PHE A 1 4  ? 1.307  -5.029  0.808   1.00 0.00 ? 4  PHE A HB2  9  
ATOM   1667 H HB3  . PHE A 1 4  ? 1.498  -5.295  -0.913  1.00 0.00 ? 4  PHE A HB3  9  
ATOM   1668 H HD1  . PHE A 1 4  ? 3.065  -2.863  -1.650  1.00 0.00 ? 4  PHE A HD1  9  
ATOM   1669 H HD2  . PHE A 1 4  ? 3.430  -5.502  1.652   1.00 0.00 ? 4  PHE A HD2  9  
ATOM   1670 H HE1  . PHE A 1 4  ? 5.504  -2.296  -1.469  1.00 0.00 ? 4  PHE A HE1  9  
ATOM   1671 H HE2  . PHE A 1 4  ? 5.870  -4.935  1.836   1.00 0.00 ? 4  PHE A HE2  9  
ATOM   1672 H HZ   . PHE A 1 4  ? 6.876  -3.338  0.274   1.00 0.00 ? 4  PHE A HZ   9  
HETATM 1673 N N    . DTR A 1 5  ? 0.735  -4.083  -2.703  1.00 0.00 ? 5  DTR A N    9  
HETATM 1674 C CA   . DTR A 1 5  ? 0.162  -4.355  -4.012  1.00 0.00 ? 5  DTR A CA   9  
HETATM 1675 C CB   . DTR A 1 5  ? 1.239  -5.099  -4.806  1.00 0.00 ? 5  DTR A CB   9  
HETATM 1676 C CG   . DTR A 1 5  ? 1.474  -6.537  -4.340  1.00 0.00 ? 5  DTR A CG   9  
HETATM 1677 C CD1  . DTR A 1 5  ? 2.078  -6.952  -3.218  1.00 0.00 ? 5  DTR A CD1  9  
HETATM 1678 N NE1  . DTR A 1 5  ? 2.104  -8.330  -3.137  1.00 0.00 ? 5  DTR A NE1  9  
HETATM 1679 C CE2  . DTR A 1 5  ? 1.477  -8.825  -4.276  1.00 0.00 ? 5  DTR A CE2  9  
HETATM 1680 C CZ2  . DTR A 1 5  ? 1.251  -10.152 -4.660  1.00 0.00 ? 5  DTR A CZ2  9  
HETATM 1681 C CH2  . DTR A 1 5  ? 0.586  -10.344 -5.877  1.00 0.00 ? 5  DTR A CH2  9  
HETATM 1682 C CZ3  . DTR A 1 5  ? 0.192  -9.241  -6.626  1.00 0.00 ? 5  DTR A CZ3  9  
HETATM 1683 C CE3  . DTR A 1 5  ? 0.411  -7.908  -6.257  1.00 0.00 ? 5  DTR A CE3  9  
HETATM 1684 C CD2  . DTR A 1 5  ? 1.081  -7.741  -5.031  1.00 0.00 ? 5  DTR A CD2  9  
HETATM 1685 C C    . DTR A 1 5  ? -0.230 -3.017  -4.642  1.00 0.00 ? 5  DTR A C    9  
HETATM 1686 O O    . DTR A 1 5  ? -0.040 -1.963  -4.040  1.00 0.00 ? 5  DTR A O    9  
HETATM 1687 H H    . DTR A 1 5  ? 1.706  -4.298  -2.613  1.00 0.00 ? 5  DTR A H    9  
HETATM 1688 H HA   . DTR A 1 5  ? -0.722 -4.965  -3.840  1.00 0.00 ? 5  DTR A HA   9  
HETATM 1689 H HB2  . DTR A 1 5  ? 0.956  -5.111  -5.859  1.00 0.00 ? 5  DTR A HB2  9  
HETATM 1690 H HB3  . DTR A 1 5  ? 2.176  -4.546  -4.733  1.00 0.00 ? 5  DTR A HB3  9  
HETATM 1691 H HD1  . DTR A 1 5  ? 2.497  -6.286  -2.464  1.00 0.00 ? 5  DTR A HD1  9  
HETATM 1692 H HE1  . DTR A 1 5  ? 2.536  -8.922  -2.330  1.00 0.00 ? 5  DTR A HE1  9  
HETATM 1693 H HZ2  . DTR A 1 5  ? 1.576  -10.991 -4.045  1.00 0.00 ? 5  DTR A HZ2  9  
HETATM 1694 H HH2  . DTR A 1 5  ? 0.378  -11.352 -6.234  1.00 0.00 ? 5  DTR A HH2  9  
HETATM 1695 H HZ3  . DTR A 1 5  ? -0.322 -9.427  -7.569  1.00 0.00 ? 5  DTR A HZ3  9  
HETATM 1696 H HE3  . DTR A 1 5  ? 0.088  -7.067  -6.870  1.00 0.00 ? 5  DTR A HE3  9  
HETATM 1697 N N    . IAM A 1 6  ? -0.771 -3.105  -5.849  1.00 0.00 ? 6  IAM A N    9  
HETATM 1698 C CA   . IAM A 1 6  ? -1.193 -1.917  -6.568  1.00 0.00 ? 6  IAM A CA   9  
HETATM 1699 C CB   . IAM A 1 6  ? -2.249 -1.221  -5.705  1.00 0.00 ? 6  IAM A CB   9  
HETATM 1700 C CG   . IAM A 1 6  ? -2.392 0.276   -5.983  1.00 0.00 ? 6  IAM A CG   9  
HETATM 1701 C CD1  . IAM A 1 6  ? -2.110 0.769   -7.219  1.00 0.00 ? 6  IAM A CD1  9  
HETATM 1702 C CE1  . IAM A 1 6  ? -2.243 2.160   -7.478  1.00 0.00 ? 6  IAM A CE1  9  
HETATM 1703 C CZ   . IAM A 1 6  ? -2.651 2.998   -6.488  1.00 0.00 ? 6  IAM A CZ   9  
HETATM 1704 C CE2  . IAM A 1 6  ? -2.934 2.506   -5.253  1.00 0.00 ? 6  IAM A CE2  9  
HETATM 1705 C CD2  . IAM A 1 6  ? -2.800 1.115   -4.995  1.00 0.00 ? 6  IAM A CD2  9  
HETATM 1706 C CT   . IAM A 1 6  ? -2.797 4.504   -6.768  1.00 0.00 ? 6  IAM A CT   9  
HETATM 1707 N NH   . IAM A 1 6  ? -3.978 5.025   -6.047  1.00 0.00 ? 6  IAM A NH   9  
HETATM 1708 C CI   . IAM A 1 6  ? -3.981 6.414   -5.539  1.00 0.00 ? 6  IAM A CI   9  
HETATM 1709 C CK1  . IAM A 1 6  ? -5.114 6.583   -4.511  1.00 0.00 ? 6  IAM A CK1  9  
HETATM 1710 C CK2  . IAM A 1 6  ? -4.200 7.389   -6.710  1.00 0.00 ? 6  IAM A CK2  9  
HETATM 1711 C C    . IAM A 1 6  ? -0.017 -0.960  -6.782  1.00 0.00 ? 6  IAM A C    9  
HETATM 1712 O O    . IAM A 1 6  ? 0.548  -0.898  -7.874  1.00 0.00 ? 6  IAM A O    9  
HETATM 1713 H H    . IAM A 1 6  ? -0.922 -3.967  -6.332  1.00 0.00 ? 6  IAM A H    9  
HETATM 1714 H HA   . IAM A 1 6  ? -1.574 -2.242  -7.535  1.00 0.00 ? 6  IAM A HA   9  
HETATM 1715 H HB   . IAM A 1 6  ? -1.997 -1.362  -4.655  1.00 0.00 ? 6  IAM A HB   9  
HETATM 1716 H HB1  . IAM A 1 6  ? -3.211 -1.703  -5.869  1.00 0.00 ? 6  IAM A HB1  9  
HETATM 1717 H HD1  . IAM A 1 6  ? -1.781 0.096   -8.011  1.00 0.00 ? 6  IAM A HD1  9  
HETATM 1718 H HE1  . IAM A 1 6  ? -2.018 2.554   -8.469  1.00 0.00 ? 6  IAM A HE1  9  
HETATM 1719 H HE2  . IAM A 1 6  ? -3.262 3.179   -4.460  1.00 0.00 ? 6  IAM A HE2  9  
HETATM 1720 H HD2  . IAM A 1 6  ? -3.025 0.721   -4.004  1.00 0.00 ? 6  IAM A HD2  9  
HETATM 1721 H HT1  . IAM A 1 6  ? -2.921 4.661   -7.821  1.00 0.00 ? 6  IAM A HT1  9  
HETATM 1722 H HT2  . IAM A 1 6  ? -1.918 5.018   -6.432  1.00 0.00 ? 6  IAM A HT2  9  
HETATM 1723 H HH   . IAM A 1 6  ? -4.800 4.421   -5.900  1.00 0.00 ? 6  IAM A HH   9  
HETATM 1724 H HI   . IAM A 1 6  ? -3.042 6.624   -5.071  1.00 0.00 ? 6  IAM A HI   9  
HETATM 1725 H HK11 . IAM A 1 6  ? -6.055 6.372   -4.977  1.00 0.00 ? 6  IAM A HK11 9  
HETATM 1726 H HK12 . IAM A 1 6  ? -4.963 5.905   -3.697  1.00 0.00 ? 6  IAM A HK12 9  
HETATM 1727 H HK13 . IAM A 1 6  ? -5.117 7.587   -4.142  1.00 0.00 ? 6  IAM A HK13 9  
HETATM 1728 H HK21 . IAM A 1 6  ? -3.413 7.270   -7.425  1.00 0.00 ? 6  IAM A HK21 9  
HETATM 1729 H HK22 . IAM A 1 6  ? -5.139 7.179   -7.179  1.00 0.00 ? 6  IAM A HK22 9  
HETATM 1730 H HK23 . IAM A 1 6  ? -4.203 8.394   -6.344  1.00 0.00 ? 6  IAM A HK23 9  
ATOM   1731 N N    . THR A 1 7  ? 0.316  -0.236  -5.724  1.00 0.00 ? 7  THR A N    9  
ATOM   1732 C CA   . THR A 1 7  ? 1.413  0.716   -5.781  1.00 0.00 ? 7  THR A CA   9  
ATOM   1733 C C    . THR A 1 7  ? 2.113  0.805   -4.424  1.00 0.00 ? 7  THR A C    9  
ATOM   1734 O O    . THR A 1 7  ? 2.099  -0.150  -3.649  1.00 0.00 ? 7  THR A O    9  
ATOM   1735 C CB   . THR A 1 7  ? 0.854  2.055   -6.266  1.00 0.00 ? 7  THR A CB   9  
ATOM   1736 O OG1  . THR A 1 7  ? 2.008  2.873   -6.432  1.00 0.00 ? 7  THR A OG1  9  
ATOM   1737 C CG2  . THR A 1 7  ? 0.038  2.774   -5.189  1.00 0.00 ? 7  THR A CG2  9  
ATOM   1738 H H    . THR A 1 7  ? -0.150 -0.290  -4.840  1.00 0.00 ? 7  THR A H    9  
ATOM   1739 H HA   . THR A 1 7  ? 2.150  0.349   -6.498  1.00 0.00 ? 7  THR A HA   9  
ATOM   1740 H HB   . THR A 1 7  ? 0.269  1.925   -7.177  1.00 0.00 ? 7  THR A HB   9  
ATOM   1741 H HG1  . THR A 1 7  ? 2.524  2.913   -5.578  1.00 0.00 ? 7  THR A HG1  9  
ATOM   1742 H HG21 . THR A 1 7  ? 0.096  3.849   -5.348  1.00 0.00 ? 7  THR A HG21 9  
ATOM   1743 H HG22 . THR A 1 7  ? -1.002 2.453   -5.247  1.00 0.00 ? 7  THR A HG22 9  
ATOM   1744 H HG23 . THR A 1 7  ? 0.439  2.528   -4.205  1.00 0.00 ? 7  THR A HG23 9  
HETATM 1745 N N    . IYR A 1 8  ? 2.709  1.962   -4.179  1.00 0.00 ? 8  IYR A N    9  
HETATM 1746 C CA   . IYR A 1 8  ? 3.412  2.189   -2.927  1.00 0.00 ? 8  IYR A CA   9  
HETATM 1747 C CB   . IYR A 1 8  ? 3.743  3.710   -2.875  1.00 0.00 ? 8  IYR A CB   9  
HETATM 1748 C CC   . IYR A 1 8  ? 4.421  4.310   -4.113  1.00 0.00 ? 8  IYR A CC   9  
HETATM 1749 C CD   . IYR A 1 8  ? 3.728  5.233   -4.904  1.00 0.00 ? 8  IYR A CD   9  
HETATM 1750 C CE   . IYR A 1 8  ? 4.333  5.785   -6.029  1.00 0.00 ? 8  IYR A CE   9  
HETATM 1751 I IE   . IYR A 1 8  ? 3.251  7.177   -7.224  1.00 0.00 ? 8  IYR A IE   9  
HETATM 1752 C CF   . IYR A 1 8  ? 5.633  5.420   -6.367  1.00 0.00 ? 8  IYR A CF   9  
HETATM 1753 O OF   . IYR A 1 8  ? 6.227  5.957   -7.474  1.00 0.00 ? 8  IYR A OF   9  
HETATM 1754 C CG   . IYR A 1 8  ? 6.329  4.503   -5.583  1.00 0.00 ? 8  IYR A CG   9  
HETATM 1755 C CH   . IYR A 1 8  ? 5.726  3.951   -4.458  1.00 0.00 ? 8  IYR A CH   9  
HETATM 1756 C C    . IYR A 1 8  ? 2.523  1.859   -1.729  1.00 0.00 ? 8  IYR A C    9  
HETATM 1757 O O    . IYR A 1 8  ? 1.329  1.609   -1.888  1.00 0.00 ? 8  IYR A O    9  
HETATM 1758 H H    . IYR A 1 8  ? 2.717  2.734   -4.813  1.00 0.00 ? 8  IYR A H    9  
HETATM 1759 H HA   . IYR A 1 8  ? 4.341  1.595   -2.835  1.00 0.00 ? 8  IYR A HA   9  
HETATM 1760 H HB2  . IYR A 1 8  ? 2.818  4.279   -2.646  1.00 0.00 ? 8  IYR A HB2  9  
HETATM 1761 H HB3  . IYR A 1 8  ? 4.397  3.920   -2.005  1.00 0.00 ? 8  IYR A HB3  9  
HETATM 1762 H HD   . IYR A 1 8  ? 2.711  5.521   -4.638  1.00 0.00 ? 8  IYR A HD   9  
HETATM 1763 H HF   . IYR A 1 8  ? 5.607  6.559   -7.889  1.00 0.00 ? 8  IYR A HF   9  
HETATM 1764 H HG   . IYR A 1 8  ? 7.347  4.218   -5.853  1.00 0.00 ? 8  IYR A HG   9  
HETATM 1765 H HH   . IYR A 1 8  ? 6.274  3.236   -3.843  1.00 0.00 ? 8  IYR A HH   9  
ATOM   1766 N N    . THR A 1 9  ? 3.138  1.864   -0.555  1.00 0.00 ? 9  THR A N    9  
ATOM   1767 C CA   . THR A 1 9  ? 2.417  1.568   0.670   1.00 0.00 ? 9  THR A CA   9  
ATOM   1768 C C    . THR A 1 9  ? 2.417  2.785   1.598   1.00 0.00 ? 9  THR A C    9  
ATOM   1769 O O    . THR A 1 9  ? 3.367  3.566   1.602   1.00 0.00 ? 9  THR A O    9  
ATOM   1770 C CB   . THR A 1 9  ? 3.045  0.323   1.301   1.00 0.00 ? 9  THR A CB   9  
ATOM   1771 O OG1  . THR A 1 9  ? 4.343  0.754   1.701   1.00 0.00 ? 9  THR A OG1  9  
ATOM   1772 C CG2  . THR A 1 9  ? 3.317  -0.779  0.275   1.00 0.00 ? 9  THR A CG2  9  
ATOM   1773 H H    . THR A 1 9  ? 4.111  2.068   -0.434  1.00 0.00 ? 9  THR A H    9  
ATOM   1774 H HA   . THR A 1 9  ? 1.377  1.362   0.415   1.00 0.00 ? 9  THR A HA   9  
ATOM   1775 H HB   . THR A 1 9  ? 2.430  -0.051  2.120   1.00 0.00 ? 9  THR A HB   9  
ATOM   1776 H HG1  . THR A 1 9  ? 4.836  1.127   0.915   1.00 0.00 ? 9  THR A HG1  9  
ATOM   1777 H HG21 . THR A 1 9  ? 4.165  -1.379  0.603   1.00 0.00 ? 9  THR A HG21 9  
ATOM   1778 H HG22 . THR A 1 9  ? 2.437  -1.415  0.183   1.00 0.00 ? 9  THR A HG22 9  
ATOM   1779 H HG23 . THR A 1 9  ? 3.542  -0.328  -0.692  1.00 0.00 ? 9  THR A HG23 9  
ATOM   1780 N N    . SER A 1 10 ? 1.343  2.907   2.364   1.00 0.00 ? 10 SER A N    9  
ATOM   1781 C CA   . SER A 1 10 ? 1.208  4.015   3.292   1.00 0.00 ? 10 SER A CA   9  
ATOM   1782 C C    . SER A 1 10 ? 1.133  3.489   4.728   1.00 0.00 ? 10 SER A C    9  
ATOM   1783 O O    . SER A 1 10 ? 2.110  3.561   5.471   1.00 0.00 ? 10 SER A O    9  
ATOM   1784 C CB   . SER A 1 10 ? -0.031 4.874   2.935   1.00 0.00 ? 10 SER A CB   9  
ATOM   1785 O OG   . SER A 1 10 ? -1.008 4.152   2.178   1.00 0.00 ? 10 SER A OG   9  
ATOM   1786 H H    . SER A 1 10 ? 0.575  2.267   2.354   1.00 0.00 ? 10 SER A H    9  
ATOM   1787 H HA   . SER A 1 10 ? 2.107  4.657   3.234   1.00 0.00 ? 10 SER A HA   9  
ATOM   1788 H HB2  . SER A 1 10 ? -0.511 5.241   3.862   1.00 0.00 ? 10 SER A HB2  9  
ATOM   1789 H HB3  . SER A 1 10 ? 0.262  5.789   2.384   1.00 0.00 ? 10 SER A HB3  9  
ATOM   1790 H HG   . SER A 1 10 ? -0.600 3.904   1.344   1.00 0.00 ? 10 SER A HG   9  
ATOM   1791 N N    . CYS A 1 11 ? -0.035 2.968   5.071   1.00 0.00 ? 11 CYS A N    9  
ATOM   1792 C CA   . CYS A 1 11 ? -0.251 2.429   6.404   1.00 0.00 ? 11 CYS A CA   9  
ATOM   1793 C C    . CYS A 1 11 ? -0.447 0.916   6.283   1.00 0.00 ? 11 CYS A C    9  
ATOM   1794 O O    . CYS A 1 11 ? -1.637 0.433   5.981   1.00 0.00 ? 11 CYS A O    9  
ATOM   1795 C CB   . CYS A 1 11 ? -1.432 3.105   7.103   1.00 0.00 ? 11 CYS A CB   9  
ATOM   1796 S SG   . CYS A 1 11 ? -2.319 2.048   8.307   1.00 0.00 ? 11 CYS A SG   9  
ATOM   1797 H H    . CYS A 1 11 ? -0.825 2.913   4.461   1.00 0.00 ? 11 CYS A H    9  
ATOM   1798 H HA   . CYS A 1 11 ? 0.642  2.659   6.981   1.00 0.00 ? 11 CYS A HA   9  
ATOM   1799 H HB2  . CYS A 1 11 ? -1.070 3.994   7.619   1.00 0.00 ? 11 CYS A HB2  9  
ATOM   1800 H HB3  . CYS A 1 11 ? -2.141 3.441   6.346   1.00 0.00 ? 11 CYS A HB3  9  
ATOM   1801 N N    . CYS A 1 1  ? -2.856 2.216   5.867   1.00 0.00 ? 1  CYS A N    10 
ATOM   1802 C CA   . CYS A 1 1  ? -2.458 0.850   5.578   1.00 0.00 ? 1  CYS A CA   10 
ATOM   1803 C C    . CYS A 1 1  ? -3.348 0.316   4.453   1.00 0.00 ? 1  CYS A C    10 
ATOM   1804 O O    . CYS A 1 1  ? -3.911 1.094   3.682   1.00 0.00 ? 1  CYS A O    10 
ATOM   1805 C CB   . CYS A 1 1  ? -2.525 -0.034  6.826   1.00 0.00 ? 1  CYS A CB   10 
ATOM   1806 S SG   . CYS A 1 1  ? -1.085 -1.139  7.062   1.00 0.00 ? 1  CYS A SG   10 
ATOM   1807 H H1   . CYS A 1 1  ? -3.850 2.236   6.137   1.00 0.00 ? 1  CYS A H1   10 
ATOM   1808 H H2   . CYS A 1 1  ? -2.285 2.586   6.641   1.00 0.00 ? 1  CYS A H2   10 
ATOM   1809 H HA   . CYS A 1 1  ? -1.417 0.889   5.263   1.00 0.00 ? 1  CYS A HA   10 
ATOM   1810 H HB2  . CYS A 1 1  ? -2.622 0.606   7.703   1.00 0.00 ? 1  CYS A HB2  10 
ATOM   1811 H HB3  . CYS A 1 1  ? -3.428 -0.644  6.775   1.00 0.00 ? 1  CYS A HB3  10 
ATOM   1812 N N    . LYS A 1 2  ? -3.447 -1.003  4.393   1.00 0.00 ? 2  LYS A N    10 
ATOM   1813 C CA   . LYS A 1 2  ? -4.258 -1.648  3.376   1.00 0.00 ? 2  LYS A CA   10 
ATOM   1814 C C    . LYS A 1 2  ? -4.075 -0.916  2.045   1.00 0.00 ? 2  LYS A C    10 
ATOM   1815 O O    . LYS A 1 2  ? -5.052 -0.524  1.409   1.00 0.00 ? 2  LYS A O    10 
ATOM   1816 C CB   . LYS A 1 2  ? -5.715 -1.740  3.831   1.00 0.00 ? 2  LYS A CB   10 
ATOM   1817 C CG   . LYS A 1 2  ? -5.923 -2.928  4.771   1.00 0.00 ? 2  LYS A CG   10 
ATOM   1818 C CD   . LYS A 1 2  ? -5.473 -2.589  6.193   1.00 0.00 ? 2  LYS A CD   10 
ATOM   1819 C CE   . LYS A 1 2  ? -6.567 -2.920  7.208   1.00 0.00 ? 2  LYS A CE   10 
ATOM   1820 N NZ   . LYS A 1 2  ? -5.973 -3.421  8.467   1.00 0.00 ? 2  LYS A NZ   10 
ATOM   1821 H H    . LYS A 1 2  ? -2.984 -1.626  5.025   1.00 0.00 ? 2  LYS A H    10 
ATOM   1822 H HA   . LYS A 1 2  ? -3.891 -2.667  3.263   1.00 0.00 ? 2  LYS A HA   10 
ATOM   1823 H HB2  . LYS A 1 2  ? -6.001 -0.818  4.337   1.00 0.00 ? 2  LYS A HB2  10 
ATOM   1824 H HB3  . LYS A 1 2  ? -6.367 -1.840  2.963   1.00 0.00 ? 2  LYS A HB3  10 
ATOM   1825 H HG2  . LYS A 1 2  ? -6.975 -3.214  4.777   1.00 0.00 ? 2  LYS A HG2  10 
ATOM   1826 H HG3  . LYS A 1 2  ? -5.363 -3.788  4.404   1.00 0.00 ? 2  LYS A HG3  10 
ATOM   1827 H HD2  . LYS A 1 2  ? -4.566 -3.147  6.434   1.00 0.00 ? 2  LYS A HD2  10 
ATOM   1828 H HD3  . LYS A 1 2  ? -5.221 -1.531  6.255   1.00 0.00 ? 2  LYS A HD3  10 
ATOM   1829 H HE2  . LYS A 1 2  ? -7.165 -2.033  7.411   1.00 0.00 ? 2  LYS A HE2  10 
ATOM   1830 H HE3  . LYS A 1 2  ? -7.241 -3.671  6.793   1.00 0.00 ? 2  LYS A HE3  10 
ATOM   1831 H HZ1  . LYS A 1 2  ? -6.631 -3.974  9.005   1.00 0.00 ? 2  LYS A HZ1  10 
ATOM   1832 H HZ2  . LYS A 1 2  ? -5.166 -4.011  8.297   1.00 0.00 ? 2  LYS A HZ2  10 
ATOM   1833 N N    . PHE A 1 3  ? -2.817 -0.753  1.664   1.00 0.00 ? 3  PHE A N    10 
ATOM   1834 C CA   . PHE A 1 3  ? -2.494 -0.075  0.419   1.00 0.00 ? 3  PHE A CA   10 
ATOM   1835 C C    . PHE A 1 3  ? -1.450 -0.861  -0.379  1.00 0.00 ? 3  PHE A C    10 
ATOM   1836 O O    . PHE A 1 3  ? -0.978 -0.398  -1.414  1.00 0.00 ? 3  PHE A O    10 
ATOM   1837 C CB   . PHE A 1 3  ? -1.911 1.288   0.793   1.00 0.00 ? 3  PHE A CB   10 
ATOM   1838 C CG   . PHE A 1 3  ? -1.877 2.289   -0.366  1.00 0.00 ? 3  PHE A CG   10 
ATOM   1839 C CD1  . PHE A 1 3  ? -2.320 1.919   -1.597  1.00 0.00 ? 3  PHE A CD1  10 
ATOM   1840 C CD2  . PHE A 1 3  ? -1.402 3.547   -0.163  1.00 0.00 ? 3  PHE A CD2  10 
ATOM   1841 C CE1  . PHE A 1 3  ? -2.289 2.846   -2.671  1.00 0.00 ? 3  PHE A CE1  10 
ATOM   1842 C CE2  . PHE A 1 3  ? -1.371 4.476   -1.237  1.00 0.00 ? 3  PHE A CE2  10 
ATOM   1843 C CZ   . PHE A 1 3  ? -1.815 4.105   -2.469  1.00 0.00 ? 3  PHE A CZ   10 
ATOM   1844 H H    . PHE A 1 3  ? -2.028 -1.075  2.186   1.00 0.00 ? 3  PHE A H    10 
ATOM   1845 H HA   . PHE A 1 3  ? -3.415 -0.005  -0.160  1.00 0.00 ? 3  PHE A HA   10 
ATOM   1846 H HB2  . PHE A 1 3  ? -2.498 1.712   1.608   1.00 0.00 ? 3  PHE A HB2  10 
ATOM   1847 H HB3  . PHE A 1 3  ? -0.898 1.150   1.168   1.00 0.00 ? 3  PHE A HB3  10 
ATOM   1848 H HD1  . PHE A 1 3  ? -2.701 0.910   -1.758  1.00 0.00 ? 3  PHE A HD1  10 
ATOM   1849 H HD2  . PHE A 1 3  ? -1.046 3.843   0.823   1.00 0.00 ? 3  PHE A HD2  10 
ATOM   1850 H HE1  . PHE A 1 3  ? -2.645 2.550   -3.658  1.00 0.00 ? 3  PHE A HE1  10 
ATOM   1851 H HE2  . PHE A 1 3  ? -0.992 5.484   -1.075  1.00 0.00 ? 3  PHE A HE2  10 
ATOM   1852 H HZ   . PHE A 1 3  ? -1.791 4.818   -3.294  1.00 0.00 ? 3  PHE A HZ   10 
ATOM   1853 N N    . PHE A 1 4  ? -1.124 -2.038  0.135   1.00 0.00 ? 4  PHE A N    10 
ATOM   1854 C CA   . PHE A 1 4  ? -0.147 -2.894  -0.518  1.00 0.00 ? 4  PHE A CA   10 
ATOM   1855 C C    . PHE A 1 4  ? -0.537 -3.161  -1.972  1.00 0.00 ? 4  PHE A C    10 
ATOM   1856 O O    . PHE A 1 4  ? -1.473 -2.553  -2.490  1.00 0.00 ? 4  PHE A O    10 
ATOM   1857 C CB   . PHE A 1 4  ? -0.133 -4.219  0.246   1.00 0.00 ? 4  PHE A CB   10 
ATOM   1858 C CG   . PHE A 1 4  ? -1.523 -4.720  0.648   1.00 0.00 ? 4  PHE A CG   10 
ATOM   1859 C CD1  . PHE A 1 4  ? -2.385 -5.169  -0.303  1.00 0.00 ? 4  PHE A CD1  10 
ATOM   1860 C CD2  . PHE A 1 4  ? -1.894 -4.715  1.956   1.00 0.00 ? 4  PHE A CD2  10 
ATOM   1861 C CE1  . PHE A 1 4  ? -3.674 -5.632  0.071   1.00 0.00 ? 4  PHE A CE1  10 
ATOM   1862 C CE2  . PHE A 1 4  ? -3.183 -5.179  2.331   1.00 0.00 ? 4  PHE A CE2  10 
ATOM   1863 C CZ   . PHE A 1 4  ? -4.045 -5.628  1.380   1.00 0.00 ? 4  PHE A CZ   10 
ATOM   1864 H H    . PHE A 1 4  ? -1.514 -2.410  0.978   1.00 0.00 ? 4  PHE A H    10 
ATOM   1865 H HA   . PHE A 1 4  ? 0.810  -2.372  -0.491  1.00 0.00 ? 4  PHE A HA   10 
ATOM   1866 H HB2  . PHE A 1 4  ? 0.350  -4.977  -0.372  1.00 0.00 ? 4  PHE A HB2  10 
ATOM   1867 H HB3  . PHE A 1 4  ? 0.474  -4.105  1.143   1.00 0.00 ? 4  PHE A HB3  10 
ATOM   1868 H HD1  . PHE A 1 4  ? -2.087 -5.173  -1.352  1.00 0.00 ? 4  PHE A HD1  10 
ATOM   1869 H HD2  . PHE A 1 4  ? -1.200 -4.354  2.717   1.00 0.00 ? 4  PHE A HD2  10 
ATOM   1870 H HE1  . PHE A 1 4  ? -4.367 -5.992  -0.691  1.00 0.00 ? 4  PHE A HE1  10 
ATOM   1871 H HE2  . PHE A 1 4  ? -3.480 -5.175  3.379   1.00 0.00 ? 4  PHE A HE2  10 
ATOM   1872 H HZ   . PHE A 1 4  ? -5.035 -5.984  1.667   1.00 0.00 ? 4  PHE A HZ   10 
HETATM 1873 N N    . DTR A 1 5  ? 0.203  -4.069  -2.593  1.00 0.00 ? 5  DTR A N    10 
HETATM 1874 C CA   . DTR A 1 5  ? -0.053 -4.423  -3.978  1.00 0.00 ? 5  DTR A CA   10 
HETATM 1875 C CB   . DTR A 1 5  ? 1.016  -5.448  -4.366  1.00 0.00 ? 5  DTR A CB   10 
HETATM 1876 C CG   . DTR A 1 5  ? 0.824  -6.821  -3.719  1.00 0.00 ? 5  DTR A CG   10 
HETATM 1877 C CD1  . DTR A 1 5  ? 0.656  -7.107  -2.420  1.00 0.00 ? 5  DTR A CD1  10 
HETATM 1878 N NE1  . DTR A 1 5  ? 0.515  -8.464  -2.214  1.00 0.00 ? 5  DTR A NE1  10 
HETATM 1879 C CE2  . DTR A 1 5  ? 0.596  -9.083  -3.456  1.00 0.00 ? 5  DTR A CE2  10 
HETATM 1880 C CZ2  . DTR A 1 5  ? 0.511  -10.443 -3.778  1.00 0.00 ? 5  DTR A CZ2  10 
HETATM 1881 C CH2  . DTR A 1 5  ? 0.631  -10.772 -5.133  1.00 0.00 ? 5  DTR A CH2  10 
HETATM 1882 C CZ3  . DTR A 1 5  ? 0.822  -9.764  -6.071  1.00 0.00 ? 5  DTR A CZ3  10 
HETATM 1883 C CE3  . DTR A 1 5  ? 0.909  -8.399  -5.766  1.00 0.00 ? 5  DTR A CE3  10 
HETATM 1884 C CD2  . DTR A 1 5  ? 0.786  -8.095  -4.399  1.00 0.00 ? 5  DTR A CD2  10 
HETATM 1885 C C    . DTR A 1 5  ? 0.014  -3.145  -4.814  1.00 0.00 ? 5  DTR A C    10 
HETATM 1886 O O    . DTR A 1 5  ? 0.239  -2.060  -4.278  1.00 0.00 ? 5  DTR A O    10 
HETATM 1887 H H    . DTR A 1 5  ? 0.962  -4.558  -2.165  1.00 0.00 ? 5  DTR A H    10 
HETATM 1888 H HA   . DTR A 1 5  ? -1.059 -4.842  -4.007  1.00 0.00 ? 5  DTR A HA   10 
HETATM 1889 H HB2  . DTR A 1 5  ? 1.017  -5.564  -5.450  1.00 0.00 ? 5  DTR A HB2  10 
HETATM 1890 H HB3  . DTR A 1 5  ? 1.995  -5.060  -4.085  1.00 0.00 ? 5  DTR A HB3  10 
HETATM 1891 H HD1  . DTR A 1 5  ? 0.635  -6.360  -1.626  1.00 0.00 ? 5  DTR A HD1  10 
HETATM 1892 H HE1  . DTR A 1 5  ? 0.366  -8.960  -1.255  1.00 0.00 ? 5  DTR A HE1  10 
HETATM 1893 H HZ2  . DTR A 1 5  ? 0.361  -11.207 -3.014  1.00 0.00 ? 5  DTR A HZ2  10 
HETATM 1894 H HH2  . DTR A 1 5  ? 0.573  -11.813 -5.452  1.00 0.00 ? 5  DTR A HH2  10 
HETATM 1895 H HZ3  . DTR A 1 5  ? 0.911  -10.056 -7.118  1.00 0.00 ? 5  DTR A HZ3  10 
HETATM 1896 H HE3  . DTR A 1 5  ? 1.059  -7.634  -6.529  1.00 0.00 ? 5  DTR A HE3  10 
HETATM 1897 N N    . IAM A 1 6  ? -0.188 -3.312  -6.113  1.00 0.00 ? 6  IAM A N    10 
HETATM 1898 C CA   . IAM A 1 6  ? -0.153 -2.183  -7.028  1.00 0.00 ? 6  IAM A CA   10 
HETATM 1899 C CB   . IAM A 1 6  ? -1.265 -1.225  -6.598  1.00 0.00 ? 6  IAM A CB   10 
HETATM 1900 C CG   . IAM A 1 6  ? -1.174 0.161   -7.239  1.00 0.00 ? 6  IAM A CG   10 
HETATM 1901 C CD1  . IAM A 1 6  ? -1.778 1.226   -6.646  1.00 0.00 ? 6  IAM A CD1  10 
HETATM 1902 C CE1  . IAM A 1 6  ? -1.694 2.513   -7.241  1.00 0.00 ? 6  IAM A CE1  10 
HETATM 1903 C CZ   . IAM A 1 6  ? -1.011 2.680   -8.404  1.00 0.00 ? 6  IAM A CZ   10 
HETATM 1904 C CE2  . IAM A 1 6  ? -0.404 1.616   -8.998  1.00 0.00 ? 6  IAM A CE2  10 
HETATM 1905 C CD2  . IAM A 1 6  ? -0.489 0.328   -8.401  1.00 0.00 ? 6  IAM A CD2  10 
HETATM 1906 C CT   . IAM A 1 6  ? -0.918 4.075   -9.048  1.00 0.00 ? 6  IAM A CT   10 
HETATM 1907 N NH   . IAM A 1 6  ? -2.110 4.308   -9.891  1.00 0.00 ? 6  IAM A NH   10 
HETATM 1908 C CI   . IAM A 1 6  ? -1.949 4.671   -11.315 1.00 0.00 ? 6  IAM A CI   10 
HETATM 1909 C CK1  . IAM A 1 6  ? -3.271 4.413   -12.063 1.00 0.00 ? 6  IAM A CK1  10 
HETATM 1910 C CK2  . IAM A 1 6  ? -0.830 3.821   -11.939 1.00 0.00 ? 6  IAM A CK2  10 
HETATM 1911 C C    . IAM A 1 6  ? 1.190  -1.455  -6.950  1.00 0.00 ? 6  IAM A C    10 
HETATM 1912 O O    . IAM A 1 6  ? 2.056  -1.648  -7.800  1.00 0.00 ? 6  IAM A O    10 
HETATM 1913 H H    . IAM A 1 6  ? -0.370 -4.197  -6.541  1.00 0.00 ? 6  IAM A H    10 
HETATM 1914 H HA   . IAM A 1 6  ? -0.290 -2.578  -8.033  1.00 0.00 ? 6  IAM A HA   10 
HETATM 1915 H HB   . IAM A 1 6  ? -1.238 -1.114  -5.515  1.00 0.00 ? 6  IAM A HB   10 
HETATM 1916 H HB1  . IAM A 1 6  ? -2.229 -1.667  -6.850  1.00 0.00 ? 6  IAM A HB1  10 
HETATM 1917 H HD1  . IAM A 1 6  ? -2.328 1.091   -5.714  1.00 0.00 ? 6  IAM A HD1  10 
HETATM 1918 H HE1  . IAM A 1 6  ? -2.177 3.367   -6.766  1.00 0.00 ? 6  IAM A HE1  10 
HETATM 1919 H HE2  . IAM A 1 6  ? 0.146  1.751   -9.928  1.00 0.00 ? 6  IAM A HE2  10 
HETATM 1920 H HD2  . IAM A 1 6  ? -0.006 -0.524  -8.877  1.00 0.00 ? 6  IAM A HD2  10 
HETATM 1921 H HT1  . IAM A 1 6  ? -0.034 4.131   -9.652  1.00 0.00 ? 6  IAM A HT1  10 
HETATM 1922 H HT2  . IAM A 1 6  ? -0.872 4.822   -8.280  1.00 0.00 ? 6  IAM A HT2  10 
HETATM 1923 H HH   . IAM A 1 6  ? -3.053 4.213   -9.485  1.00 0.00 ? 6  IAM A HH   10 
HETATM 1924 H HI   . IAM A 1 6  ? -1.695 5.708   -11.392 1.00 0.00 ? 6  IAM A HI   10 
HETATM 1925 H HK11 . IAM A 1 6  ? -3.526 3.376   -11.987 1.00 0.00 ? 6  IAM A HK11 10 
HETATM 1926 H HK12 . IAM A 1 6  ? -4.049 5.004   -11.629 1.00 0.00 ? 6  IAM A HK12 10 
HETATM 1927 H HK13 . IAM A 1 6  ? -3.155 4.677   -13.094 1.00 0.00 ? 6  IAM A HK13 10 
HETATM 1928 H HK21 . IAM A 1 6  ? 0.087  4.001   -11.420 1.00 0.00 ? 6  IAM A HK21 10 
HETATM 1929 H HK22 . IAM A 1 6  ? -1.083 2.785   -11.864 1.00 0.00 ? 6  IAM A HK22 10 
HETATM 1930 H HK23 . IAM A 1 6  ? -0.713 4.084   -12.971 1.00 0.00 ? 6  IAM A HK23 10 
ATOM   1931 N N    . THR A 1 7  ? 1.322  -0.631  -5.918  1.00 0.00 ? 7  THR A N    10 
ATOM   1932 C CA   . THR A 1 7  ? 2.544  0.127   -5.718  1.00 0.00 ? 7  THR A CA   10 
ATOM   1933 C C    . THR A 1 7  ? 2.784  0.366   -4.226  1.00 0.00 ? 7  THR A C    10 
ATOM   1934 O O    . THR A 1 7  ? 2.385  -0.445  -3.391  1.00 0.00 ? 7  THR A O    10 
ATOM   1935 C CB   . THR A 1 7  ? 2.437  1.419   -6.530  1.00 0.00 ? 7  THR A CB   10 
ATOM   1936 O OG1  . THR A 1 7  ? 3.707  2.043   -6.357  1.00 0.00 ? 7  THR A OG1  10 
ATOM   1937 C CG2  . THR A 1 7  ? 1.446  2.414   -5.924  1.00 0.00 ? 7  THR A CG2  10 
ATOM   1938 H H    . THR A 1 7  ? 0.613  -0.481  -5.231  1.00 0.00 ? 7  THR A H    10 
ATOM   1939 H HA   . THR A 1 7  ? 3.380  -0.468  -6.085  1.00 0.00 ? 7  THR A HA   10 
ATOM   1940 H HB   . THR A 1 7  ? 2.188  1.205   -7.570  1.00 0.00 ? 7  THR A HB   10 
ATOM   1941 H HG1  . THR A 1 7  ? 3.897  2.168   -5.384  1.00 0.00 ? 7  THR A HG1  10 
ATOM   1942 H HG21 . THR A 1 7  ? 1.750  3.430   -6.177  1.00 0.00 ? 7  THR A HG21 10 
ATOM   1943 H HG22 . THR A 1 7  ? 0.450  2.223   -6.321  1.00 0.00 ? 7  THR A HG22 10 
ATOM   1944 H HG23 . THR A 1 7  ? 1.434  2.299   -4.838  1.00 0.00 ? 7  THR A HG23 10 
HETATM 1945 N N    . IYR A 1 8  ? 3.433  1.483   -3.935  1.00 0.00 ? 8  IYR A N    10 
HETATM 1946 C CA   . IYR A 1 8  ? 3.732  1.840   -2.558  1.00 0.00 ? 8  IYR A CA   10 
HETATM 1947 C CB   . IYR A 1 8  ? 4.109  3.350   -2.564  1.00 0.00 ? 8  IYR A CB   10 
HETATM 1948 C CC   . IYR A 1 8  ? 5.604  3.686   -2.593  1.00 0.00 ? 8  IYR A CC   10 
HETATM 1949 C CD   . IYR A 1 8  ? 6.161  4.283   -3.729  1.00 0.00 ? 8  IYR A CD   10 
HETATM 1950 C CE   . IYR A 1 8  ? 7.517  4.592   -3.765  1.00 0.00 ? 8  IYR A CE   10 
HETATM 1951 I IE   . IYR A 1 8  ? 8.342  5.486   -5.513  1.00 0.00 ? 8  IYR A IE   10 
HETATM 1952 C CF   . IYR A 1 8  ? 8.324  4.310   -2.665  1.00 0.00 ? 8  IYR A CF   10 
HETATM 1953 O OF   . IYR A 1 8  ? 9.656  4.611   -2.701  1.00 0.00 ? 8  IYR A OF   10 
HETATM 1954 C CG   . IYR A 1 8  ? 7.776  3.719   -1.529  1.00 0.00 ? 8  IYR A CG   10 
HETATM 1955 C CH   . IYR A 1 8  ? 6.419  3.409   -1.490  1.00 0.00 ? 8  IYR A CH   10 
HETATM 1956 C C    . IYR A 1 8  ? 2.500  1.664   -1.668  1.00 0.00 ? 8  IYR A C    10 
HETATM 1957 O O    . IYR A 1 8  ? 1.413  1.359   -2.158  1.00 0.00 ? 8  IYR A O    10 
HETATM 1958 H H    . IYR A 1 8  ? 3.754  2.138   -4.619  1.00 0.00 ? 8  IYR A H    10 
HETATM 1959 H HA   . IYR A 1 8  ? 4.555  1.245   -2.121  1.00 0.00 ? 8  IYR A HA   10 
HETATM 1960 H HB2  . IYR A 1 8  ? 3.600  3.853   -3.412  1.00 0.00 ? 8  IYR A HB2  10 
HETATM 1961 H HB3  . IYR A 1 8  ? 3.674  3.846   -1.674  1.00 0.00 ? 8  IYR A HB3  10 
HETATM 1962 H HD   . IYR A 1 8  ? 5.530  4.505   -4.589  1.00 0.00 ? 8  IYR A HD   10 
HETATM 1963 H HF   . IYR A 1 8  ? 9.856  5.006   -3.551  1.00 0.00 ? 8  IYR A HF   10 
HETATM 1964 H HG   . IYR A 1 8  ? 8.410  3.499   -0.671  1.00 0.00 ? 8  IYR A HG   10 
HETATM 1965 H HH   . IYR A 1 8  ? 5.991  2.949   -0.599  1.00 0.00 ? 8  IYR A HH   10 
ATOM   1966 N N    . THR A 1 9  ? 2.710  1.866   -0.376  1.00 0.00 ? 9  THR A N    10 
ATOM   1967 C CA   . THR A 1 9  ? 1.630  1.733   0.589   1.00 0.00 ? 9  THR A CA   10 
ATOM   1968 C C    . THR A 1 9  ? 1.507  3.005   1.430   1.00 0.00 ? 9  THR A C    10 
ATOM   1969 O O    . THR A 1 9  ? 2.234  3.972   1.209   1.00 0.00 ? 9  THR A O    10 
ATOM   1970 C CB   . THR A 1 9  ? 1.891  0.476   1.422   1.00 0.00 ? 9  THR A CB   10 
ATOM   1971 O OG1  . THR A 1 9  ? 3.086  0.776   2.138   1.00 0.00 ? 9  THR A OG1  10 
ATOM   1972 C CG2  . THR A 1 9  ? 2.264  -0.731  0.559   1.00 0.00 ? 9  THR A CG2  10 
ATOM   1973 H H    . THR A 1 9  ? 3.597  2.114   0.015   1.00 0.00 ? 9  THR A H    10 
ATOM   1974 H HA   . THR A 1 9  ? 0.693  1.620   0.041   1.00 0.00 ? 9  THR A HA   10 
ATOM   1975 H HB   . THR A 1 9  ? 1.037  0.250   2.061   1.00 0.00 ? 9  THR A HB   10 
ATOM   1976 H HG1  . THR A 1 9  ? 3.814  1.020   1.498   1.00 0.00 ? 9  THR A HG1  10 
ATOM   1977 H HG21 . THR A 1 9  ? 2.904  -1.402  1.132   1.00 0.00 ? 9  THR A HG21 10 
ATOM   1978 H HG22 . THR A 1 9  ? 1.358  -1.260  0.262   1.00 0.00 ? 9  THR A HG22 10 
ATOM   1979 H HG23 . THR A 1 9  ? 2.795  -0.392  -0.330  1.00 0.00 ? 9  THR A HG23 10 
ATOM   1980 N N    . SER A 1 10 ? 0.582  2.962   2.378   1.00 0.00 ? 10 SER A N    10 
ATOM   1981 C CA   . SER A 1 10 ? 0.356  4.099   3.252   1.00 0.00 ? 10 SER A CA   10 
ATOM   1982 C C    . SER A 1 10 ? 1.103  3.901   4.573   1.00 0.00 ? 10 SER A C    10 
ATOM   1983 O O    . SER A 1 10 ? 2.022  4.655   4.889   1.00 0.00 ? 10 SER A O    10 
ATOM   1984 C CB   . SER A 1 10 ? -1.162 4.308   3.485   1.00 0.00 ? 10 SER A CB   10 
ATOM   1985 O OG   . SER A 1 10 ? -1.445 5.116   4.631   1.00 0.00 ? 10 SER A OG   10 
ATOM   1986 H H    . SER A 1 10 ? -0.004 2.172   2.550   1.00 0.00 ? 10 SER A H    10 
ATOM   1987 H HA   . SER A 1 10 ? 0.766  5.013   2.785   1.00 0.00 ? 10 SER A HA   10 
ATOM   1988 H HB2  . SER A 1 10 ? -1.612 4.794   2.596   1.00 0.00 ? 10 SER A HB2  10 
ATOM   1989 H HB3  . SER A 1 10 ? -1.690 3.340   3.576   1.00 0.00 ? 10 SER A HB3  10 
ATOM   1990 H HG   . SER A 1 10 ? -1.115 4.646   5.403   1.00 0.00 ? 10 SER A HG   10 
ATOM   1991 N N    . CYS A 1 11 ? 0.684  2.881   5.307   1.00 0.00 ? 11 CYS A N    10 
ATOM   1992 C CA   . CYS A 1 11 ? 1.303  2.574   6.585   1.00 0.00 ? 11 CYS A CA   10 
ATOM   1993 C C    . CYS A 1 11 ? 2.757  2.172   6.330   1.00 0.00 ? 11 CYS A C    10 
ATOM   1994 O O    . CYS A 1 11 ? 3.045  0.925   6.012   1.00 0.00 ? 11 CYS A O    10 
ATOM   1995 C CB   . CYS A 1 11 ? 0.534  1.488   7.340   1.00 0.00 ? 11 CYS A CB   10 
ATOM   1996 S SG   . CYS A 1 11 ? 0.575  -0.167  6.556   1.00 0.00 ? 11 CYS A SG   10 
ATOM   1997 H H    . CYS A 1 11 ? -0.064 2.272   5.043   1.00 0.00 ? 11 CYS A H    10 
ATOM   1998 H HA   . CYS A 1 11 ? 1.252  3.482   7.184   1.00 0.00 ? 11 CYS A HA   10 
ATOM   1999 H HB2  . CYS A 1 11 ? 0.942  1.407   8.349   1.00 0.00 ? 11 CYS A HB2  10 
ATOM   2000 H HB3  . CYS A 1 11 ? -0.505 1.801   7.441   1.00 0.00 ? 11 CYS A HB3  10 
# 
loop_
_pdbx_poly_seq_scheme.asym_id 
_pdbx_poly_seq_scheme.entity_id 
_pdbx_poly_seq_scheme.seq_id 
_pdbx_poly_seq_scheme.mon_id 
_pdbx_poly_seq_scheme.ndb_seq_num 
_pdbx_poly_seq_scheme.pdb_seq_num 
_pdbx_poly_seq_scheme.auth_seq_num 
_pdbx_poly_seq_scheme.pdb_mon_id 
_pdbx_poly_seq_scheme.auth_mon_id 
_pdbx_poly_seq_scheme.pdb_strand_id 
_pdbx_poly_seq_scheme.pdb_ins_code 
_pdbx_poly_seq_scheme.hetero 
A 1 1  CYS 1  1  1  CYS CYS A . n 
A 1 2  LYS 2  2  2  LYS LYS A . n 
A 1 3  PHE 3  3  3  PHE PHE A . n 
A 1 4  PHE 4  4  4  PHE PHE A . n 
A 1 5  DTR 5  5  5  DTR DTR A . n 
A 1 6  IAM 6  6  6  IAM IAM A . n 
A 1 7  THR 7  7  7  THR THR A . n 
A 1 8  IYR 8  8  8  IYR IYR A . n 
A 1 9  THR 9  9  9  THR THR A . n 
A 1 10 SER 10 10 10 SER SER A . n 
A 1 11 CYS 11 11 11 CYS CYS A . n 
# 
loop_
_pdbx_struct_mod_residue.id 
_pdbx_struct_mod_residue.label_asym_id 
_pdbx_struct_mod_residue.label_comp_id 
_pdbx_struct_mod_residue.label_seq_id 
_pdbx_struct_mod_residue.auth_asym_id 
_pdbx_struct_mod_residue.auth_comp_id 
_pdbx_struct_mod_residue.auth_seq_id 
_pdbx_struct_mod_residue.PDB_ins_code 
_pdbx_struct_mod_residue.parent_comp_id 
_pdbx_struct_mod_residue.details 
1 A DTR 5 A DTR 5 ? TRP D-TRYPTOPHAN                              
2 A IAM 6 A IAM 6 ? ALA '4-[(ISOPROPYLAMINO)METHYL]PHENYLALANINE' 
3 A IYR 8 A IYR 8 ? TYR 3-IODO-TYROSINE                           
# 
_pdbx_struct_assembly.id                   1 
_pdbx_struct_assembly.details              author_defined_assembly 
_pdbx_struct_assembly.method_details       ? 
_pdbx_struct_assembly.oligomeric_details   monomeric 
_pdbx_struct_assembly.oligomeric_count     1 
# 
_pdbx_struct_assembly_gen.assembly_id       1 
_pdbx_struct_assembly_gen.oper_expression   1 
_pdbx_struct_assembly_gen.asym_id_list      A 
# 
_pdbx_struct_oper_list.id                   1 
_pdbx_struct_oper_list.type                 'identity operation' 
_pdbx_struct_oper_list.name                 1_555 
_pdbx_struct_oper_list.symmetry_operation   x,y,z 
_pdbx_struct_oper_list.matrix[1][1]         1.0000000000 
_pdbx_struct_oper_list.matrix[1][2]         0.0000000000 
_pdbx_struct_oper_list.matrix[1][3]         0.0000000000 
_pdbx_struct_oper_list.vector[1]            0.0000000000 
_pdbx_struct_oper_list.matrix[2][1]         0.0000000000 
_pdbx_struct_oper_list.matrix[2][2]         1.0000000000 
_pdbx_struct_oper_list.matrix[2][3]         0.0000000000 
_pdbx_struct_oper_list.vector[2]            0.0000000000 
_pdbx_struct_oper_list.matrix[3][1]         0.0000000000 
_pdbx_struct_oper_list.matrix[3][2]         0.0000000000 
_pdbx_struct_oper_list.matrix[3][3]         1.0000000000 
_pdbx_struct_oper_list.vector[3]            0.0000000000 
# 
loop_
_pdbx_audit_revision_history.ordinal 
_pdbx_audit_revision_history.data_content_type 
_pdbx_audit_revision_history.major_revision 
_pdbx_audit_revision_history.minor_revision 
_pdbx_audit_revision_history.revision_date 
1 'Structure model' 1 0 2005-02-15 
2 'Structure model' 1 1 2008-04-30 
3 'Structure model' 1 2 2011-07-13 
4 'Structure model' 1 3 2022-03-02 
# 
_pdbx_audit_revision_details.ordinal             1 
_pdbx_audit_revision_details.revision_ordinal    1 
_pdbx_audit_revision_details.data_content_type   'Structure model' 
_pdbx_audit_revision_details.provider            repository 
_pdbx_audit_revision_details.type                'Initial release' 
_pdbx_audit_revision_details.description         ? 
_pdbx_audit_revision_details.details             ? 
# 
loop_
_pdbx_audit_revision_group.ordinal 
_pdbx_audit_revision_group.revision_ordinal 
_pdbx_audit_revision_group.data_content_type 
_pdbx_audit_revision_group.group 
1 2 'Structure model' 'Version format compliance' 
2 3 'Structure model' 'Version format compliance' 
3 4 'Structure model' 'Data collection'           
4 4 'Structure model' 'Database references'       
5 4 'Structure model' 'Derived calculations'      
# 
loop_
_pdbx_audit_revision_category.ordinal 
_pdbx_audit_revision_category.revision_ordinal 
_pdbx_audit_revision_category.data_content_type 
_pdbx_audit_revision_category.category 
1 4 'Structure model' database_2            
2 4 'Structure model' pdbx_nmr_spectrometer 
3 4 'Structure model' pdbx_struct_assembly  
4 4 'Structure model' pdbx_struct_oper_list 
5 4 'Structure model' struct_conn           
# 
loop_
_pdbx_audit_revision_item.ordinal 
_pdbx_audit_revision_item.revision_ordinal 
_pdbx_audit_revision_item.data_content_type 
_pdbx_audit_revision_item.item 
1 4 'Structure model' '_database_2.pdbx_DOI'                
2 4 'Structure model' '_database_2.pdbx_database_accession' 
3 4 'Structure model' '_pdbx_nmr_spectrometer.model'        
4 4 'Structure model' '_struct_conn.pdbx_leaving_atom_flag' 
# 
loop_
_pdbx_validate_close_contact.id 
_pdbx_validate_close_contact.PDB_model_num 
_pdbx_validate_close_contact.auth_atom_id_1 
_pdbx_validate_close_contact.auth_asym_id_1 
_pdbx_validate_close_contact.auth_comp_id_1 
_pdbx_validate_close_contact.auth_seq_id_1 
_pdbx_validate_close_contact.PDB_ins_code_1 
_pdbx_validate_close_contact.label_alt_id_1 
_pdbx_validate_close_contact.auth_atom_id_2 
_pdbx_validate_close_contact.auth_asym_id_2 
_pdbx_validate_close_contact.auth_comp_id_2 
_pdbx_validate_close_contact.auth_seq_id_2 
_pdbx_validate_close_contact.PDB_ins_code_2 
_pdbx_validate_close_contact.label_alt_id_2 
_pdbx_validate_close_contact.dist 
1  1  HG1 A THR 7 ? ? H A IYR 8  ? ? 0.75 
2  2  HG1 A THR 7 ? ? H A IYR 8  ? ? 0.76 
3  2  HE1 A PHE 3 ? ? O A CYS 11 ? ? 1.54 
4  3  HG1 A THR 7 ? ? H A IYR 8  ? ? 0.87 
5  4  HG1 A THR 7 ? ? H A IYR 8  ? ? 0.78 
6  5  HG1 A THR 7 ? ? H A IYR 8  ? ? 0.76 
7  6  HG1 A THR 7 ? ? H A IYR 8  ? ? 0.79 
8  7  HG1 A THR 9 ? ? H A SER 10 ? ? 0.76 
9  7  HG1 A THR 7 ? ? H A IYR 8  ? ? 0.77 
10 8  HG1 A THR 7 ? ? H A IYR 8  ? ? 0.76 
11 8  H   A LYS 2 ? ? O A CYS 11 ? ? 1.54 
12 9  HG1 A THR 7 ? ? H A IYR 8  ? ? 0.81 
13 9  CB  A CYS 1 ? ? O A CYS 11 ? ? 2.12 
14 10 HG1 A THR 7 ? ? H A IYR 8  ? ? 0.78 
# 
loop_
_pdbx_validate_torsion.id 
_pdbx_validate_torsion.PDB_model_num 
_pdbx_validate_torsion.auth_comp_id 
_pdbx_validate_torsion.auth_asym_id 
_pdbx_validate_torsion.auth_seq_id 
_pdbx_validate_torsion.PDB_ins_code 
_pdbx_validate_torsion.label_alt_id 
_pdbx_validate_torsion.phi 
_pdbx_validate_torsion.psi 
1  1  PHE A 4  ? ? 170.93  -161.19 
2  1  IAM A 6  ? ? 58.09   -81.03  
3  1  THR A 7  ? ? -153.80 -151.01 
4  1  SER A 10 ? ? -103.40 -86.86  
5  2  LYS A 2  ? ? 76.30   85.91   
6  2  IAM A 6  ? ? 58.01   -80.19  
7  2  THR A 7  ? ? -150.05 -152.61 
8  2  SER A 10 ? ? -127.21 -81.24  
9  3  LYS A 2  ? ? -117.37 57.64   
10 3  PHE A 4  ? ? -70.63  -169.54 
11 3  DTR A 5  ? ? 54.15   -177.62 
12 3  IAM A 6  ? ? 56.96   -82.67  
13 3  THR A 7  ? ? -155.93 -151.32 
14 3  IYR A 8  ? ? -46.37  173.92  
15 3  SER A 10 ? ? -109.47 -66.24  
16 4  LYS A 2  ? ? 88.86   100.27  
17 4  IAM A 6  ? ? 58.55   -78.40  
18 4  THR A 7  ? ? -144.83 -152.98 
19 4  IYR A 8  ? ? -48.24  177.31  
20 4  SER A 10 ? ? 63.79   117.30  
21 5  LYS A 2  ? ? -106.40 54.11   
22 5  PHE A 3  ? ? -37.90  -30.00  
23 5  IAM A 6  ? ? 57.63   -81.98  
24 5  THR A 7  ? ? -152.63 -151.57 
25 5  IYR A 8  ? ? -45.31  161.19  
26 5  SER A 10 ? ? 179.68  -44.05  
27 6  LYS A 2  ? ? -113.68 56.73   
28 6  PHE A 4  ? ? 176.39  -161.27 
29 6  DTR A 5  ? ? 61.96   179.72  
30 6  IAM A 6  ? ? 59.21   -77.56  
31 6  THR A 7  ? ? -146.18 -153.00 
32 6  IYR A 8  ? ? -53.04  172.36  
33 7  PHE A 3  ? ? -37.82  -78.25  
34 7  PHE A 4  ? ? -72.25  -159.15 
35 7  DTR A 5  ? ? 67.87   177.14  
36 7  IAM A 6  ? ? 56.86   -83.64  
37 7  THR A 7  ? ? -162.87 -153.12 
38 7  IYR A 8  ? ? -41.24  98.91   
39 7  THR A 9  ? ? 47.46   -144.47 
40 7  SER A 10 ? ? 179.15  -72.08  
41 8  LYS A 2  ? ? -118.71 59.90   
42 8  PHE A 4  ? ? -75.99  -162.62 
43 8  DTR A 5  ? ? 53.63   178.40  
44 8  IAM A 6  ? ? 57.26   -81.47  
45 8  THR A 7  ? ? -154.15 -151.66 
46 8  IYR A 8  ? ? -45.94  172.60  
47 8  SER A 10 ? ? -158.55 -65.70  
48 9  PHE A 4  ? ? 170.92  -160.82 
49 9  DTR A 5  ? ? 66.51   179.99  
50 9  IAM A 6  ? ? 59.06   -78.25  
51 9  THR A 7  ? ? -147.33 -153.03 
52 9  IYR A 8  ? ? -52.18  171.34  
53 9  SER A 10 ? ? -117.69 -76.62  
54 10 PHE A 4  ? ? -54.87  -171.65 
55 10 DTR A 5  ? ? 56.27   179.34  
56 10 IAM A 6  ? ? 57.61   -79.34  
57 10 THR A 7  ? ? -149.39 -150.08 
58 10 IYR A 8  ? ? -46.76  174.90  
59 10 SER A 10 ? ? -97.42  -64.68  
# 
